data_8EKN
#
_entry.id   8EKN
#
_cell.length_a   135.875
_cell.length_b   179.332
_cell.length_c   179.833
_cell.angle_alpha   90.000
_cell.angle_beta   90.000
_cell.angle_gamma   90.000
#
_symmetry.space_group_name_H-M   'I 2 2 2'
#
loop_
_entity.id
_entity.type
_entity.pdbx_description
1 polymer 'Chaetomium alpha glucosidase'
2 non-polymer (2R,3R,4R,5S)-2-(hydroxymethyl)-1-{[4-({[(5P)-3-methyl-5-(pyridazin-3-yl)phenyl]amino}methyl)phenyl]methyl}piperidine-3,4,5-triol
3 non-polymer GLYCEROL
4 non-polymer 'SULFATE ION'
5 non-polymer 2-acetamido-2-deoxy-beta-D-glucopyranose
6 water water
#
_entity_poly.entity_id   1
_entity_poly.type   'polypeptide(L)'
_entity_poly.pdbx_seq_one_letter_code
;MGILPSPGMPALLSLVSLLSVLLMGCVAETGVEGESILHSEIGRLNNQSLLWGPYRPNIYFGTRPRIGKSLMTGLMWGKI
ESYTDFQHTVRYTCEQNEGMKGYGWDEYDPRRGGIQSIHDIQNGLDITTSFVKIPGGAHGGSWAARIKGTLNDDAPKDQK
TIVVFYVSQEGENSELEAVPSENEFGYEGDVILKGRSEALGNYKLVVTKGKGVIPQSDHDLSRLRGPGQTVVQSLTYPDE
VLWQAKPILFQQLKAGIDWLVENKYDVADPPPPWQVYLLANKPGSGNVHIVQKVFEGDFEFDILFSSESAGKEVTSKDLE
REVKQATEVFGERFARVFDLKAPFQGDNYKKFGKSMFSNLIGGIGYFYGHSLVDRSYAPEYDEENEGFWEDAAEARARHQ
EALEGPYELFTSIPSRPFFPRGFLWDEGFHLLPIADWDIDLALEIIKSWYNLMDEDGWIAREQILGAEARSKVPKEFQTQ
YPHYANPPTLFLVLDNFVERLRKNNASQPVVKDNLSLDETLSTASVDNPEVGLEYLRRLYPLLRRQFDWFRKTQAGDIKS
YDREAYSTKEAYRWRGRTVSHCLTSGLDDYPRPQPPHPGELHVDLMSWVGVMVKSLISIGSLLGATEDVEFYTKVLDAIE
HNLDDLHWSEKEGCYCDATIDEFEEHKLVCHKGYISLFPFLTGLLKPDSPKLGKLLALIGDESELWSPYGLRSLSKKDEF
YGTAENYWRSPVWININYLAIVQLYNIATQDGPYKETARDLYTRLRKNIVETVYRNWEETGFAWEQYNPETGKGQRTQHF
TGWTSLVVKIMSGHHHHHH
;
_entity_poly.pdbx_strand_id   A,B
#
# COMPACT_ATOMS: atom_id res chain seq x y z
N LEU A 38 13.75 3.64 -32.02
CA LEU A 38 15.17 3.79 -31.57
C LEU A 38 15.25 3.91 -30.04
N HIS A 39 14.19 4.36 -29.35
CA HIS A 39 14.15 4.45 -27.87
C HIS A 39 14.07 3.05 -27.26
N SER A 40 13.19 2.19 -27.78
CA SER A 40 12.97 0.77 -27.35
C SER A 40 14.15 -0.14 -27.75
N GLU A 41 14.99 0.27 -28.70
CA GLU A 41 16.17 -0.49 -29.17
C GLU A 41 17.39 -0.20 -28.27
N ILE A 42 17.65 1.09 -28.00
CA ILE A 42 18.64 1.55 -26.97
C ILE A 42 18.26 0.89 -25.63
N GLY A 43 16.97 0.89 -25.28
CA GLY A 43 16.35 0.20 -24.12
C GLY A 43 16.81 -1.24 -23.99
N ARG A 44 16.58 -2.07 -25.02
CA ARG A 44 16.87 -3.53 -25.05
C ARG A 44 18.39 -3.72 -24.89
N LEU A 45 19.21 -2.90 -25.56
CA LEU A 45 20.68 -3.05 -25.57
C LEU A 45 21.25 -2.69 -24.17
N ASN A 46 20.63 -1.74 -23.47
CA ASN A 46 20.93 -1.32 -22.07
C ASN A 46 20.49 -2.41 -21.08
N ASN A 47 19.21 -2.79 -21.12
CA ASN A 47 18.65 -3.95 -20.37
C ASN A 47 19.70 -5.06 -20.41
N GLN A 48 20.14 -5.48 -21.62
CA GLN A 48 21.05 -6.63 -21.85
C GLN A 48 22.51 -6.34 -21.43
N SER A 49 23.00 -5.11 -21.59
CA SER A 49 24.35 -4.71 -21.13
C SER A 49 24.42 -4.92 -19.61
N LEU A 50 23.38 -4.49 -18.87
CA LEU A 50 23.46 -4.28 -17.40
C LEU A 50 22.85 -5.46 -16.63
N LEU A 51 22.33 -6.48 -17.32
CA LEU A 51 21.54 -7.56 -16.66
C LEU A 51 22.39 -8.20 -15.56
N TRP A 52 23.64 -8.57 -15.85
CA TRP A 52 24.49 -9.38 -14.94
C TRP A 52 25.46 -8.44 -14.22
N GLY A 53 25.74 -8.73 -12.97
CA GLY A 53 26.78 -7.99 -12.23
C GLY A 53 27.01 -8.65 -10.88
N PRO A 54 27.98 -8.11 -10.12
CA PRO A 54 28.18 -8.51 -8.74
C PRO A 54 27.27 -7.65 -7.87
N TYR A 55 25.97 -7.69 -8.14
CA TYR A 55 24.92 -6.76 -7.64
C TYR A 55 24.44 -7.15 -6.24
N ARG A 56 25.36 -7.69 -5.43
CA ARG A 56 25.15 -8.07 -4.01
C ARG A 56 26.20 -7.36 -3.19
N PRO A 57 26.19 -6.02 -3.16
CA PRO A 57 27.18 -5.26 -2.40
C PRO A 57 27.16 -5.56 -0.89
N ASN A 58 26.11 -6.19 -0.38
CA ASN A 58 25.98 -6.50 1.07
C ASN A 58 26.96 -7.64 1.40
N ILE A 59 27.41 -8.38 0.37
CA ILE A 59 28.40 -9.47 0.63
C ILE A 59 29.73 -9.15 -0.05
N TYR A 60 30.80 -9.81 0.43
CA TYR A 60 32.19 -9.58 -0.06
C TYR A 60 32.17 -9.85 -1.56
N PHE A 61 31.61 -11.00 -1.93
CA PHE A 61 31.49 -11.33 -3.37
C PHE A 61 30.35 -12.30 -3.63
N GLY A 62 29.58 -11.96 -4.65
CA GLY A 62 28.44 -12.73 -5.16
C GLY A 62 27.92 -12.08 -6.43
N THR A 63 27.14 -12.79 -7.21
CA THR A 63 26.56 -12.32 -8.48
C THR A 63 25.05 -12.55 -8.41
N ARG A 64 24.29 -11.66 -9.05
CA ARG A 64 22.89 -11.91 -9.43
C ARG A 64 22.58 -11.02 -10.62
N PRO A 65 21.58 -11.41 -11.43
CA PRO A 65 21.06 -10.58 -12.50
C PRO A 65 19.97 -9.64 -12.02
N ARG A 66 19.57 -8.68 -12.85
CA ARG A 66 18.50 -7.70 -12.50
C ARG A 66 17.14 -8.37 -12.71
N ILE A 67 16.88 -9.46 -11.97
CA ILE A 67 15.65 -10.29 -11.98
C ILE A 67 15.41 -10.73 -10.53
N GLY A 68 14.21 -10.49 -9.99
CA GLY A 68 13.84 -10.82 -8.61
C GLY A 68 14.13 -12.27 -8.23
N LYS A 69 13.60 -13.23 -9.00
CA LYS A 69 13.61 -14.67 -8.65
C LYS A 69 14.44 -15.39 -9.72
N SER A 70 15.75 -15.54 -9.49
CA SER A 70 16.72 -16.10 -10.45
C SER A 70 17.93 -16.73 -9.75
N LEU A 71 19.03 -16.81 -10.48
CA LEU A 71 20.26 -17.49 -10.04
C LEU A 71 21.12 -16.47 -9.28
N MET A 72 21.52 -16.81 -8.05
CA MET A 72 22.46 -15.99 -7.24
C MET A 72 23.65 -16.84 -6.79
N THR A 73 24.83 -16.22 -6.69
CA THR A 73 26.05 -16.87 -6.17
C THR A 73 26.62 -16.05 -5.01
N GLY A 74 27.33 -16.69 -4.08
CA GLY A 74 28.08 -15.99 -3.02
C GLY A 74 29.33 -16.74 -2.65
N LEU A 75 30.35 -16.01 -2.22
CA LEU A 75 31.64 -16.59 -1.80
C LEU A 75 31.72 -16.61 -0.27
N MET A 76 32.29 -17.67 0.31
CA MET A 76 32.66 -17.71 1.75
C MET A 76 34.07 -18.30 1.85
N TRP A 77 34.81 -17.85 2.87
CA TRP A 77 36.14 -18.40 3.22
C TRP A 77 36.35 -18.25 4.73
N GLY A 78 37.15 -19.15 5.32
CA GLY A 78 37.72 -18.93 6.66
C GLY A 78 38.83 -19.92 6.93
N LYS A 79 39.86 -19.50 7.66
CA LYS A 79 40.90 -20.42 8.16
C LYS A 79 40.24 -21.41 9.10
N ILE A 80 40.82 -22.61 9.24
CA ILE A 80 40.41 -23.60 10.28
C ILE A 80 41.66 -24.11 10.99
N GLU A 81 41.74 -23.82 12.29
CA GLU A 81 42.90 -24.13 13.18
C GLU A 81 42.46 -25.05 14.32
N SER A 82 41.15 -25.19 14.53
CA SER A 82 40.56 -25.87 15.70
C SER A 82 39.22 -26.49 15.28
N TYR A 83 38.57 -27.19 16.21
CA TYR A 83 37.29 -27.90 16.04
C TYR A 83 36.14 -26.89 16.22
N THR A 84 36.47 -25.66 16.67
CA THR A 84 35.39 -24.68 16.99
C THR A 84 35.56 -23.29 16.35
N ASP A 85 36.60 -23.02 15.56
CA ASP A 85 36.97 -21.64 15.13
C ASP A 85 36.27 -21.26 13.80
N PHE A 86 36.03 -22.20 12.87
CA PHE A 86 35.50 -21.89 11.52
C PHE A 86 34.19 -21.10 11.61
N GLN A 87 33.31 -21.39 12.56
CA GLN A 87 32.05 -20.61 12.76
C GLN A 87 32.33 -19.14 13.05
N HIS A 88 33.49 -18.82 13.63
CA HIS A 88 33.89 -17.42 13.99
C HIS A 88 34.76 -16.81 12.87
N THR A 89 35.53 -17.59 12.10
CA THR A 89 36.50 -17.05 11.13
C THR A 89 35.79 -16.82 9.79
N VAL A 90 34.68 -17.53 9.55
CA VAL A 90 34.03 -17.55 8.21
C VAL A 90 33.47 -16.17 7.87
N ARG A 91 33.68 -15.79 6.60
CA ARG A 91 33.35 -14.48 6.01
C ARG A 91 32.26 -14.68 4.98
N TYR A 92 31.28 -13.77 4.94
CA TYR A 92 30.21 -13.76 3.91
C TYR A 92 29.64 -12.35 3.77
N THR A 93 28.93 -11.84 4.77
CA THR A 93 28.37 -10.46 4.73
C THR A 93 29.47 -9.47 5.08
N CYS A 94 29.49 -8.30 4.41
CA CYS A 94 30.50 -7.23 4.64
C CYS A 94 30.37 -6.68 6.05
N GLU A 95 31.48 -6.50 6.76
CA GLU A 95 31.55 -5.83 8.09
C GLU A 95 32.82 -4.97 8.09
N GLN A 96 33.06 -4.25 9.18
CA GLN A 96 34.33 -3.49 9.35
C GLN A 96 34.66 -3.47 10.83
N ASN A 97 35.75 -4.13 11.22
CA ASN A 97 36.18 -4.32 12.64
C ASN A 97 37.71 -4.52 12.63
N GLU A 98 38.31 -4.81 13.79
CA GLU A 98 39.78 -4.94 13.98
C GLU A 98 40.26 -6.10 13.08
N GLY A 99 39.43 -7.11 12.81
CA GLY A 99 39.84 -8.30 12.05
C GLY A 99 39.96 -8.09 10.55
N MET A 100 39.55 -6.93 10.03
CA MET A 100 39.56 -6.64 8.58
C MET A 100 40.30 -5.33 8.34
N LYS A 101 41.44 -5.38 7.63
CA LYS A 101 42.22 -4.16 7.37
C LYS A 101 41.43 -3.27 6.40
N GLY A 102 40.97 -3.85 5.30
CA GLY A 102 40.12 -3.10 4.35
C GLY A 102 39.70 -3.94 3.17
N TYR A 103 38.89 -3.33 2.29
CA TYR A 103 38.41 -4.01 1.07
C TYR A 103 37.78 -2.96 0.15
N GLY A 104 37.72 -3.28 -1.13
CA GLY A 104 36.97 -2.46 -2.10
C GLY A 104 37.40 -2.77 -3.51
N TRP A 105 36.78 -2.10 -4.46
CA TRP A 105 37.04 -2.26 -5.92
C TRP A 105 38.21 -1.36 -6.28
N ASP A 106 39.21 -1.96 -6.92
CA ASP A 106 40.34 -1.18 -7.50
C ASP A 106 39.87 -0.55 -8.81
N GLU A 107 39.01 -1.25 -9.55
CA GLU A 107 38.45 -0.82 -10.86
C GLU A 107 37.06 -1.41 -10.97
N TYR A 108 36.12 -0.69 -11.54
CA TYR A 108 34.79 -1.29 -11.82
C TYR A 108 34.04 -0.42 -12.80
N ASP A 109 33.31 -1.10 -13.66
CA ASP A 109 32.38 -0.55 -14.68
C ASP A 109 31.30 -1.62 -14.79
N PRO A 110 30.04 -1.38 -14.42
CA PRO A 110 29.10 -2.48 -14.32
C PRO A 110 28.77 -3.12 -15.68
N ARG A 111 29.13 -2.51 -16.81
CA ARG A 111 28.99 -3.14 -18.16
C ARG A 111 30.05 -4.23 -18.39
N ARG A 112 31.24 -4.11 -17.79
CA ARG A 112 32.48 -4.89 -18.11
C ARG A 112 32.97 -5.77 -16.96
N GLY A 113 32.83 -5.29 -15.71
CA GLY A 113 33.31 -5.98 -14.50
C GLY A 113 34.39 -5.17 -13.82
N GLY A 114 35.29 -5.85 -13.09
CA GLY A 114 36.31 -5.14 -12.31
C GLY A 114 37.09 -6.04 -11.37
N ILE A 115 37.81 -5.42 -10.45
CA ILE A 115 38.74 -6.16 -9.56
C ILE A 115 38.55 -5.62 -8.14
N GLN A 116 38.29 -6.53 -7.22
CA GLN A 116 38.14 -6.24 -5.78
C GLN A 116 39.36 -6.79 -5.04
N SER A 117 39.85 -6.03 -4.07
CA SER A 117 40.92 -6.43 -3.13
C SER A 117 40.30 -6.54 -1.74
N ILE A 118 40.57 -7.63 -1.05
CA ILE A 118 40.09 -7.89 0.33
C ILE A 118 41.31 -8.24 1.17
N HIS A 119 41.54 -7.48 2.24
CA HIS A 119 42.71 -7.57 3.13
C HIS A 119 42.17 -7.97 4.50
N ASP A 120 42.21 -9.27 4.78
CA ASP A 120 41.60 -9.92 5.96
C ASP A 120 42.71 -10.29 6.96
N ILE A 121 42.74 -9.62 8.12
CA ILE A 121 43.77 -9.85 9.17
C ILE A 121 43.42 -11.16 9.88
N GLN A 122 42.16 -11.33 10.29
CA GLN A 122 41.73 -12.52 11.06
C GLN A 122 42.16 -13.82 10.36
N ASN A 123 41.92 -13.91 9.05
CA ASN A 123 42.13 -15.14 8.24
C ASN A 123 43.49 -15.09 7.52
N GLY A 124 44.32 -14.06 7.77
CA GLY A 124 45.70 -13.97 7.28
C GLY A 124 45.79 -13.98 5.77
N LEU A 125 44.79 -13.45 5.08
CA LEU A 125 44.65 -13.58 3.60
C LEU A 125 44.44 -12.23 2.94
N ASP A 126 45.16 -12.04 1.83
CA ASP A 126 44.88 -11.06 0.75
C ASP A 126 44.17 -11.79 -0.40
N ILE A 127 42.90 -11.46 -0.60
CA ILE A 127 42.05 -12.01 -1.68
C ILE A 127 41.83 -10.95 -2.75
N THR A 128 41.77 -11.42 -3.99
CA THR A 128 41.43 -10.70 -5.22
C THR A 128 40.23 -11.45 -5.80
N THR A 129 39.19 -10.74 -6.21
CA THR A 129 38.04 -11.33 -6.91
C THR A 129 37.89 -10.52 -8.19
N SER A 130 38.18 -11.13 -9.35
CA SER A 130 38.14 -10.47 -10.68
C SER A 130 36.85 -10.97 -11.30
N PHE A 131 36.00 -10.07 -11.75
CA PHE A 131 34.70 -10.43 -12.38
C PHE A 131 34.66 -9.78 -13.76
N VAL A 132 34.19 -10.52 -14.76
CA VAL A 132 34.17 -10.00 -16.15
C VAL A 132 32.91 -10.48 -16.87
N LYS A 133 32.31 -9.59 -17.66
CA LYS A 133 31.10 -9.92 -18.46
C LYS A 133 31.49 -10.11 -19.93
N ILE A 134 30.90 -11.14 -20.55
CA ILE A 134 31.15 -11.49 -21.98
C ILE A 134 29.79 -11.49 -22.67
N PRO A 135 29.47 -10.41 -23.42
CA PRO A 135 28.24 -10.34 -24.22
C PRO A 135 28.07 -11.51 -25.21
N GLY A 136 26.82 -11.84 -25.52
CA GLY A 136 26.48 -12.95 -26.40
C GLY A 136 25.13 -13.51 -26.03
N GLY A 137 24.37 -13.93 -27.06
CA GLY A 137 23.09 -14.65 -26.90
C GLY A 137 21.96 -13.70 -26.61
N ALA A 138 20.86 -14.19 -26.07
CA ALA A 138 19.61 -13.44 -25.90
C ALA A 138 19.27 -13.28 -24.41
N HIS A 139 20.22 -13.54 -23.49
CA HIS A 139 19.86 -13.81 -22.07
C HIS A 139 20.74 -12.98 -21.11
N GLY A 140 21.39 -11.96 -21.65
CA GLY A 140 22.21 -11.00 -20.90
C GLY A 140 23.65 -11.42 -20.87
N GLY A 141 23.98 -12.47 -21.62
CA GLY A 141 25.38 -12.81 -21.89
C GLY A 141 25.92 -13.68 -20.77
N SER A 142 27.25 -13.78 -20.77
CA SER A 142 28.05 -14.66 -19.89
C SER A 142 28.87 -13.80 -18.91
N TRP A 143 29.52 -14.46 -17.96
CA TRP A 143 30.52 -13.87 -17.03
C TRP A 143 31.48 -14.93 -16.46
N ALA A 144 32.52 -14.48 -15.80
CA ALA A 144 33.53 -15.32 -15.17
C ALA A 144 34.14 -14.54 -14.01
N ALA A 145 34.70 -15.25 -13.06
CA ALA A 145 35.27 -14.62 -11.86
C ALA A 145 36.46 -15.49 -11.47
N ARG A 146 37.55 -14.84 -11.09
CA ARG A 146 38.73 -15.50 -10.50
C ARG A 146 38.83 -15.06 -9.05
N ILE A 147 38.93 -16.07 -8.18
CA ILE A 147 39.11 -15.90 -6.72
C ILE A 147 40.55 -16.30 -6.47
N LYS A 148 41.38 -15.36 -6.01
CA LYS A 148 42.79 -15.64 -5.66
C LYS A 148 43.07 -15.25 -4.19
N GLY A 149 43.48 -16.20 -3.36
CA GLY A 149 43.90 -15.91 -1.98
C GLY A 149 45.39 -16.09 -1.79
N THR A 150 46.06 -15.09 -1.22
CA THR A 150 47.52 -15.10 -0.97
C THR A 150 47.66 -14.90 0.53
N LEU A 151 48.20 -15.89 1.24
CA LEU A 151 48.42 -15.76 2.69
C LEU A 151 49.39 -14.60 2.86
N ASN A 152 49.19 -13.78 3.90
CA ASN A 152 50.07 -12.64 4.24
C ASN A 152 51.25 -13.21 5.03
N ASP A 153 52.25 -12.37 5.31
CA ASP A 153 53.54 -12.77 5.94
C ASP A 153 53.28 -13.32 7.35
N ASP A 154 52.19 -12.91 8.01
CA ASP A 154 51.94 -13.27 9.43
C ASP A 154 51.22 -14.61 9.48
N ALA A 155 50.63 -15.06 8.38
CA ALA A 155 49.88 -16.35 8.32
C ALA A 155 50.84 -17.54 8.41
N PRO A 156 50.50 -18.62 9.15
CA PRO A 156 51.23 -19.88 9.03
C PRO A 156 51.23 -20.37 7.58
N LYS A 157 52.37 -20.76 7.02
CA LYS A 157 52.53 -21.15 5.59
C LYS A 157 51.65 -22.37 5.27
N ASP A 158 51.34 -23.18 6.29
CA ASP A 158 50.54 -24.41 6.10
C ASP A 158 49.08 -24.16 6.54
N GLN A 159 48.64 -22.90 6.69
CA GLN A 159 47.23 -22.56 7.00
C GLN A 159 46.24 -23.38 6.16
N LYS A 160 45.20 -23.90 6.80
CA LYS A 160 44.05 -24.53 6.10
C LYS A 160 42.95 -23.46 5.97
N THR A 161 42.53 -23.18 4.73
CA THR A 161 41.44 -22.23 4.41
C THR A 161 40.30 -23.01 3.75
N ILE A 162 39.10 -22.96 4.32
CA ILE A 162 37.84 -23.45 3.67
C ILE A 162 37.28 -22.38 2.74
N VAL A 163 37.00 -22.77 1.50
CA VAL A 163 36.33 -21.87 0.51
C VAL A 163 35.05 -22.57 0.05
N VAL A 164 33.98 -21.80 0.00
CA VAL A 164 32.64 -22.27 -0.38
C VAL A 164 32.18 -21.33 -1.49
N PHE A 165 31.67 -21.90 -2.57
CA PHE A 165 30.93 -21.10 -3.57
C PHE A 165 29.50 -21.62 -3.45
N TYR A 166 28.61 -20.72 -3.08
CA TYR A 166 27.20 -21.03 -2.75
C TYR A 166 26.34 -20.57 -3.92
N VAL A 167 25.52 -21.47 -4.45
CA VAL A 167 24.70 -21.18 -5.66
C VAL A 167 23.26 -21.50 -5.30
N SER A 168 22.37 -20.54 -5.52
CA SER A 168 20.91 -20.72 -5.29
C SER A 168 20.16 -20.28 -6.54
N GLN A 169 19.00 -20.90 -6.83
CA GLN A 169 18.07 -20.47 -7.89
C GLN A 169 16.60 -20.48 -7.42
N GLU A 170 15.94 -19.31 -7.49
CA GLU A 170 14.50 -19.12 -7.16
C GLU A 170 13.66 -19.12 -8.45
N GLY A 171 12.40 -19.55 -8.37
CA GLY A 171 11.50 -19.72 -9.53
C GLY A 171 10.85 -21.11 -9.59
N GLU A 172 9.59 -21.19 -10.04
CA GLU A 172 8.73 -22.41 -10.00
C GLU A 172 9.08 -23.46 -11.08
N ASN A 173 9.52 -23.04 -12.27
CA ASN A 173 9.72 -23.88 -13.50
C ASN A 173 11.18 -23.79 -13.94
N SER A 174 12.13 -24.01 -13.03
CA SER A 174 13.57 -23.78 -13.33
C SER A 174 14.35 -24.98 -12.79
N GLU A 175 15.52 -25.25 -13.37
CA GLU A 175 16.24 -26.49 -12.99
C GLU A 175 17.73 -26.12 -12.89
N LEU A 176 18.40 -26.78 -11.95
CA LEU A 176 19.86 -26.65 -11.76
C LEU A 176 20.35 -27.97 -11.17
N GLU A 177 21.36 -28.59 -11.81
CA GLU A 177 21.82 -29.96 -11.46
C GLU A 177 23.35 -29.99 -11.47
N ALA A 178 24.00 -30.46 -10.40
CA ALA A 178 25.46 -30.71 -10.41
C ALA A 178 25.73 -32.02 -11.17
N VAL A 179 26.54 -32.00 -12.22
CA VAL A 179 26.98 -33.25 -12.89
C VAL A 179 27.87 -34.00 -11.91
N PRO A 180 27.53 -35.28 -11.62
CA PRO A 180 28.33 -36.08 -10.69
C PRO A 180 29.76 -36.34 -11.21
N SER A 181 30.71 -36.51 -10.29
CA SER A 181 32.15 -36.79 -10.58
C SER A 181 32.32 -38.25 -11.00
N GLU A 182 33.51 -38.60 -11.50
CA GLU A 182 33.93 -39.99 -11.82
C GLU A 182 34.29 -40.66 -10.49
N ASN A 183 34.91 -39.92 -9.55
CA ASN A 183 35.46 -40.44 -8.26
C ASN A 183 34.39 -40.61 -7.19
N GLU A 184 34.64 -41.44 -6.17
CA GLU A 184 33.62 -41.88 -5.18
C GLU A 184 33.16 -40.70 -4.30
N PHE A 185 34.12 -39.93 -3.80
CA PHE A 185 34.02 -39.06 -2.59
C PHE A 185 34.04 -37.56 -2.91
N GLY A 186 34.07 -37.20 -4.20
CA GLY A 186 34.12 -35.80 -4.65
C GLY A 186 34.87 -35.64 -5.95
N TYR A 187 35.29 -34.42 -6.28
CA TYR A 187 35.80 -33.98 -7.61
C TYR A 187 37.31 -33.75 -7.52
N GLU A 188 38.06 -34.35 -8.45
CA GLU A 188 39.52 -34.09 -8.63
C GLU A 188 39.66 -32.89 -9.54
N GLY A 189 38.67 -32.69 -10.43
CA GLY A 189 38.68 -31.60 -11.43
C GLY A 189 37.56 -30.59 -11.22
N ASP A 190 36.93 -30.15 -12.31
CA ASP A 190 35.96 -29.03 -12.31
C ASP A 190 34.60 -29.53 -11.82
N VAL A 191 33.79 -28.61 -11.26
CA VAL A 191 32.38 -28.91 -10.89
C VAL A 191 31.49 -28.24 -11.92
N ILE A 192 30.61 -29.00 -12.56
CA ILE A 192 29.70 -28.45 -13.61
C ILE A 192 28.27 -28.48 -13.08
N LEU A 193 27.65 -27.30 -13.04
CA LEU A 193 26.20 -27.18 -12.77
C LEU A 193 25.54 -26.85 -14.11
N LYS A 194 24.56 -27.66 -14.49
CA LYS A 194 23.69 -27.46 -15.67
C LYS A 194 22.36 -26.94 -15.13
N GLY A 195 21.90 -25.82 -15.67
CA GLY A 195 20.63 -25.23 -15.22
C GLY A 195 19.82 -24.70 -16.37
N ARG A 196 18.57 -24.34 -16.09
CA ARG A 196 17.67 -23.73 -17.07
C ARG A 196 16.62 -22.91 -16.31
N SER A 197 16.23 -21.77 -16.88
CA SER A 197 15.03 -20.99 -16.46
C SER A 197 14.50 -20.18 -17.66
N GLU A 198 13.25 -19.71 -17.59
CA GLU A 198 12.59 -18.86 -18.63
C GLU A 198 13.47 -17.64 -18.86
N ALA A 199 13.92 -17.02 -17.77
CA ALA A 199 14.66 -15.73 -17.74
C ALA A 199 16.07 -15.91 -18.32
N LEU A 200 16.78 -16.98 -17.96
CA LEU A 200 18.19 -17.18 -18.41
C LEU A 200 18.28 -18.21 -19.54
N GLY A 201 17.20 -18.91 -19.88
CA GLY A 201 17.33 -20.05 -20.83
C GLY A 201 18.25 -21.12 -20.27
N ASN A 202 18.96 -21.85 -21.13
CA ASN A 202 19.94 -22.88 -20.68
C ASN A 202 21.28 -22.20 -20.38
N TYR A 203 21.97 -22.68 -19.34
CA TYR A 203 23.29 -22.15 -18.92
C TYR A 203 24.06 -23.28 -18.23
N LYS A 204 25.39 -23.19 -18.19
CA LYS A 204 26.26 -24.01 -17.32
C LYS A 204 27.09 -23.03 -16.47
N LEU A 205 27.31 -23.41 -15.22
CA LEU A 205 28.12 -22.68 -14.23
C LEU A 205 29.23 -23.66 -13.80
N VAL A 206 30.48 -23.34 -14.11
CA VAL A 206 31.61 -24.26 -13.78
C VAL A 206 32.42 -23.65 -12.64
N VAL A 207 32.68 -24.43 -11.59
CA VAL A 207 33.72 -24.06 -10.60
C VAL A 207 34.96 -24.92 -10.88
N THR A 208 36.04 -24.27 -11.30
CA THR A 208 37.25 -24.96 -11.81
C THR A 208 37.95 -25.59 -10.62
N LYS A 209 38.79 -26.58 -10.90
CA LYS A 209 39.70 -27.30 -9.96
C LYS A 209 40.52 -26.28 -9.17
N GLY A 210 41.12 -25.29 -9.85
CA GLY A 210 42.01 -24.28 -9.26
C GLY A 210 43.45 -24.75 -9.05
N LYS A 211 44.31 -23.86 -8.56
CA LYS A 211 45.73 -24.10 -8.21
C LYS A 211 45.80 -24.02 -6.68
N GLY A 212 46.60 -24.90 -6.06
CA GLY A 212 46.87 -24.84 -4.62
C GLY A 212 46.89 -26.22 -3.98
N VAL A 213 47.72 -26.38 -2.95
CA VAL A 213 47.85 -27.68 -2.25
C VAL A 213 46.49 -28.04 -1.65
N ILE A 214 46.05 -29.27 -1.87
CA ILE A 214 44.82 -29.74 -1.21
C ILE A 214 45.21 -30.76 -0.15
N PRO A 215 44.97 -30.45 1.16
CA PRO A 215 45.41 -31.30 2.26
C PRO A 215 44.76 -32.69 2.14
N GLN A 216 45.43 -33.69 2.71
CA GLN A 216 45.08 -35.12 2.54
C GLN A 216 45.09 -35.72 3.95
N SER A 217 44.00 -36.38 4.34
CA SER A 217 43.90 -37.01 5.67
C SER A 217 44.26 -38.49 5.53
N ASP A 218 45.08 -38.96 6.47
CA ASP A 218 45.51 -40.36 6.65
C ASP A 218 44.52 -41.07 7.59
N HIS A 219 43.51 -40.37 8.11
CA HIS A 219 42.57 -40.91 9.12
C HIS A 219 41.71 -42.03 8.51
N ASP A 220 41.26 -42.94 9.36
CA ASP A 220 40.26 -43.99 9.04
C ASP A 220 39.10 -43.41 8.22
N LEU A 221 38.62 -42.24 8.64
CA LEU A 221 37.42 -41.57 8.05
C LEU A 221 37.62 -41.38 6.56
N SER A 222 38.87 -41.29 6.09
CA SER A 222 39.19 -41.12 4.66
C SER A 222 38.69 -42.31 3.83
N ARG A 223 38.51 -43.49 4.44
CA ARG A 223 37.88 -44.68 3.81
C ARG A 223 36.41 -44.39 3.43
N LEU A 224 35.71 -43.49 4.14
CA LEU A 224 34.27 -43.18 3.85
C LEU A 224 34.05 -41.76 3.30
N ARG A 225 34.96 -40.81 3.55
CA ARG A 225 34.79 -39.37 3.20
C ARG A 225 35.83 -38.95 2.16
N GLY A 226 36.74 -39.85 1.80
CA GLY A 226 37.86 -39.56 0.91
C GLY A 226 38.99 -38.87 1.67
N PRO A 227 40.23 -38.85 1.13
CA PRO A 227 41.37 -38.28 1.85
C PRO A 227 41.29 -36.75 1.89
N GLY A 228 40.41 -36.16 1.08
CA GLY A 228 40.31 -34.70 0.91
C GLY A 228 40.24 -34.32 -0.55
N GLN A 229 39.15 -33.67 -0.95
CA GLN A 229 38.83 -33.31 -2.35
C GLN A 229 37.71 -32.25 -2.35
N THR A 230 37.49 -31.63 -3.50
CA THR A 230 36.33 -30.75 -3.75
C THR A 230 35.06 -31.57 -3.57
N VAL A 231 34.06 -30.99 -2.88
CA VAL A 231 32.75 -31.67 -2.67
C VAL A 231 31.64 -30.70 -3.04
N VAL A 232 30.48 -31.29 -3.30
CA VAL A 232 29.24 -30.59 -3.73
C VAL A 232 28.09 -31.20 -2.95
N GLN A 233 27.31 -30.38 -2.24
CA GLN A 233 25.96 -30.80 -1.77
C GLN A 233 24.91 -30.02 -2.55
N SER A 234 24.00 -30.79 -3.15
CA SER A 234 22.85 -30.28 -3.92
C SER A 234 21.60 -30.45 -3.07
N LEU A 235 20.90 -29.38 -2.70
CA LEU A 235 19.76 -29.43 -1.72
C LEU A 235 18.57 -28.64 -2.24
N THR A 236 17.47 -28.72 -1.52
CA THR A 236 16.25 -27.93 -1.80
C THR A 236 15.71 -27.35 -0.49
N TYR A 237 15.34 -26.07 -0.53
CA TYR A 237 14.61 -25.35 0.53
C TYR A 237 13.50 -24.56 -0.16
N PRO A 238 12.47 -24.12 0.58
CA PRO A 238 11.53 -23.15 0.05
C PRO A 238 12.28 -21.89 -0.40
N ASP A 239 12.03 -21.52 -1.66
CA ASP A 239 12.64 -20.38 -2.40
C ASP A 239 12.97 -19.19 -1.49
N GLU A 240 12.09 -18.85 -0.55
CA GLU A 240 12.17 -17.52 0.12
C GLU A 240 13.30 -17.52 1.17
N VAL A 241 13.95 -18.66 1.45
CA VAL A 241 15.03 -18.74 2.48
C VAL A 241 16.37 -19.11 1.86
N LEU A 242 16.47 -19.24 0.54
CA LEU A 242 17.75 -19.58 -0.14
C LEU A 242 18.86 -18.55 0.15
N TRP A 243 18.50 -17.29 0.43
CA TRP A 243 19.45 -16.18 0.70
C TRP A 243 20.16 -16.45 2.03
N GLN A 244 19.63 -17.30 2.91
CA GLN A 244 20.24 -17.53 4.26
C GLN A 244 21.42 -18.50 4.17
N ALA A 245 22.43 -18.10 3.40
CA ALA A 245 23.50 -19.03 2.95
C ALA A 245 24.32 -19.54 4.13
N LYS A 246 24.55 -18.71 5.17
CA LYS A 246 25.42 -19.13 6.30
C LYS A 246 24.68 -20.19 7.12
N PRO A 247 23.43 -19.96 7.58
CA PRO A 247 22.68 -21.01 8.27
C PRO A 247 22.55 -22.32 7.50
N ILE A 248 22.28 -22.25 6.19
CA ILE A 248 22.10 -23.43 5.32
C ILE A 248 23.41 -24.20 5.29
N LEU A 249 24.53 -23.50 5.07
CA LEU A 249 25.86 -24.17 5.09
C LEU A 249 26.04 -24.81 6.45
N PHE A 250 25.82 -24.10 7.54
CA PHE A 250 26.16 -24.63 8.88
C PHE A 250 25.22 -25.79 9.23
N GLN A 251 23.97 -25.77 8.79
CA GLN A 251 23.07 -26.92 9.05
C GLN A 251 23.73 -28.15 8.39
N GLN A 252 24.32 -28.05 7.20
CA GLN A 252 24.92 -29.25 6.55
C GLN A 252 26.21 -29.68 7.29
N LEU A 253 26.98 -28.72 7.80
CA LEU A 253 28.26 -28.98 8.51
C LEU A 253 27.91 -29.67 9.83
N LYS A 254 26.95 -29.13 10.58
CA LYS A 254 26.49 -29.76 11.84
C LYS A 254 26.01 -31.19 11.58
N ALA A 255 25.30 -31.45 10.48
CA ALA A 255 24.79 -32.80 10.12
C ALA A 255 25.96 -33.76 9.89
N GLY A 256 27.03 -33.30 9.21
CA GLY A 256 28.28 -34.05 9.03
C GLY A 256 28.92 -34.41 10.35
N ILE A 257 28.96 -33.49 11.31
CA ILE A 257 29.61 -33.73 12.64
C ILE A 257 28.73 -34.71 13.42
N ASP A 258 27.40 -34.55 13.36
CA ASP A 258 26.46 -35.47 14.06
C ASP A 258 26.74 -36.88 13.54
N TRP A 259 26.98 -37.04 12.25
CA TRP A 259 27.26 -38.36 11.62
C TRP A 259 28.59 -38.92 12.18
N LEU A 260 29.64 -38.10 12.31
CA LEU A 260 30.92 -38.50 12.96
C LEU A 260 30.63 -39.10 14.35
N VAL A 261 29.83 -38.41 15.17
CA VAL A 261 29.50 -38.88 16.55
C VAL A 261 28.76 -40.24 16.43
N GLU A 262 27.69 -40.33 15.65
CA GLU A 262 26.87 -41.56 15.56
C GLU A 262 27.78 -42.73 15.17
N ASN A 263 28.75 -42.48 14.29
CA ASN A 263 29.57 -43.52 13.61
C ASN A 263 30.94 -43.68 14.28
N LYS A 264 31.09 -43.25 15.54
CA LYS A 264 32.19 -43.63 16.46
C LYS A 264 33.51 -42.94 16.08
N TYR A 265 33.49 -41.82 15.36
CA TYR A 265 34.70 -40.93 15.25
C TYR A 265 34.68 -39.93 16.41
N ASP A 266 35.63 -40.07 17.33
CA ASP A 266 35.57 -39.47 18.70
C ASP A 266 36.94 -38.92 19.13
N VAL A 267 37.04 -38.43 20.37
CA VAL A 267 38.20 -37.67 20.86
C VAL A 267 39.39 -38.60 21.18
N ALA A 268 39.19 -39.91 21.26
CA ALA A 268 40.33 -40.85 21.39
C ALA A 268 41.24 -40.70 20.18
N ASP A 269 40.67 -40.40 19.00
CA ASP A 269 41.35 -40.42 17.68
C ASP A 269 40.56 -39.60 16.67
N PRO A 270 40.52 -38.27 16.79
CA PRO A 270 39.69 -37.42 15.95
C PRO A 270 40.29 -37.19 14.57
N PRO A 271 39.46 -37.03 13.51
CA PRO A 271 39.96 -36.58 12.23
C PRO A 271 40.50 -35.17 12.41
N PRO A 272 41.39 -34.71 11.50
CA PRO A 272 41.81 -33.30 11.52
C PRO A 272 40.59 -32.39 11.34
N PRO A 273 40.61 -31.18 11.93
CA PRO A 273 39.48 -30.24 11.85
C PRO A 273 38.95 -30.02 10.44
N TRP A 274 39.85 -29.83 9.49
CA TRP A 274 39.45 -29.45 8.11
C TRP A 274 38.68 -30.62 7.51
N GLN A 275 38.91 -31.84 8.00
CA GLN A 275 38.20 -33.02 7.44
C GLN A 275 36.86 -33.14 8.17
N VAL A 276 36.84 -32.82 9.46
CA VAL A 276 35.56 -32.78 10.23
C VAL A 276 34.63 -31.74 9.61
N TYR A 277 35.16 -30.67 9.02
CA TYR A 277 34.35 -29.56 8.43
C TYR A 277 34.22 -29.69 6.91
N LEU A 278 34.58 -30.86 6.35
CA LEU A 278 34.42 -31.12 4.90
C LEU A 278 33.16 -31.97 4.69
N LEU A 279 32.20 -31.38 3.98
CA LEU A 279 30.87 -31.99 3.74
C LEU A 279 31.08 -33.30 2.99
N ALA A 280 30.19 -34.27 3.20
CA ALA A 280 30.06 -35.52 2.42
C ALA A 280 29.54 -35.15 1.03
N ASN A 281 30.22 -35.55 -0.03
CA ASN A 281 29.83 -35.27 -1.44
C ASN A 281 28.45 -35.90 -1.72
N LYS A 282 27.46 -35.09 -2.08
CA LYS A 282 26.12 -35.55 -2.56
C LYS A 282 25.62 -34.58 -3.64
N PRO A 283 26.24 -34.54 -4.85
CA PRO A 283 25.71 -33.76 -5.94
C PRO A 283 24.40 -34.37 -6.43
N GLY A 284 23.60 -33.51 -7.05
CA GLY A 284 22.26 -33.88 -7.51
C GLY A 284 21.57 -32.66 -8.07
N SER A 285 20.25 -32.71 -8.10
CA SER A 285 19.44 -31.56 -8.51
C SER A 285 18.93 -30.89 -7.24
N GLY A 286 18.79 -29.56 -7.28
CA GLY A 286 18.07 -28.79 -6.25
C GLY A 286 18.13 -27.32 -6.57
N ASN A 287 17.67 -26.49 -5.64
CA ASN A 287 17.67 -25.02 -5.78
C ASN A 287 18.82 -24.43 -4.95
N VAL A 288 19.55 -25.25 -4.18
CA VAL A 288 20.82 -24.77 -3.53
C VAL A 288 21.94 -25.75 -3.88
N HIS A 289 23.11 -25.26 -4.29
CA HIS A 289 24.31 -26.11 -4.52
C HIS A 289 25.49 -25.50 -3.77
N ILE A 290 26.03 -26.25 -2.81
CA ILE A 290 27.24 -25.90 -2.03
C ILE A 290 28.49 -26.58 -2.63
N VAL A 291 29.42 -25.79 -3.15
CA VAL A 291 30.73 -26.26 -3.68
C VAL A 291 31.81 -25.87 -2.67
N GLN A 292 32.40 -26.85 -1.99
CA GLN A 292 33.39 -26.61 -0.91
C GLN A 292 34.77 -27.07 -1.38
N LYS A 293 35.80 -26.27 -1.08
CA LYS A 293 37.22 -26.62 -1.27
C LYS A 293 37.94 -26.32 0.05
N VAL A 294 38.96 -27.13 0.32
CA VAL A 294 39.99 -26.86 1.34
C VAL A 294 41.33 -26.71 0.64
N PHE A 295 42.02 -25.62 0.93
CA PHE A 295 43.38 -25.34 0.42
C PHE A 295 44.37 -25.21 1.58
N GLU A 296 45.58 -25.75 1.37
CA GLU A 296 46.77 -25.50 2.23
C GLU A 296 47.63 -24.46 1.51
N GLY A 297 47.90 -23.34 2.15
CA GLY A 297 48.64 -22.25 1.50
C GLY A 297 47.80 -21.48 0.50
N ASP A 298 48.47 -20.89 -0.49
CA ASP A 298 47.88 -20.00 -1.51
C ASP A 298 46.95 -20.86 -2.37
N PHE A 299 45.95 -20.22 -2.95
CA PHE A 299 44.91 -20.91 -3.75
C PHE A 299 44.37 -19.93 -4.78
N GLU A 300 43.76 -20.51 -5.82
CA GLU A 300 42.92 -19.75 -6.78
C GLU A 300 42.02 -20.74 -7.50
N PHE A 301 40.84 -20.26 -7.90
CA PHE A 301 39.91 -21.05 -8.75
C PHE A 301 39.03 -20.06 -9.52
N ASP A 302 38.46 -20.56 -10.60
CA ASP A 302 37.63 -19.75 -11.52
C ASP A 302 36.19 -20.23 -11.42
N ILE A 303 35.29 -19.30 -11.67
CA ILE A 303 33.84 -19.53 -11.91
C ILE A 303 33.57 -19.03 -13.32
N LEU A 304 32.99 -19.91 -14.13
CA LEU A 304 32.66 -19.67 -15.57
C LEU A 304 31.16 -19.90 -15.78
N PHE A 305 30.43 -18.81 -16.02
CA PHE A 305 28.99 -18.83 -16.33
C PHE A 305 28.85 -18.69 -17.85
N SER A 306 28.31 -19.73 -18.48
CA SER A 306 28.20 -19.87 -19.96
C SER A 306 26.72 -19.90 -20.33
N SER A 307 26.23 -18.81 -20.91
CA SER A 307 24.84 -18.68 -21.44
C SER A 307 24.78 -19.53 -22.71
N GLU A 308 23.91 -20.54 -22.78
CA GLU A 308 23.98 -21.51 -23.89
C GLU A 308 23.63 -20.80 -25.20
N SER A 309 22.67 -19.87 -25.16
CA SER A 309 22.27 -18.97 -26.28
C SER A 309 23.48 -18.23 -26.89
N ALA A 310 24.60 -18.07 -26.19
CA ALA A 310 25.83 -17.48 -26.78
C ALA A 310 26.56 -18.55 -27.58
N GLY A 311 27.64 -18.17 -28.27
CA GLY A 311 28.45 -19.12 -29.05
C GLY A 311 29.04 -20.23 -28.18
N LYS A 312 30.36 -20.40 -28.22
CA LYS A 312 31.10 -21.40 -27.41
C LYS A 312 31.00 -20.96 -25.94
N GLU A 313 31.11 -21.92 -25.03
CA GLU A 313 31.18 -21.70 -23.56
C GLU A 313 32.44 -20.87 -23.19
N VAL A 314 32.41 -20.21 -22.04
CA VAL A 314 33.49 -19.33 -21.51
C VAL A 314 34.61 -20.22 -20.95
N THR A 315 35.87 -19.88 -21.19
CA THR A 315 37.04 -20.60 -20.64
C THR A 315 37.82 -19.67 -19.71
N SER A 316 38.75 -20.26 -18.94
CA SER A 316 39.70 -19.53 -18.05
C SER A 316 40.59 -18.63 -18.90
N LYS A 317 41.04 -19.07 -20.10
CA LYS A 317 41.86 -18.21 -21.00
C LYS A 317 40.96 -17.05 -21.46
N ASP A 318 39.67 -17.28 -21.70
CA ASP A 318 38.72 -16.16 -22.00
C ASP A 318 38.71 -15.15 -20.83
N LEU A 319 38.63 -15.65 -19.58
CA LEU A 319 38.54 -14.83 -18.35
C LEU A 319 39.75 -13.89 -18.34
N GLU A 320 40.96 -14.44 -18.44
CA GLU A 320 42.23 -13.66 -18.33
C GLU A 320 42.25 -12.56 -19.41
N ARG A 321 41.76 -12.84 -20.61
CA ARG A 321 41.85 -11.85 -21.73
C ARG A 321 40.86 -10.72 -21.41
N GLU A 322 39.63 -11.08 -21.05
CA GLU A 322 38.57 -10.07 -20.80
C GLU A 322 38.99 -9.21 -19.59
N VAL A 323 39.56 -9.79 -18.54
CA VAL A 323 40.06 -9.03 -17.34
C VAL A 323 41.13 -8.03 -17.82
N LYS A 324 42.08 -8.49 -18.63
CA LYS A 324 43.15 -7.60 -19.18
C LYS A 324 42.51 -6.44 -19.95
N GLN A 325 41.49 -6.70 -20.75
CA GLN A 325 40.91 -5.70 -21.69
C GLN A 325 40.09 -4.69 -20.87
N ALA A 326 39.32 -5.15 -19.88
CA ALA A 326 38.50 -4.30 -18.97
C ALA A 326 39.37 -3.22 -18.29
N THR A 327 40.54 -3.63 -17.78
CA THR A 327 41.54 -2.76 -17.10
C THR A 327 41.97 -1.66 -18.06
N GLU A 328 42.35 -2.02 -19.30
CA GLU A 328 42.84 -1.07 -20.34
C GLU A 328 41.77 0.01 -20.56
N VAL A 329 40.54 -0.45 -20.82
CA VAL A 329 39.33 0.38 -21.07
C VAL A 329 39.05 1.26 -19.85
N PHE A 330 38.94 0.67 -18.65
CA PHE A 330 38.70 1.42 -17.38
C PHE A 330 39.73 2.55 -17.31
N GLY A 331 41.02 2.23 -17.49
CA GLY A 331 42.12 3.21 -17.52
C GLY A 331 41.90 4.33 -18.52
N GLU A 332 41.53 4.01 -19.77
CA GLU A 332 41.40 5.02 -20.85
C GLU A 332 40.25 5.98 -20.49
N ARG A 333 39.10 5.42 -20.07
CA ARG A 333 37.87 6.20 -19.71
C ARG A 333 38.16 7.08 -18.48
N PHE A 334 38.83 6.55 -17.45
CA PHE A 334 39.07 7.38 -16.25
C PHE A 334 39.81 8.66 -16.68
N ALA A 335 40.84 8.52 -17.52
CA ALA A 335 41.75 9.64 -17.85
C ALA A 335 40.99 10.73 -18.60
N ARG A 336 39.92 10.37 -19.34
CA ARG A 336 39.08 11.31 -20.12
C ARG A 336 37.98 11.88 -19.24
N VAL A 337 37.31 11.04 -18.43
CA VAL A 337 36.09 11.42 -17.66
C VAL A 337 36.48 12.16 -16.38
N PHE A 338 37.56 11.73 -15.73
CA PHE A 338 38.07 12.19 -14.42
C PHE A 338 39.53 12.61 -14.61
N ASP A 339 39.71 13.65 -15.41
CA ASP A 339 41.01 14.33 -15.67
C ASP A 339 41.24 15.24 -14.46
N LEU A 340 42.06 14.80 -13.52
CA LEU A 340 42.25 15.53 -12.24
C LEU A 340 43.13 16.74 -12.52
N LYS A 341 42.70 17.93 -12.10
CA LYS A 341 43.38 19.21 -12.37
C LYS A 341 44.20 19.60 -11.13
N ALA A 342 45.05 20.62 -11.29
CA ALA A 342 46.06 21.04 -10.31
C ALA A 342 45.32 21.37 -9.02
N PRO A 343 45.91 21.05 -7.83
CA PRO A 343 47.18 20.33 -7.69
C PRO A 343 47.10 18.82 -7.45
N PHE A 344 46.10 18.18 -8.08
CA PHE A 344 45.84 16.72 -7.94
C PHE A 344 46.12 15.99 -9.24
N GLN A 345 47.04 16.51 -10.07
CA GLN A 345 47.40 15.87 -11.38
C GLN A 345 48.21 14.62 -11.06
N GLY A 346 48.88 14.58 -9.90
CA GLY A 346 49.85 13.52 -9.54
C GLY A 346 49.23 12.13 -9.51
N ASP A 347 50.08 11.10 -9.58
CA ASP A 347 49.72 9.66 -9.62
C ASP A 347 49.10 9.24 -8.28
N ASN A 348 49.52 9.82 -7.16
CA ASN A 348 48.98 9.48 -5.81
C ASN A 348 47.49 9.87 -5.73
N TYR A 349 47.12 11.01 -6.30
CA TYR A 349 45.72 11.49 -6.36
C TYR A 349 44.94 10.66 -7.40
N LYS A 350 45.61 10.14 -8.42
CA LYS A 350 44.97 9.31 -9.47
C LYS A 350 44.57 7.97 -8.86
N LYS A 351 45.42 7.33 -8.05
CA LYS A 351 45.07 6.05 -7.40
C LYS A 351 43.91 6.32 -6.44
N PHE A 352 43.94 7.44 -5.73
CA PHE A 352 42.92 7.84 -4.74
C PHE A 352 41.58 7.97 -5.46
N GLY A 353 41.58 8.72 -6.55
CA GLY A 353 40.40 9.00 -7.39
C GLY A 353 39.79 7.72 -7.92
N LYS A 354 40.62 6.79 -8.38
CA LYS A 354 40.18 5.47 -8.93
C LYS A 354 39.57 4.62 -7.82
N SER A 355 40.08 4.76 -6.60
CA SER A 355 39.55 3.98 -5.44
C SER A 355 38.20 4.57 -5.03
N MET A 356 38.09 5.89 -4.90
CA MET A 356 36.81 6.49 -4.44
C MET A 356 35.76 6.27 -5.53
N PHE A 357 36.13 6.45 -6.79
CA PHE A 357 35.16 6.25 -7.89
C PHE A 357 34.78 4.77 -7.93
N SER A 358 35.74 3.87 -8.03
CA SER A 358 35.42 2.44 -8.28
C SER A 358 34.58 1.89 -7.13
N ASN A 359 34.81 2.32 -5.88
CA ASN A 359 33.99 1.86 -4.74
C ASN A 359 32.57 2.42 -4.79
N LEU A 360 32.38 3.63 -5.29
CA LEU A 360 31.03 4.23 -5.41
C LEU A 360 30.24 3.43 -6.44
N ILE A 361 30.78 3.25 -7.64
CA ILE A 361 30.02 2.60 -8.75
C ILE A 361 29.98 1.10 -8.51
N GLY A 362 31.01 0.56 -7.86
CA GLY A 362 31.05 -0.84 -7.37
C GLY A 362 30.01 -1.19 -6.30
N GLY A 363 29.44 -0.21 -5.61
CA GLY A 363 28.40 -0.49 -4.58
C GLY A 363 27.03 -0.81 -5.18
N ILE A 364 26.90 -0.75 -6.50
CA ILE A 364 25.57 -0.83 -7.16
C ILE A 364 25.02 -2.21 -6.85
N GLY A 365 23.81 -2.23 -6.30
CA GLY A 365 23.06 -3.45 -6.00
C GLY A 365 21.78 -3.53 -6.82
N TYR A 366 21.27 -4.75 -6.96
CA TYR A 366 19.90 -5.05 -7.39
C TYR A 366 19.17 -5.63 -6.18
N PHE A 367 18.06 -5.00 -5.78
CA PHE A 367 17.28 -5.43 -4.59
C PHE A 367 15.85 -5.76 -5.06
N TYR A 368 15.22 -6.75 -4.43
CA TYR A 368 13.88 -7.25 -4.81
C TYR A 368 13.17 -7.73 -3.55
N GLY A 369 11.89 -7.40 -3.40
CA GLY A 369 11.10 -7.88 -2.25
C GLY A 369 10.02 -6.91 -1.84
N HIS A 370 9.38 -7.21 -0.72
CA HIS A 370 8.39 -6.34 -0.05
C HIS A 370 9.11 -5.34 0.86
N SER A 371 8.60 -4.10 1.01
CA SER A 371 8.95 -3.16 2.10
C SER A 371 7.77 -3.05 3.08
N LEU A 372 8.06 -2.59 4.30
CA LEU A 372 7.14 -2.42 5.45
C LEU A 372 6.65 -0.98 5.48
N VAL A 373 5.38 -0.74 5.12
CA VAL A 373 4.79 0.62 4.98
C VAL A 373 3.54 0.75 5.87
N ASP A 374 3.43 1.89 6.57
CA ASP A 374 2.23 2.23 7.37
C ASP A 374 1.28 2.90 6.39
N ARG A 375 0.19 2.23 6.03
CA ARG A 375 -0.77 2.76 5.01
C ARG A 375 -2.06 3.21 5.71
N SER A 376 -2.03 3.37 7.04
CA SER A 376 -3.15 3.92 7.85
C SER A 376 -3.50 5.35 7.37
N TYR A 377 -2.52 6.14 6.95
CA TYR A 377 -2.66 7.61 6.82
C TYR A 377 -3.41 8.14 8.05
N ALA A 378 -3.00 7.66 9.23
CA ALA A 378 -3.53 8.16 10.52
C ALA A 378 -3.58 9.68 10.47
N PRO A 379 -4.67 10.32 10.93
CA PRO A 379 -4.75 11.79 10.95
C PRO A 379 -3.69 12.48 11.84
N GLU A 380 -3.21 11.80 12.88
CA GLU A 380 -2.04 12.22 13.70
C GLU A 380 -0.82 12.52 12.81
N TYR A 381 -0.71 11.95 11.60
CA TYR A 381 0.43 12.19 10.69
C TYR A 381 0.33 13.57 10.01
N ASP A 382 -0.78 14.28 10.12
CA ASP A 382 -0.92 15.57 9.38
C ASP A 382 -0.16 16.66 10.17
N GLU A 383 0.04 16.41 11.45
CA GLU A 383 0.88 17.19 12.39
C GLU A 383 0.38 18.64 12.35
N GLU A 384 -0.89 18.91 12.69
CA GLU A 384 -1.42 20.31 12.61
C GLU A 384 -1.67 20.87 14.01
N ASN A 385 -1.40 20.11 15.06
CA ASN A 385 -1.43 20.55 16.49
C ASN A 385 -0.04 20.85 17.06
N GLU A 386 0.01 21.67 18.11
CA GLU A 386 1.17 21.75 19.03
C GLU A 386 1.29 20.35 19.64
N GLY A 387 2.52 19.85 19.79
CA GLY A 387 2.81 18.60 20.50
C GLY A 387 2.53 17.38 19.63
N PHE A 388 2.45 17.60 18.30
CA PHE A 388 2.08 16.62 17.24
C PHE A 388 2.97 15.37 17.33
N TRP A 389 4.21 15.50 17.79
CA TRP A 389 5.16 14.37 17.80
C TRP A 389 4.57 13.28 18.72
N GLU A 390 3.83 13.67 19.75
CA GLU A 390 3.28 12.71 20.75
C GLU A 390 2.14 11.92 20.10
N ASP A 391 1.29 12.61 19.35
CA ASP A 391 0.16 12.07 18.55
C ASP A 391 0.68 11.07 17.52
N ALA A 392 1.62 11.49 16.68
CA ALA A 392 2.29 10.61 15.69
C ALA A 392 2.89 9.38 16.37
N ALA A 393 3.38 9.48 17.61
CA ALA A 393 3.93 8.31 18.35
C ALA A 393 2.80 7.33 18.69
N GLU A 394 1.64 7.86 19.09
CA GLU A 394 0.42 7.08 19.38
C GLU A 394 -0.01 6.31 18.10
N ALA A 395 -0.07 6.98 16.95
CA ALA A 395 -0.44 6.38 15.64
C ALA A 395 0.54 5.26 15.26
N ARG A 396 1.85 5.50 15.38
CA ARG A 396 2.89 4.46 15.18
C ARG A 396 2.61 3.26 16.11
N ALA A 397 2.16 3.51 17.33
CA ALA A 397 2.00 2.45 18.36
C ALA A 397 0.76 1.60 18.05
N ARG A 398 -0.04 1.96 17.06
CA ARG A 398 -1.11 1.08 16.50
C ARG A 398 -0.52 -0.02 15.61
N HIS A 399 0.69 0.18 15.05
CA HIS A 399 1.44 -0.80 14.19
C HIS A 399 0.50 -1.37 13.12
N GLN A 400 -0.06 -0.51 12.28
CA GLN A 400 -0.88 -0.85 11.08
C GLN A 400 0.01 -1.05 9.86
N GLU A 401 1.33 -0.98 10.04
CA GLU A 401 2.28 -1.20 8.91
C GLU A 401 2.12 -2.66 8.49
N ALA A 402 2.16 -2.89 7.18
CA ALA A 402 2.12 -4.21 6.54
C ALA A 402 3.18 -4.30 5.42
N LEU A 403 3.63 -5.51 5.10
CA LEU A 403 4.50 -5.74 3.91
C LEU A 403 3.69 -5.44 2.65
N GLU A 404 4.31 -4.82 1.65
CA GLU A 404 3.72 -4.62 0.31
C GLU A 404 4.81 -4.79 -0.74
N GLY A 405 4.40 -4.97 -1.98
CA GLY A 405 5.26 -5.07 -3.18
C GLY A 405 4.85 -6.29 -4.00
N PRO A 406 5.78 -7.07 -4.59
CA PRO A 406 7.21 -6.85 -4.40
C PRO A 406 7.68 -5.67 -5.24
N TYR A 407 8.76 -5.04 -4.83
CA TYR A 407 9.43 -3.92 -5.54
C TYR A 407 10.80 -4.40 -5.95
N GLU A 408 11.34 -3.83 -7.01
CA GLU A 408 12.77 -3.94 -7.32
C GLU A 408 13.41 -2.54 -7.26
N LEU A 409 14.73 -2.52 -7.07
CA LEU A 409 15.52 -1.27 -7.11
C LEU A 409 16.93 -1.62 -7.55
N PHE A 410 17.39 -0.88 -8.54
CA PHE A 410 18.77 -0.90 -9.05
C PHE A 410 19.37 0.44 -8.64
N THR A 411 20.32 0.43 -7.72
CA THR A 411 20.83 1.68 -7.09
C THR A 411 22.22 1.46 -6.51
N SER A 412 22.98 2.56 -6.43
CA SER A 412 24.23 2.61 -5.65
C SER A 412 23.82 2.84 -4.18
N ILE A 413 24.75 2.73 -3.23
CA ILE A 413 24.49 2.67 -1.76
C ILE A 413 25.48 3.53 -1.01
N PRO A 414 25.15 4.00 0.20
CA PRO A 414 26.12 4.74 1.01
C PRO A 414 27.31 3.95 1.59
N SER A 415 27.09 2.71 2.03
CA SER A 415 28.14 1.92 2.71
C SER A 415 27.85 0.41 2.64
N ARG A 416 28.79 -0.38 2.09
CA ARG A 416 28.59 -1.84 1.98
C ARG A 416 28.38 -2.47 3.35
N PRO A 417 29.24 -2.27 4.37
CA PRO A 417 29.05 -2.96 5.64
C PRO A 417 27.92 -2.43 6.53
N PHE A 418 27.48 -1.17 6.35
CA PHE A 418 26.60 -0.49 7.33
C PHE A 418 25.23 -0.13 6.77
N PHE A 419 25.17 0.39 5.54
CA PHE A 419 23.92 0.89 4.92
C PHE A 419 23.82 0.42 3.47
N PRO A 420 23.77 -0.92 3.24
CA PRO A 420 23.76 -1.46 1.89
C PRO A 420 22.36 -1.48 1.27
N ARG A 421 21.81 -0.28 1.04
CA ARG A 421 20.46 -0.11 0.45
C ARG A 421 20.25 1.32 -0.01
N GLY A 422 19.18 1.51 -0.76
CA GLY A 422 18.85 2.79 -1.44
C GLY A 422 18.43 3.78 -0.39
N PHE A 423 19.12 4.93 -0.32
CA PHE A 423 18.66 6.14 0.40
C PHE A 423 18.41 7.25 -0.62
N LEU A 424 17.23 7.86 -0.59
CA LEU A 424 16.69 8.67 -1.71
C LEU A 424 17.58 9.89 -1.99
N TRP A 425 17.85 10.76 -1.02
CA TRP A 425 18.67 11.98 -1.27
C TRP A 425 20.17 11.66 -1.41
N ASP A 426 20.65 10.57 -0.79
CA ASP A 426 22.04 10.09 -1.04
C ASP A 426 22.19 9.81 -2.54
N GLU A 427 21.18 9.22 -3.17
CA GLU A 427 21.39 8.70 -4.55
C GLU A 427 21.60 9.85 -5.54
N GLY A 428 20.96 11.01 -5.30
CA GLY A 428 21.25 12.25 -6.05
C GLY A 428 22.73 12.54 -6.09
N PHE A 429 23.41 12.45 -4.95
CA PHE A 429 24.87 12.72 -4.85
C PHE A 429 25.66 11.61 -5.53
N HIS A 430 25.37 10.32 -5.24
CA HIS A 430 26.08 9.16 -5.82
C HIS A 430 26.05 9.26 -7.34
N LEU A 431 24.93 9.68 -7.95
CA LEU A 431 24.82 9.62 -9.43
C LEU A 431 25.54 10.79 -10.11
N LEU A 432 26.06 11.78 -9.39
CA LEU A 432 26.73 12.91 -10.11
C LEU A 432 28.00 12.39 -10.78
N PRO A 433 28.88 11.64 -10.09
CA PRO A 433 30.08 11.11 -10.72
C PRO A 433 29.77 9.92 -11.63
N ILE A 434 28.74 9.15 -11.30
CA ILE A 434 28.34 7.99 -12.12
C ILE A 434 27.89 8.53 -13.50
N ALA A 435 27.09 9.60 -13.51
CA ALA A 435 26.55 10.19 -14.76
C ALA A 435 27.71 10.65 -15.64
N ASP A 436 28.76 11.22 -15.07
CA ASP A 436 29.93 11.58 -15.90
C ASP A 436 30.39 10.32 -16.61
N TRP A 437 30.64 9.27 -15.83
CA TRP A 437 31.17 7.97 -16.32
C TRP A 437 30.24 7.35 -17.37
N ASP A 438 28.94 7.44 -17.19
CA ASP A 438 27.97 6.58 -17.90
C ASP A 438 26.58 7.13 -17.59
N ILE A 439 26.20 8.20 -18.31
CA ILE A 439 24.88 8.87 -18.18
C ILE A 439 23.77 7.83 -18.36
N ASP A 440 23.95 6.84 -19.22
CA ASP A 440 22.84 5.88 -19.49
C ASP A 440 22.59 5.03 -18.24
N LEU A 441 23.69 4.66 -17.58
CA LEU A 441 23.62 3.94 -16.28
C LEU A 441 22.87 4.83 -15.30
N ALA A 442 23.28 6.09 -15.13
CA ALA A 442 22.66 6.98 -14.13
C ALA A 442 21.16 7.10 -14.41
N LEU A 443 20.77 7.22 -15.68
CA LEU A 443 19.33 7.35 -16.07
C LEU A 443 18.55 6.08 -15.76
N GLU A 444 19.14 4.89 -15.98
CA GLU A 444 18.57 3.60 -15.51
C GLU A 444 18.25 3.67 -14.01
N ILE A 445 19.18 4.19 -13.21
CA ILE A 445 19.01 4.18 -11.73
C ILE A 445 17.91 5.18 -11.40
N ILE A 446 17.87 6.33 -12.08
CA ILE A 446 16.75 7.31 -11.87
C ILE A 446 15.45 6.62 -12.23
N LYS A 447 15.40 5.90 -13.35
CA LYS A 447 14.15 5.23 -13.80
C LYS A 447 13.74 4.29 -12.68
N SER A 448 14.68 3.45 -12.26
CA SER A 448 14.47 2.44 -11.21
C SER A 448 13.88 3.12 -9.98
N TRP A 449 14.43 4.26 -9.56
CA TRP A 449 13.94 4.90 -8.33
C TRP A 449 12.52 5.43 -8.59
N TYR A 450 12.27 5.99 -9.77
CA TYR A 450 10.99 6.68 -10.01
C TYR A 450 9.91 5.64 -10.32
N ASN A 451 10.27 4.40 -10.67
CA ASN A 451 9.28 3.30 -10.85
C ASN A 451 8.73 2.88 -9.48
N LEU A 452 9.29 3.37 -8.38
CA LEU A 452 8.78 3.01 -7.02
C LEU A 452 7.69 4.00 -6.58
N MET A 453 7.50 5.11 -7.29
CA MET A 453 6.65 6.22 -6.79
C MET A 453 5.19 5.75 -6.84
N ASP A 454 4.45 5.89 -5.74
CA ASP A 454 3.03 5.48 -5.59
C ASP A 454 2.14 6.53 -6.27
N GLU A 455 0.83 6.29 -6.34
CA GLU A 455 -0.19 7.11 -7.07
C GLU A 455 -0.14 8.56 -6.55
N ASP A 456 0.06 8.77 -5.24
CA ASP A 456 0.13 10.12 -4.58
C ASP A 456 1.39 10.94 -4.98
N GLY A 457 2.50 10.33 -5.44
CA GLY A 457 3.80 11.01 -5.67
C GLY A 457 4.87 10.70 -4.61
N TRP A 458 4.72 9.64 -3.82
CA TRP A 458 5.65 9.31 -2.71
C TRP A 458 6.59 8.16 -3.09
N ILE A 459 7.91 8.41 -2.99
CA ILE A 459 9.00 7.40 -2.90
C ILE A 459 9.50 7.34 -1.47
N ALA A 460 9.53 6.16 -0.85
CA ALA A 460 10.06 5.96 0.53
C ALA A 460 11.52 6.38 0.54
N ARG A 461 11.96 7.09 1.59
CA ARG A 461 13.34 7.70 1.66
C ARG A 461 14.38 6.57 1.77
N GLU A 462 13.97 5.39 2.23
CA GLU A 462 14.85 4.28 2.66
C GLU A 462 14.19 3.01 2.11
N GLN A 463 14.87 2.35 1.19
CA GLN A 463 14.35 1.22 0.40
C GLN A 463 14.99 -0.05 0.94
N ILE A 464 14.27 -0.76 1.82
CA ILE A 464 14.58 -2.04 2.52
C ILE A 464 13.72 -3.11 1.87
N LEU A 465 14.22 -3.72 0.78
CA LEU A 465 13.47 -4.64 -0.11
C LEU A 465 13.84 -6.09 0.16
N GLY A 466 12.91 -6.88 0.71
CA GLY A 466 13.07 -8.34 0.82
C GLY A 466 13.72 -8.73 2.14
N ALA A 467 13.52 -9.97 2.56
CA ALA A 467 13.98 -10.47 3.88
C ALA A 467 15.50 -10.32 4.00
N GLU A 468 16.26 -10.44 2.91
CA GLU A 468 17.73 -10.29 2.97
C GLU A 468 18.05 -8.86 3.39
N ALA A 469 17.49 -7.85 2.73
CA ALA A 469 17.71 -6.43 3.05
C ALA A 469 17.29 -6.17 4.49
N ARG A 470 16.19 -6.79 4.94
CA ARG A 470 15.56 -6.61 6.26
C ARG A 470 16.43 -7.20 7.38
N SER A 471 17.22 -8.23 7.10
CA SER A 471 18.01 -8.97 8.12
C SER A 471 18.93 -7.99 8.89
N LYS A 472 19.40 -6.95 8.21
CA LYS A 472 20.43 -5.97 8.64
C LYS A 472 19.82 -4.81 9.45
N VAL A 473 18.49 -4.80 9.62
CA VAL A 473 17.75 -3.60 10.11
C VAL A 473 16.76 -4.04 11.19
N PRO A 474 16.85 -3.47 12.40
CA PRO A 474 15.85 -3.74 13.45
C PRO A 474 14.43 -3.44 12.99
N LYS A 475 13.44 -4.21 13.43
CA LYS A 475 12.00 -4.12 13.05
C LYS A 475 11.54 -2.66 13.17
N GLU A 476 11.83 -2.05 14.33
CA GLU A 476 11.45 -0.65 14.70
C GLU A 476 11.88 0.33 13.59
N PHE A 477 13.00 0.07 12.93
CA PHE A 477 13.61 1.03 11.99
C PHE A 477 13.16 0.73 10.55
N GLN A 478 12.35 -0.31 10.30
CA GLN A 478 12.03 -0.73 8.90
C GLN A 478 10.91 0.11 8.28
N THR A 479 9.93 0.51 9.09
CA THR A 479 8.63 1.05 8.64
C THR A 479 8.83 2.39 7.94
N GLN A 480 8.37 2.48 6.69
CA GLN A 480 8.33 3.71 5.87
C GLN A 480 6.96 4.37 6.03
N TYR A 481 6.94 5.71 6.02
CA TYR A 481 5.75 6.55 6.30
C TYR A 481 5.49 7.45 5.09
N PRO A 482 4.31 7.32 4.44
CA PRO A 482 3.98 8.03 3.20
C PRO A 482 3.97 9.56 3.31
N HIS A 483 4.00 10.12 4.53
CA HIS A 483 4.16 11.59 4.73
C HIS A 483 5.63 12.03 4.91
N TYR A 484 6.60 11.12 4.81
CA TYR A 484 8.04 11.47 5.03
C TYR A 484 8.73 11.71 3.69
N ALA A 485 9.18 12.94 3.46
CA ALA A 485 9.94 13.30 2.25
C ALA A 485 11.43 13.05 2.52
N ASN A 486 12.25 13.45 1.54
CA ASN A 486 13.73 13.48 1.58
C ASN A 486 14.13 14.46 0.46
N PRO A 487 15.29 15.14 0.55
CA PRO A 487 15.67 16.07 -0.51
C PRO A 487 15.59 15.43 -1.89
N PRO A 488 15.04 16.14 -2.90
CA PRO A 488 14.96 15.62 -4.26
C PRO A 488 16.25 15.88 -5.05
N THR A 489 17.38 15.36 -4.54
CA THR A 489 18.73 15.53 -5.16
C THR A 489 18.83 14.82 -6.52
N LEU A 490 18.01 13.82 -6.78
CA LEU A 490 17.97 13.22 -8.13
C LEU A 490 17.68 14.27 -9.21
N PHE A 491 16.99 15.38 -8.90
CA PHE A 491 16.74 16.48 -9.87
C PHE A 491 18.06 17.09 -10.33
N LEU A 492 19.07 17.15 -9.45
CA LEU A 492 20.41 17.73 -9.79
C LEU A 492 21.07 16.89 -10.90
N VAL A 493 20.87 15.58 -10.87
CA VAL A 493 21.46 14.68 -11.90
C VAL A 493 20.72 15.00 -13.20
N LEU A 494 19.40 15.20 -13.12
CA LEU A 494 18.57 15.48 -14.32
C LEU A 494 19.04 16.82 -14.88
N ASP A 495 19.20 17.85 -14.05
CA ASP A 495 19.79 19.17 -14.43
C ASP A 495 21.10 18.99 -15.21
N ASN A 496 21.98 18.06 -14.81
CA ASN A 496 23.31 17.89 -15.47
C ASN A 496 23.10 17.17 -16.81
N PHE A 497 22.10 16.30 -16.89
CA PHE A 497 21.77 15.54 -18.13
C PHE A 497 21.16 16.52 -19.15
N VAL A 498 20.26 17.39 -18.70
CA VAL A 498 19.64 18.46 -19.54
C VAL A 498 20.75 19.32 -20.17
N GLU A 499 21.73 19.81 -19.39
CA GLU A 499 22.84 20.66 -19.91
C GLU A 499 23.60 19.85 -20.97
N ARG A 500 23.85 18.56 -20.73
CA ARG A 500 24.63 17.76 -21.69
C ARG A 500 23.83 17.63 -22.98
N LEU A 501 22.55 17.27 -22.89
CA LEU A 501 21.61 17.08 -24.02
C LEU A 501 21.52 18.36 -24.88
N ARG A 502 21.42 19.53 -24.25
CA ARG A 502 21.34 20.86 -24.92
C ARG A 502 22.69 21.24 -25.59
N LYS A 503 23.84 20.61 -25.25
CA LYS A 503 25.18 20.95 -25.80
C LYS A 503 25.81 19.72 -26.48
N LEU A 517 30.67 -0.57 -28.26
CA LEU A 517 29.21 -0.67 -27.99
C LEU A 517 28.92 -0.49 -26.49
N ASP A 518 29.91 -0.76 -25.63
CA ASP A 518 29.91 -0.34 -24.21
C ASP A 518 30.24 1.16 -24.18
N GLU A 519 31.24 1.57 -24.95
CA GLU A 519 31.59 3.01 -25.21
C GLU A 519 30.31 3.73 -25.70
N THR A 520 29.58 3.16 -26.66
CA THR A 520 28.40 3.79 -27.32
C THR A 520 27.21 3.87 -26.36
N LEU A 521 26.89 2.77 -25.68
CA LEU A 521 25.70 2.61 -24.79
C LEU A 521 25.75 3.62 -23.63
N SER A 522 26.95 3.87 -23.12
CA SER A 522 27.22 4.79 -21.99
C SER A 522 26.64 6.17 -22.30
N THR A 523 26.69 6.63 -23.56
CA THR A 523 26.31 8.02 -23.98
C THR A 523 25.18 8.07 -25.03
N ALA A 524 24.48 6.96 -25.31
CA ALA A 524 23.36 6.86 -26.27
C ALA A 524 22.19 7.82 -25.93
N SER A 525 22.01 8.22 -24.68
CA SER A 525 20.85 9.05 -24.28
C SER A 525 21.14 10.53 -24.52
N VAL A 526 22.42 10.88 -24.76
CA VAL A 526 22.85 12.27 -25.14
C VAL A 526 23.17 12.34 -26.64
N ASP A 527 23.96 11.41 -27.17
CA ASP A 527 24.34 11.31 -28.61
C ASP A 527 23.12 11.14 -29.53
N ASN A 528 21.97 10.67 -29.03
CA ASN A 528 20.71 10.52 -29.79
C ASN A 528 19.62 11.38 -29.12
N PRO A 529 19.50 12.67 -29.51
CA PRO A 529 18.61 13.61 -28.80
C PRO A 529 17.15 13.16 -28.73
N GLU A 530 16.68 12.41 -29.74
CA GLU A 530 15.29 11.87 -29.79
C GLU A 530 15.09 10.95 -28.56
N VAL A 531 16.15 10.22 -28.18
CA VAL A 531 16.21 9.23 -27.07
C VAL A 531 16.12 9.97 -25.72
N GLY A 532 17.04 10.91 -25.48
CA GLY A 532 17.04 11.75 -24.26
C GLY A 532 15.67 12.33 -23.97
N LEU A 533 15.01 12.84 -25.02
CA LEU A 533 13.74 13.60 -24.91
C LEU A 533 12.59 12.66 -24.53
N GLU A 534 12.58 11.44 -25.10
CA GLU A 534 11.55 10.41 -24.82
C GLU A 534 11.77 9.92 -23.37
N TYR A 535 13.01 9.83 -22.92
CA TYR A 535 13.32 9.48 -21.51
C TYR A 535 12.64 10.56 -20.66
N LEU A 536 12.91 11.83 -20.97
CA LEU A 536 12.32 12.98 -20.21
C LEU A 536 10.79 12.98 -20.35
N ARG A 537 10.26 12.69 -21.54
CA ARG A 537 8.80 12.70 -21.80
C ARG A 537 8.11 11.71 -20.86
N ARG A 538 8.67 10.50 -20.67
CA ARG A 538 8.03 9.43 -19.85
C ARG A 538 8.17 9.70 -18.35
N LEU A 539 9.27 10.32 -17.91
CA LEU A 539 9.57 10.53 -16.47
C LEU A 539 8.90 11.84 -15.97
N TYR A 540 8.77 12.83 -16.86
CA TYR A 540 8.27 14.20 -16.59
C TYR A 540 7.00 14.13 -15.76
N PRO A 541 5.98 13.32 -16.15
CA PRO A 541 4.78 13.17 -15.33
C PRO A 541 5.07 12.80 -13.86
N LEU A 542 6.13 12.04 -13.62
CA LEU A 542 6.45 11.50 -12.27
C LEU A 542 7.13 12.63 -11.51
N LEU A 543 7.97 13.39 -12.21
CA LEU A 543 8.66 14.57 -11.61
C LEU A 543 7.57 15.52 -11.13
N ARG A 544 6.63 15.90 -12.00
CA ARG A 544 5.51 16.82 -11.67
C ARG A 544 4.69 16.21 -10.53
N ARG A 545 4.44 14.90 -10.57
CA ARG A 545 3.67 14.26 -9.47
C ARG A 545 4.45 14.48 -8.16
N GLN A 546 5.78 14.36 -8.16
CA GLN A 546 6.55 14.47 -6.90
C GLN A 546 6.46 15.92 -6.41
N PHE A 547 6.55 16.83 -7.37
CA PHE A 547 6.46 18.28 -7.11
C PHE A 547 5.15 18.58 -6.39
N ASP A 548 4.05 18.08 -6.95
CA ASP A 548 2.68 18.36 -6.44
C ASP A 548 2.61 17.77 -5.03
N TRP A 549 3.25 16.61 -4.83
CA TRP A 549 3.16 15.82 -3.57
C TRP A 549 3.88 16.56 -2.44
N PHE A 550 5.00 17.22 -2.76
CA PHE A 550 5.76 18.08 -1.82
C PHE A 550 4.81 19.20 -1.34
N ARG A 551 4.19 19.87 -2.32
CA ARG A 551 3.34 21.08 -2.10
C ARG A 551 2.04 20.70 -1.39
N LYS A 552 1.55 19.47 -1.53
CA LYS A 552 0.35 19.00 -0.79
C LYS A 552 0.73 18.43 0.60
N THR A 553 1.86 17.72 0.76
CA THR A 553 2.10 16.98 2.03
C THR A 553 3.09 17.74 2.91
N GLN A 554 3.96 18.59 2.35
CA GLN A 554 5.05 19.26 3.13
C GLN A 554 4.82 20.79 3.13
N ALA A 555 3.55 21.23 3.15
CA ALA A 555 3.15 22.65 3.01
C ALA A 555 3.24 23.32 4.38
N GLY A 556 3.77 24.53 4.41
CA GLY A 556 3.74 25.34 5.64
C GLY A 556 2.52 26.25 5.65
N ASP A 557 2.27 26.80 6.82
CA ASP A 557 1.07 27.59 7.14
C ASP A 557 1.48 29.07 7.19
N ILE A 558 1.19 29.81 6.12
CA ILE A 558 1.13 31.30 6.14
C ILE A 558 -0.23 31.79 6.64
N LYS A 559 -1.30 31.51 5.89
CA LYS A 559 -2.61 32.23 5.94
C LYS A 559 -3.16 32.23 7.39
N SER A 560 -2.76 31.31 8.26
CA SER A 560 -3.40 31.10 9.58
C SER A 560 -2.75 31.93 10.70
N TYR A 561 -1.67 32.69 10.42
CA TYR A 561 -0.90 33.44 11.47
C TYR A 561 -0.68 34.90 11.05
N ASP A 562 -0.14 35.72 11.96
CA ASP A 562 0.27 37.12 11.62
C ASP A 562 1.52 37.06 10.71
N ARG A 563 1.36 36.75 9.41
CA ARG A 563 2.47 36.48 8.46
C ARG A 563 2.26 37.27 7.16
N GLU A 564 3.10 38.27 6.92
CA GLU A 564 3.09 39.11 5.69
C GLU A 564 4.17 38.55 4.76
N ALA A 565 3.83 38.34 3.48
CA ALA A 565 4.79 37.82 2.48
C ALA A 565 4.21 37.98 1.08
N TYR A 566 5.08 38.12 0.08
CA TYR A 566 4.71 38.36 -1.33
C TYR A 566 3.71 37.32 -1.83
N SER A 567 3.88 36.05 -1.47
CA SER A 567 2.99 34.90 -1.83
C SER A 567 2.30 34.36 -0.58
N THR A 568 1.01 34.05 -0.68
CA THR A 568 0.22 33.35 0.38
C THR A 568 0.49 31.84 0.33
N LYS A 569 1.06 31.33 -0.78
CA LYS A 569 1.18 29.90 -1.17
C LYS A 569 2.53 29.30 -0.69
N GLU A 570 3.67 29.92 -1.02
CA GLU A 570 5.03 29.31 -0.94
C GLU A 570 5.52 29.35 0.51
N ALA A 571 5.39 28.23 1.21
CA ALA A 571 5.96 28.00 2.56
C ALA A 571 5.98 26.49 2.79
N TYR A 572 7.07 25.95 3.33
CA TYR A 572 7.23 24.48 3.50
C TYR A 572 7.69 24.12 4.90
N ARG A 573 7.20 22.97 5.39
CA ARG A 573 7.64 22.39 6.68
C ARG A 573 7.80 20.87 6.52
N TRP A 574 9.01 20.37 6.72
CA TRP A 574 9.29 18.91 6.77
C TRP A 574 8.33 18.24 7.78
N ARG A 575 7.53 17.32 7.26
CA ARG A 575 6.81 16.37 8.15
C ARG A 575 7.86 15.42 8.71
N GLY A 576 7.67 14.99 9.97
CA GLY A 576 8.36 13.85 10.59
C GLY A 576 9.28 14.26 11.73
N ARG A 577 9.13 15.48 12.23
CA ARG A 577 10.19 16.06 13.09
C ARG A 577 9.86 15.69 14.54
N THR A 578 10.89 15.29 15.28
CA THR A 578 10.85 15.07 16.75
C THR A 578 11.53 16.22 17.50
N VAL A 579 11.47 16.21 18.82
CA VAL A 579 12.03 17.27 19.71
C VAL A 579 13.47 17.56 19.26
N SER A 580 14.27 16.55 18.96
CA SER A 580 15.74 16.71 18.75
C SER A 580 16.14 16.44 17.29
N HIS A 581 15.28 15.83 16.47
CA HIS A 581 15.65 15.34 15.12
C HIS A 581 14.75 15.94 14.05
N CYS A 582 15.25 16.05 12.82
CA CYS A 582 14.45 16.16 11.56
C CYS A 582 15.05 15.25 10.48
N LEU A 583 14.77 13.94 10.59
CA LEU A 583 15.39 12.87 9.76
C LEU A 583 15.06 13.09 8.29
N THR A 584 13.88 13.62 7.94
CA THR A 584 13.45 13.67 6.52
C THR A 584 14.27 14.71 5.76
N SER A 585 14.74 15.76 6.43
CA SER A 585 15.58 16.83 5.80
C SER A 585 16.94 16.25 5.37
N GLY A 586 17.36 15.18 6.03
CA GLY A 586 18.67 14.52 5.82
C GLY A 586 19.75 15.05 6.77
N LEU A 587 19.47 16.16 7.46
CA LEU A 587 20.41 16.73 8.44
C LEU A 587 19.94 16.37 9.84
N ASP A 588 20.15 15.11 10.19
CA ASP A 588 19.47 14.41 11.29
C ASP A 588 19.25 15.38 12.44
N ASP A 589 20.30 15.91 13.06
CA ASP A 589 20.19 16.57 14.39
C ASP A 589 20.55 18.04 14.27
N TYR A 590 20.55 18.59 13.05
CA TYR A 590 20.79 20.03 12.88
C TYR A 590 19.70 20.71 13.71
N PRO A 591 20.09 21.73 14.49
CA PRO A 591 19.15 22.41 15.39
C PRO A 591 18.08 23.16 14.61
N ARG A 592 16.84 22.98 15.05
CA ARG A 592 15.61 23.54 14.42
C ARG A 592 14.81 24.25 15.52
N PRO A 593 13.72 24.97 15.19
CA PRO A 593 12.93 25.61 16.24
C PRO A 593 12.55 24.66 17.39
N GLN A 594 12.60 25.19 18.62
CA GLN A 594 12.19 24.48 19.86
C GLN A 594 11.09 25.30 20.50
N PRO A 595 9.92 24.67 20.81
CA PRO A 595 9.68 23.28 20.46
C PRO A 595 9.33 23.18 18.98
N PRO A 596 9.24 21.97 18.40
CA PRO A 596 8.70 21.83 17.05
C PRO A 596 7.26 22.35 17.06
N HIS A 597 6.72 22.73 15.93
CA HIS A 597 5.47 23.53 15.89
C HIS A 597 4.92 23.44 14.47
N PRO A 598 3.59 23.29 14.34
CA PRO A 598 2.94 23.19 13.04
C PRO A 598 3.15 24.46 12.21
N GLY A 599 3.53 25.54 12.90
CA GLY A 599 3.89 26.84 12.31
C GLY A 599 5.34 26.94 11.84
N GLU A 600 6.19 25.95 12.14
CA GLU A 600 7.58 25.96 11.62
C GLU A 600 7.57 26.14 10.10
N LEU A 601 8.59 26.82 9.59
CA LEU A 601 8.92 26.85 8.15
C LEU A 601 10.42 26.55 8.02
N HIS A 602 10.80 25.79 6.99
CA HIS A 602 12.15 25.20 6.86
C HIS A 602 12.77 25.73 5.57
N VAL A 603 13.89 26.46 5.67
CA VAL A 603 14.41 27.20 4.48
C VAL A 603 15.04 26.19 3.51
N ASP A 604 15.58 25.09 4.06
CA ASP A 604 16.15 24.01 3.21
C ASP A 604 15.07 23.39 2.30
N LEU A 605 13.89 23.06 2.86
CA LEU A 605 12.76 22.48 2.09
C LEU A 605 12.29 23.46 1.01
N MET A 606 12.08 24.74 1.34
CA MET A 606 11.64 25.71 0.31
C MET A 606 12.69 25.75 -0.79
N SER A 607 13.98 25.76 -0.42
CA SER A 607 15.09 25.81 -1.42
C SER A 607 15.03 24.58 -2.31
N TRP A 608 14.73 23.40 -1.77
CA TRP A 608 14.63 22.17 -2.60
C TRP A 608 13.46 22.28 -3.60
N VAL A 609 12.30 22.76 -3.15
CA VAL A 609 11.16 23.01 -4.09
C VAL A 609 11.65 23.93 -5.22
N GLY A 610 12.43 24.97 -4.89
CA GLY A 610 13.12 25.82 -5.87
C GLY A 610 13.92 25.02 -6.88
N VAL A 611 14.76 24.09 -6.41
CA VAL A 611 15.56 23.21 -7.33
C VAL A 611 14.58 22.52 -8.29
N MET A 612 13.50 21.97 -7.74
CA MET A 612 12.48 21.21 -8.52
C MET A 612 11.87 22.11 -9.60
N VAL A 613 11.40 23.34 -9.29
CA VAL A 613 10.71 24.18 -10.32
C VAL A 613 11.70 24.47 -11.44
N LYS A 614 12.96 24.73 -11.12
CA LYS A 614 13.94 25.14 -12.15
C LYS A 614 14.19 23.99 -13.12
N SER A 615 14.09 22.75 -12.64
CA SER A 615 14.26 21.51 -13.46
C SER A 615 13.01 21.33 -14.33
N LEU A 616 11.86 21.51 -13.68
CA LEU A 616 10.53 21.44 -14.32
C LEU A 616 10.45 22.50 -15.43
N ILE A 617 10.98 23.72 -15.22
CA ILE A 617 11.07 24.77 -16.28
C ILE A 617 11.82 24.21 -17.48
N SER A 618 13.08 23.78 -17.32
CA SER A 618 13.96 23.30 -18.42
C SER A 618 13.38 22.07 -19.12
N ILE A 619 12.79 21.13 -18.38
CA ILE A 619 12.29 19.84 -18.95
C ILE A 619 10.93 20.11 -19.62
N GLY A 620 10.05 20.87 -18.98
CA GLY A 620 8.81 21.42 -19.57
C GLY A 620 9.07 22.19 -20.86
N SER A 621 10.03 23.11 -20.87
CA SER A 621 10.42 23.88 -22.08
C SER A 621 10.77 22.89 -23.20
N LEU A 622 11.69 21.97 -22.92
CA LEU A 622 12.18 20.95 -23.89
C LEU A 622 11.02 20.12 -24.46
N LEU A 623 9.98 19.88 -23.68
CA LEU A 623 8.79 19.08 -24.09
C LEU A 623 7.65 20.01 -24.54
N GLY A 624 7.93 21.29 -24.78
CA GLY A 624 6.93 22.34 -25.05
C GLY A 624 5.69 22.25 -24.17
N ALA A 625 5.82 21.97 -22.87
CA ALA A 625 4.67 21.91 -21.94
C ALA A 625 4.35 23.32 -21.41
N THR A 626 3.78 24.14 -22.29
CA THR A 626 3.65 25.61 -22.16
C THR A 626 2.82 26.00 -20.94
N GLU A 627 1.65 25.37 -20.74
CA GLU A 627 0.73 25.67 -19.60
C GLU A 627 1.50 25.49 -18.28
N ASP A 628 2.32 24.44 -18.19
CA ASP A 628 3.08 24.06 -16.96
C ASP A 628 4.22 25.05 -16.74
N VAL A 629 4.99 25.30 -17.81
CA VAL A 629 6.21 26.16 -17.78
C VAL A 629 5.83 27.55 -17.28
N GLU A 630 4.60 28.00 -17.52
CA GLU A 630 4.10 29.34 -17.09
C GLU A 630 3.67 29.29 -15.62
N PHE A 631 3.10 28.16 -15.18
CA PHE A 631 2.76 27.89 -13.75
C PHE A 631 4.05 27.86 -12.91
N TYR A 632 5.01 27.00 -13.27
CA TYR A 632 6.32 26.86 -12.58
C TYR A 632 7.03 28.22 -12.44
N THR A 633 7.09 28.99 -13.54
CA THR A 633 7.70 30.34 -13.62
C THR A 633 7.12 31.25 -12.52
N LYS A 634 5.80 31.19 -12.32
CA LYS A 634 5.12 32.02 -11.29
C LYS A 634 5.44 31.42 -9.91
N VAL A 635 5.58 30.10 -9.79
CA VAL A 635 5.97 29.44 -8.50
C VAL A 635 7.42 29.80 -8.18
N LEU A 636 8.31 29.86 -9.17
CA LEU A 636 9.76 30.18 -8.93
C LEU A 636 9.83 31.61 -8.38
N ASP A 637 9.26 32.58 -9.11
CA ASP A 637 9.15 34.01 -8.72
C ASP A 637 8.63 34.14 -7.28
N ALA A 638 7.62 33.39 -6.85
CA ALA A 638 7.04 33.49 -5.48
C ALA A 638 8.05 32.97 -4.44
N ILE A 639 8.80 31.91 -4.78
CA ILE A 639 9.82 31.34 -3.85
C ILE A 639 10.95 32.36 -3.68
N GLU A 640 11.42 32.96 -4.77
CA GLU A 640 12.51 33.98 -4.73
C GLU A 640 12.09 35.08 -3.74
N HIS A 641 10.89 35.61 -3.89
CA HIS A 641 10.37 36.68 -2.99
C HIS A 641 10.23 36.07 -1.60
N ASN A 642 9.57 34.92 -1.43
CA ASN A 642 9.18 34.43 -0.08
C ASN A 642 10.39 33.90 0.71
N LEU A 643 11.43 33.43 0.02
CA LEU A 643 12.73 33.08 0.68
C LEU A 643 13.22 34.31 1.44
N ASP A 644 13.14 35.50 0.83
CA ASP A 644 13.56 36.76 1.51
C ASP A 644 12.53 37.07 2.61
N ASP A 645 11.22 37.06 2.30
CA ASP A 645 10.19 37.60 3.23
C ASP A 645 10.05 36.73 4.48
N LEU A 646 10.13 35.40 4.38
CA LEU A 646 9.90 34.52 5.57
C LEU A 646 11.22 34.04 6.21
N HIS A 647 12.35 34.14 5.49
CA HIS A 647 13.56 33.40 5.92
C HIS A 647 14.81 34.26 6.02
N TRP A 648 14.89 35.46 5.42
CA TRP A 648 16.12 36.30 5.51
C TRP A 648 16.19 37.01 6.86
N SER A 649 17.31 36.90 7.57
CA SER A 649 17.63 37.71 8.79
C SER A 649 18.62 38.80 8.39
N GLU A 650 18.19 40.06 8.39
CA GLU A 650 19.10 41.23 8.24
C GLU A 650 19.97 41.31 9.50
N LYS A 651 19.43 41.08 10.71
CA LYS A 651 20.23 41.15 11.96
C LYS A 651 21.42 40.17 11.90
N GLU A 652 21.27 38.96 11.35
CA GLU A 652 22.27 37.87 11.47
C GLU A 652 23.05 37.71 10.16
N GLY A 653 22.55 38.26 9.07
CA GLY A 653 23.22 38.16 7.76
C GLY A 653 23.10 36.81 7.07
N CYS A 654 22.04 36.03 7.30
CA CYS A 654 21.87 34.70 6.66
C CYS A 654 20.40 34.30 6.58
N TYR A 655 20.11 33.16 5.93
CA TYR A 655 18.75 32.57 5.96
C TYR A 655 18.58 31.78 7.27
N CYS A 656 17.35 31.70 7.72
CA CYS A 656 16.96 30.99 8.96
C CYS A 656 15.63 30.26 8.78
N ASP A 657 15.46 29.13 9.46
CA ASP A 657 14.15 28.47 9.63
C ASP A 657 13.30 29.48 10.41
N ALA A 658 12.00 29.21 10.59
CA ALA A 658 11.07 30.06 11.38
C ALA A 658 10.05 29.20 12.14
N THR A 659 9.58 29.67 13.31
CA THR A 659 8.47 29.07 14.08
C THR A 659 7.36 30.13 14.21
N ILE A 660 6.48 29.83 15.15
CA ILE A 660 5.52 30.76 15.81
C ILE A 660 5.81 30.73 17.32
N ASP A 661 5.86 31.95 17.89
CA ASP A 661 6.11 32.36 19.31
C ASP A 661 5.07 31.83 20.30
N GLU A 662 5.39 31.91 21.60
CA GLU A 662 4.41 31.84 22.72
C GLU A 662 3.30 32.88 22.53
N PHE A 663 3.48 33.90 21.68
CA PHE A 663 2.59 35.08 21.44
C PHE A 663 2.16 35.09 19.97
N GLU A 664 2.16 33.92 19.32
CA GLU A 664 1.54 33.63 18.00
C GLU A 664 2.10 34.51 16.85
N GLU A 665 3.35 34.99 16.93
CA GLU A 665 3.97 35.75 15.80
C GLU A 665 5.16 34.97 15.20
N HIS A 666 5.41 35.21 13.91
CA HIS A 666 6.63 34.81 13.15
C HIS A 666 7.89 35.16 13.95
N LYS A 667 8.75 34.19 14.21
CA LYS A 667 10.09 34.39 14.83
C LYS A 667 11.05 33.63 13.92
N LEU A 668 12.15 34.26 13.52
CA LEU A 668 13.31 33.57 12.91
C LEU A 668 14.06 32.84 14.03
N VAL A 669 14.47 31.61 13.77
CA VAL A 669 15.39 30.83 14.66
C VAL A 669 16.67 30.59 13.86
N CYS A 670 17.73 31.32 14.19
CA CYS A 670 19.00 31.36 13.41
C CYS A 670 20.04 30.49 14.08
N HIS A 671 20.53 29.54 13.32
CA HIS A 671 21.56 28.55 13.74
C HIS A 671 22.53 28.50 12.55
N LYS A 672 23.64 29.21 12.66
CA LYS A 672 24.50 29.48 11.49
C LYS A 672 25.20 28.17 11.16
N GLY A 673 25.00 27.74 9.91
CA GLY A 673 25.58 26.48 9.43
C GLY A 673 25.02 26.19 8.06
N TYR A 674 25.03 24.92 7.66
CA TYR A 674 24.60 24.48 6.31
C TYR A 674 23.22 25.06 5.98
N ILE A 675 22.28 24.98 6.93
CA ILE A 675 20.85 25.36 6.70
C ILE A 675 20.83 26.82 6.25
N SER A 676 21.64 27.65 6.91
CA SER A 676 21.73 29.13 6.75
C SER A 676 22.11 29.48 5.31
N LEU A 677 22.83 28.59 4.64
CA LEU A 677 23.39 28.81 3.29
C LEU A 677 22.46 28.31 2.18
N PHE A 678 21.30 27.73 2.51
CA PHE A 678 20.62 26.80 1.56
C PHE A 678 20.23 27.47 0.25
N PRO A 679 19.70 28.71 0.24
CA PRO A 679 19.39 29.36 -1.04
C PRO A 679 20.59 29.43 -1.98
N PHE A 680 21.79 29.67 -1.43
CA PHE A 680 23.08 29.64 -2.18
C PHE A 680 23.46 28.21 -2.59
N LEU A 681 23.38 27.22 -1.69
CA LEU A 681 23.84 25.85 -2.02
C LEU A 681 23.01 25.30 -3.20
N THR A 682 21.76 25.76 -3.32
CA THR A 682 20.75 25.21 -4.28
C THR A 682 20.66 26.04 -5.56
N GLY A 683 21.51 27.06 -5.72
CA GLY A 683 21.69 27.78 -7.01
C GLY A 683 20.59 28.78 -7.29
N LEU A 684 19.95 29.32 -6.24
CA LEU A 684 18.71 30.12 -6.36
C LEU A 684 19.00 31.63 -6.40
N LEU A 685 20.19 32.07 -5.96
CA LEU A 685 20.56 33.50 -5.78
C LEU A 685 21.24 34.05 -7.04
N LYS A 686 20.89 35.26 -7.45
CA LYS A 686 21.56 35.94 -8.60
C LYS A 686 22.99 36.27 -8.15
N PRO A 687 23.97 36.22 -9.08
CA PRO A 687 25.37 36.45 -8.74
C PRO A 687 25.73 37.85 -8.20
N ASP A 688 24.81 38.80 -8.26
CA ASP A 688 25.02 40.23 -7.86
C ASP A 688 24.28 40.43 -6.53
N SER A 689 23.62 39.40 -6.01
CA SER A 689 22.77 39.52 -4.80
C SER A 689 23.62 39.97 -3.62
N PRO A 690 23.26 41.05 -2.91
CA PRO A 690 23.93 41.39 -1.65
C PRO A 690 23.78 40.29 -0.60
N LYS A 691 22.71 39.51 -0.66
CA LYS A 691 22.47 38.42 0.31
C LYS A 691 23.58 37.39 0.12
N LEU A 692 23.84 36.98 -1.13
CA LEU A 692 24.97 36.11 -1.51
C LEU A 692 26.27 36.63 -0.87
N GLY A 693 26.54 37.94 -0.98
CA GLY A 693 27.78 38.59 -0.51
C GLY A 693 27.95 38.38 0.99
N LYS A 694 26.86 38.39 1.75
CA LYS A 694 26.91 38.21 3.22
C LYS A 694 27.13 36.72 3.52
N LEU A 695 26.59 35.81 2.69
CA LEU A 695 26.76 34.35 2.86
C LEU A 695 28.20 33.99 2.51
N LEU A 696 28.79 34.70 1.54
CA LEU A 696 30.21 34.46 1.20
C LEU A 696 31.08 34.83 2.41
N ALA A 697 30.71 35.89 3.14
CA ALA A 697 31.43 36.32 4.36
C ALA A 697 31.33 35.23 5.45
N LEU A 698 30.12 34.76 5.72
CA LEU A 698 29.85 33.67 6.70
C LEU A 698 30.60 32.40 6.30
N ILE A 699 30.56 32.05 5.01
CA ILE A 699 31.22 30.79 4.53
C ILE A 699 32.73 30.88 4.78
N GLY A 700 33.36 32.04 4.49
CA GLY A 700 34.82 32.23 4.60
C GLY A 700 35.30 32.45 6.03
N ASP A 701 34.39 32.80 6.93
CA ASP A 701 34.69 33.23 8.33
C ASP A 701 35.17 32.01 9.16
N GLU A 702 36.46 32.00 9.51
CA GLU A 702 37.08 30.89 10.29
C GLU A 702 36.40 30.72 11.66
N SER A 703 35.91 31.81 12.26
CA SER A 703 35.31 31.81 13.61
C SER A 703 33.91 31.19 13.56
N GLU A 704 33.32 31.08 12.36
CA GLU A 704 31.95 30.50 12.16
C GLU A 704 32.06 29.13 11.48
N LEU A 705 32.05 29.05 10.14
CA LEU A 705 31.97 27.78 9.37
C LEU A 705 33.32 27.27 8.83
N TRP A 706 34.34 28.11 8.64
CA TRP A 706 35.51 27.77 7.77
C TRP A 706 36.61 27.13 8.64
N SER A 707 36.78 25.80 8.54
CA SER A 707 37.83 25.02 9.24
C SER A 707 38.91 24.77 8.21
N PRO A 708 40.10 24.35 8.64
CA PRO A 708 41.14 24.00 7.68
C PRO A 708 40.72 22.82 6.80
N TYR A 709 39.69 22.08 7.20
CA TYR A 709 39.34 20.75 6.63
C TYR A 709 38.07 20.82 5.77
N GLY A 710 37.45 22.00 5.65
CA GLY A 710 36.18 22.15 4.94
C GLY A 710 35.19 22.92 5.79
N LEU A 711 34.00 23.17 5.27
CA LEU A 711 32.94 23.88 6.02
C LEU A 711 32.32 23.00 7.10
N ARG A 712 32.27 23.52 8.32
CA ARG A 712 31.57 22.93 9.50
C ARG A 712 30.05 22.94 9.28
N SER A 713 29.39 21.82 9.57
CA SER A 713 27.92 21.69 9.51
C SER A 713 27.29 22.81 10.33
N LEU A 714 27.92 23.17 11.46
CA LEU A 714 27.37 24.19 12.39
C LEU A 714 28.49 25.12 12.89
N SER A 715 28.21 26.43 13.03
CA SER A 715 29.17 27.46 13.52
C SER A 715 29.65 27.16 14.93
N LYS A 716 30.95 27.37 15.19
CA LYS A 716 31.55 27.27 16.55
C LYS A 716 30.86 28.26 17.51
N LYS A 717 30.21 29.29 16.98
CA LYS A 717 29.50 30.33 17.79
C LYS A 717 28.11 29.82 18.19
N ASP A 718 27.46 28.97 17.41
CA ASP A 718 26.09 28.50 17.77
C ASP A 718 26.12 27.83 19.14
N GLU A 719 25.07 28.07 19.94
CA GLU A 719 24.89 27.44 21.28
C GLU A 719 24.88 25.92 21.16
N PHE A 720 24.46 25.35 20.02
CA PHE A 720 24.37 23.88 19.84
C PHE A 720 25.62 23.25 19.20
N TYR A 721 26.72 23.98 18.96
CA TYR A 721 27.98 23.40 18.45
C TYR A 721 28.50 22.29 19.39
N GLY A 722 28.86 21.13 18.83
CA GLY A 722 29.42 20.00 19.59
C GLY A 722 28.50 19.51 20.70
N THR A 723 27.19 19.67 20.57
CA THR A 723 26.22 19.20 21.60
C THR A 723 25.57 17.88 21.15
N ALA A 724 25.11 17.10 22.13
CA ALA A 724 24.24 15.92 21.93
C ALA A 724 25.01 14.95 21.04
N GLU A 725 24.39 14.42 19.99
CA GLU A 725 25.04 13.34 19.22
C GLU A 725 26.03 14.01 18.26
N ASN A 726 25.91 15.32 18.06
CA ASN A 726 26.96 16.09 17.34
C ASN A 726 27.18 15.48 15.95
N TYR A 727 26.10 15.24 15.22
CA TYR A 727 26.17 14.52 13.93
C TYR A 727 26.31 15.55 12.81
N TRP A 728 25.37 16.51 12.80
CA TRP A 728 25.34 17.66 11.87
C TRP A 728 25.51 18.94 12.68
N ARG A 729 26.10 18.85 13.87
CA ARG A 729 26.32 20.02 14.75
C ARG A 729 27.79 20.41 14.84
N SER A 730 28.60 20.11 13.83
CA SER A 730 30.02 20.59 13.73
C SER A 730 30.76 19.84 12.64
N PRO A 731 30.64 18.50 12.50
CA PRO A 731 31.43 17.80 11.49
C PRO A 731 31.26 18.34 10.06
N VAL A 732 32.29 18.09 9.25
CA VAL A 732 32.43 18.44 7.81
C VAL A 732 31.84 17.26 7.03
N TRP A 733 30.83 17.58 6.22
CA TRP A 733 30.13 16.59 5.38
C TRP A 733 30.48 16.90 3.93
N ILE A 734 30.92 15.88 3.21
CA ILE A 734 31.39 16.11 1.82
C ILE A 734 30.22 16.51 0.90
N ASN A 735 28.99 16.03 1.14
CA ASN A 735 27.89 16.28 0.16
C ASN A 735 27.57 17.79 0.13
N ILE A 736 27.44 18.42 1.31
CA ILE A 736 27.08 19.86 1.40
C ILE A 736 28.29 20.71 0.96
N ASN A 737 29.52 20.30 1.32
CA ASN A 737 30.74 20.98 0.82
C ASN A 737 30.77 20.94 -0.71
N TYR A 738 30.35 19.83 -1.33
CA TYR A 738 30.38 19.69 -2.81
C TYR A 738 29.42 20.71 -3.44
N LEU A 739 28.23 20.91 -2.86
CA LEU A 739 27.27 21.91 -3.38
C LEU A 739 27.89 23.31 -3.27
N ALA A 740 28.44 23.64 -2.11
CA ALA A 740 29.21 24.88 -1.85
C ALA A 740 30.29 25.07 -2.92
N ILE A 741 31.11 24.07 -3.14
CA ILE A 741 32.27 24.15 -4.07
C ILE A 741 31.76 24.44 -5.49
N VAL A 742 30.65 23.82 -5.87
CA VAL A 742 30.03 23.94 -7.23
C VAL A 742 29.51 25.38 -7.41
N GLN A 743 28.85 25.94 -6.39
CA GLN A 743 28.25 27.29 -6.49
C GLN A 743 29.33 28.38 -6.41
N LEU A 744 30.45 28.14 -5.72
CA LEU A 744 31.55 29.13 -5.63
C LEU A 744 32.20 29.22 -7.02
N TYR A 745 32.36 28.09 -7.69
CA TYR A 745 32.89 28.01 -9.06
C TYR A 745 31.95 28.75 -10.04
N ASN A 746 30.63 28.61 -9.87
CA ASN A 746 29.62 29.21 -10.77
C ASN A 746 29.80 30.73 -10.75
N ILE A 747 29.87 31.29 -9.55
CA ILE A 747 30.09 32.73 -9.28
C ILE A 747 31.49 33.10 -9.77
N ALA A 748 32.49 32.25 -9.56
CA ALA A 748 33.89 32.58 -9.91
C ALA A 748 34.09 32.68 -11.44
N THR A 749 33.21 32.07 -12.27
CA THR A 749 33.42 31.99 -13.74
C THR A 749 32.39 32.89 -14.44
N GLN A 750 32.12 34.05 -13.87
CA GLN A 750 31.04 34.99 -14.26
C GLN A 750 31.36 36.42 -13.83
N ASP A 751 31.20 37.40 -14.73
CA ASP A 751 31.24 38.86 -14.41
C ASP A 751 30.32 39.06 -13.18
N GLY A 752 30.83 39.71 -12.13
CA GLY A 752 30.02 40.15 -10.96
C GLY A 752 30.88 40.69 -9.81
N PRO A 753 30.29 41.35 -8.80
CA PRO A 753 31.05 41.90 -7.66
C PRO A 753 31.79 40.93 -6.72
N TYR A 754 31.50 39.62 -6.77
CA TYR A 754 31.97 38.60 -5.79
C TYR A 754 32.90 37.59 -6.49
N LYS A 755 33.03 37.71 -7.82
CA LYS A 755 33.83 36.82 -8.70
C LYS A 755 35.16 36.45 -8.03
N GLU A 756 35.94 37.44 -7.60
CA GLU A 756 37.31 37.22 -7.05
C GLU A 756 37.21 36.54 -5.67
N THR A 757 36.29 36.95 -4.76
CA THR A 757 36.08 36.32 -3.42
C THR A 757 35.72 34.85 -3.60
N ALA A 758 34.81 34.57 -4.53
CA ALA A 758 34.36 33.21 -4.93
C ALA A 758 35.55 32.40 -5.46
N ARG A 759 36.36 32.96 -6.37
CA ARG A 759 37.51 32.25 -6.95
C ARG A 759 38.44 31.82 -5.80
N ASP A 760 38.78 32.72 -4.87
CA ASP A 760 39.65 32.41 -3.71
C ASP A 760 38.99 31.30 -2.84
N LEU A 761 37.72 31.44 -2.44
CA LEU A 761 37.06 30.42 -1.59
C LEU A 761 36.97 29.07 -2.33
N TYR A 762 36.62 29.10 -3.62
CA TYR A 762 36.51 27.89 -4.46
C TYR A 762 37.86 27.15 -4.35
N THR A 763 38.95 27.85 -4.69
CA THR A 763 40.33 27.30 -4.79
C THR A 763 40.68 26.57 -3.47
N ARG A 764 40.50 27.27 -2.36
CA ARG A 764 40.90 26.83 -1.00
C ARG A 764 39.97 25.72 -0.50
N LEU A 765 38.67 25.86 -0.74
CA LEU A 765 37.70 24.88 -0.21
C LEU A 765 37.90 23.57 -0.97
N ARG A 766 38.00 23.60 -2.30
CA ARG A 766 38.34 22.41 -3.13
C ARG A 766 39.56 21.67 -2.59
N LYS A 767 40.60 22.45 -2.29
CA LYS A 767 41.90 21.94 -1.77
C LYS A 767 41.70 21.30 -0.39
N ASN A 768 41.08 22.03 0.54
CA ASN A 768 40.80 21.58 1.92
C ASN A 768 40.02 20.24 1.87
N ILE A 769 38.89 20.20 1.19
CA ILE A 769 38.00 19.00 1.10
C ILE A 769 38.78 17.86 0.44
N VAL A 770 39.37 18.09 -0.73
CA VAL A 770 40.05 16.95 -1.40
C VAL A 770 41.18 16.44 -0.50
N GLU A 771 42.02 17.34 0.01
CA GLU A 771 43.23 16.93 0.76
C GLU A 771 42.76 16.24 2.05
N THR A 772 41.65 16.69 2.65
CA THR A 772 41.21 16.08 3.92
C THR A 772 40.83 14.61 3.64
N VAL A 773 40.00 14.38 2.63
CA VAL A 773 39.55 13.01 2.27
C VAL A 773 40.76 12.19 1.79
N TYR A 774 41.62 12.77 0.94
CA TYR A 774 42.87 12.07 0.49
C TYR A 774 43.76 11.65 1.67
N ARG A 775 44.04 12.53 2.64
CA ARG A 775 44.92 12.21 3.80
C ARG A 775 44.34 11.03 4.60
N ASN A 776 43.04 11.04 4.85
CA ASN A 776 42.35 9.98 5.63
C ASN A 776 42.40 8.66 4.84
N TRP A 777 42.17 8.73 3.53
CA TRP A 777 42.23 7.52 2.67
C TRP A 777 43.63 6.92 2.76
N GLU A 778 44.68 7.73 2.65
CA GLU A 778 46.09 7.28 2.64
C GLU A 778 46.40 6.66 4.00
N GLU A 779 45.97 7.29 5.11
CA GLU A 779 46.24 6.83 6.49
C GLU A 779 45.42 5.56 6.81
N THR A 780 44.16 5.40 6.37
CA THR A 780 43.26 4.34 6.93
C THR A 780 42.66 3.39 5.88
N GLY A 781 42.82 3.72 4.59
CA GLY A 781 42.21 3.00 3.46
C GLY A 781 40.74 3.35 3.27
N PHE A 782 40.13 4.22 4.07
CA PHE A 782 38.65 4.40 4.04
C PHE A 782 38.25 5.80 3.61
N ALA A 783 37.15 5.85 2.87
CA ALA A 783 36.27 7.01 2.77
C ALA A 783 35.47 7.00 4.07
N TRP A 784 35.29 8.18 4.68
CA TRP A 784 34.40 8.33 5.86
C TRP A 784 33.20 9.22 5.55
N GLU A 785 32.17 9.06 6.38
CA GLU A 785 30.86 9.75 6.40
C GLU A 785 31.10 11.24 6.62
N GLN A 786 32.01 11.55 7.52
CA GLN A 786 32.16 12.94 8.02
C GLN A 786 33.59 13.09 8.53
N TYR A 787 34.07 14.34 8.64
CA TYR A 787 35.46 14.67 9.02
C TYR A 787 35.40 15.73 10.12
N ASN A 788 36.28 15.52 11.10
CA ASN A 788 36.41 16.33 12.33
C ASN A 788 37.06 17.67 11.98
N PRO A 789 36.42 18.83 12.26
CA PRO A 789 37.00 20.11 11.85
C PRO A 789 38.16 20.58 12.73
N GLU A 790 38.34 19.98 13.91
CA GLU A 790 39.47 20.25 14.84
C GLU A 790 40.70 19.43 14.41
N THR A 791 40.55 18.15 14.07
CA THR A 791 41.71 17.24 13.90
C THR A 791 41.86 16.83 12.43
N GLY A 792 40.83 17.02 11.61
CA GLY A 792 40.80 16.50 10.23
C GLY A 792 40.53 15.00 10.16
N LYS A 793 40.29 14.34 11.30
CA LYS A 793 40.12 12.86 11.28
C LYS A 793 38.77 12.50 10.63
N GLY A 794 38.80 11.48 9.79
CA GLY A 794 37.57 10.78 9.38
C GLY A 794 36.96 10.11 10.61
N GLN A 795 35.63 10.16 10.73
CA GLN A 795 34.97 9.53 11.89
C GLN A 795 33.57 9.02 11.47
N ARG A 796 33.02 8.16 12.33
CA ARG A 796 31.71 7.46 12.14
C ARG A 796 31.90 6.42 11.04
N THR A 797 30.98 6.39 10.10
CA THR A 797 30.82 5.24 9.19
C THR A 797 31.98 5.22 8.20
N GLN A 798 32.66 4.07 8.13
CA GLN A 798 33.69 3.74 7.11
C GLN A 798 33.05 3.11 5.85
N HIS A 799 33.87 2.93 4.83
CA HIS A 799 33.45 2.46 3.49
C HIS A 799 32.29 3.33 3.00
N PHE A 800 32.37 4.65 3.22
CA PHE A 800 31.25 5.58 2.92
C PHE A 800 31.43 6.10 1.50
N THR A 801 31.13 5.24 0.52
CA THR A 801 31.14 5.54 -0.92
C THR A 801 29.79 5.16 -1.56
N GLY A 802 28.73 5.93 -1.28
CA GLY A 802 28.76 7.06 -0.36
C GLY A 802 29.12 8.38 -1.05
N TRP A 803 28.48 9.47 -0.63
CA TRP A 803 28.66 10.80 -1.28
C TRP A 803 30.05 11.38 -1.03
N THR A 804 30.84 10.75 -0.16
CA THR A 804 32.24 11.18 0.05
C THR A 804 33.02 11.00 -1.25
N SER A 805 32.64 10.03 -2.08
CA SER A 805 33.26 9.80 -3.39
C SER A 805 33.04 10.99 -4.34
N LEU A 806 32.18 11.98 -4.05
CA LEU A 806 32.06 13.24 -4.86
C LEU A 806 33.44 13.88 -5.11
N VAL A 807 34.40 13.56 -4.24
CA VAL A 807 35.80 14.09 -4.30
CA VAL A 807 35.81 14.09 -4.30
C VAL A 807 36.41 13.85 -5.69
N VAL A 808 36.07 12.74 -6.37
CA VAL A 808 36.54 12.46 -7.77
CA VAL A 808 36.62 12.50 -7.74
C VAL A 808 36.14 13.65 -8.64
N LYS A 809 34.89 14.06 -8.55
CA LYS A 809 34.31 15.17 -9.36
C LYS A 809 34.92 16.50 -8.94
N ILE A 810 35.15 16.73 -7.64
CA ILE A 810 35.77 18.00 -7.17
C ILE A 810 37.16 18.09 -7.79
N MET A 811 37.92 17.00 -7.76
CA MET A 811 39.31 16.98 -8.27
C MET A 811 39.30 17.33 -9.75
N SER A 812 38.29 16.84 -10.49
CA SER A 812 38.22 16.94 -11.97
C SER A 812 37.65 18.30 -12.40
N GLY A 813 36.93 19.01 -11.52
CA GLY A 813 36.42 20.39 -11.73
C GLY A 813 35.70 20.58 -13.06
N HIS A 814 35.75 21.80 -13.62
CA HIS A 814 35.20 22.13 -14.97
C HIS A 814 33.69 21.86 -14.92
N HIS A 815 32.98 22.47 -13.95
CA HIS A 815 31.56 22.20 -13.60
C HIS A 815 30.59 22.75 -14.68
N GLU B 35 -37.81 2.98 30.18
CA GLU B 35 -39.22 3.40 30.49
C GLU B 35 -40.20 2.23 30.28
N SER B 36 -40.68 1.96 29.04
CA SER B 36 -41.79 1.03 28.71
C SER B 36 -41.31 -0.41 28.82
N ILE B 37 -41.82 -1.13 29.83
CA ILE B 37 -41.47 -2.53 30.15
C ILE B 37 -41.53 -3.33 28.86
N LEU B 38 -42.56 -3.12 28.06
CA LEU B 38 -42.81 -3.98 26.87
C LEU B 38 -41.82 -3.61 25.77
N HIS B 39 -41.66 -2.32 25.48
CA HIS B 39 -40.69 -1.84 24.47
C HIS B 39 -39.30 -2.34 24.86
N SER B 40 -38.86 -2.18 26.10
CA SER B 40 -37.57 -2.77 26.55
C SER B 40 -37.52 -4.28 26.27
N GLU B 41 -38.58 -5.01 26.61
CA GLU B 41 -38.52 -6.50 26.52
C GLU B 41 -38.50 -6.89 25.03
N ILE B 42 -39.28 -6.22 24.20
CA ILE B 42 -39.19 -6.51 22.74
C ILE B 42 -37.75 -6.26 22.30
N GLY B 43 -37.14 -5.18 22.79
CA GLY B 43 -35.71 -4.85 22.54
C GLY B 43 -34.76 -5.97 22.94
N ARG B 44 -34.80 -6.49 24.18
CA ARG B 44 -33.91 -7.62 24.60
C ARG B 44 -34.15 -8.78 23.64
N LEU B 45 -35.40 -9.03 23.23
CA LEU B 45 -35.72 -10.24 22.44
C LEU B 45 -35.13 -10.08 21.03
N ASN B 46 -35.26 -8.90 20.47
CA ASN B 46 -34.74 -8.59 19.11
C ASN B 46 -33.21 -8.73 19.13
N ASN B 47 -32.61 -8.20 20.19
CA ASN B 47 -31.15 -8.08 20.39
C ASN B 47 -30.59 -9.52 20.53
N GLN B 48 -31.26 -10.39 21.30
CA GLN B 48 -30.80 -11.80 21.50
C GLN B 48 -31.05 -12.60 20.21
N SER B 49 -32.13 -12.32 19.50
CA SER B 49 -32.45 -12.99 18.23
C SER B 49 -31.36 -12.65 17.21
N LEU B 50 -30.92 -11.39 17.15
CA LEU B 50 -30.03 -10.88 16.06
C LEU B 50 -28.54 -10.88 16.41
N LEU B 51 -28.15 -11.29 17.63
CA LEU B 51 -26.78 -11.09 18.15
C LEU B 51 -25.72 -11.66 17.20
N TRP B 52 -25.90 -12.93 16.81
CA TRP B 52 -24.92 -13.67 15.97
C TRP B 52 -25.35 -13.59 14.52
N GLY B 53 -24.37 -13.49 13.63
CA GLY B 53 -24.54 -13.76 12.21
C GLY B 53 -23.21 -13.80 11.50
N PRO B 54 -23.22 -14.07 10.19
CA PRO B 54 -22.03 -13.93 9.37
C PRO B 54 -21.88 -12.45 8.98
N TYR B 55 -21.81 -11.60 10.00
CA TYR B 55 -21.88 -10.12 9.91
C TYR B 55 -20.53 -9.51 9.51
N ARG B 56 -19.83 -10.13 8.56
CA ARG B 56 -18.52 -9.67 8.03
C ARG B 56 -18.58 -9.86 6.53
N PRO B 57 -19.42 -9.05 5.86
CA PRO B 57 -19.66 -9.23 4.43
C PRO B 57 -18.47 -8.86 3.54
N ASN B 58 -17.50 -8.13 4.10
CA ASN B 58 -16.23 -7.77 3.41
C ASN B 58 -15.45 -9.06 3.11
N ILE B 59 -15.70 -10.15 3.86
CA ILE B 59 -14.99 -11.45 3.58
C ILE B 59 -15.95 -12.54 3.09
N TYR B 60 -15.40 -13.53 2.39
CA TYR B 60 -16.13 -14.69 1.84
C TYR B 60 -16.95 -15.32 2.98
N PHE B 61 -16.36 -15.58 4.14
CA PHE B 61 -17.07 -16.25 5.25
C PHE B 61 -16.40 -16.02 6.60
N GLY B 62 -17.22 -15.54 7.53
CA GLY B 62 -16.79 -15.27 8.90
C GLY B 62 -17.98 -14.83 9.71
N THR B 63 -17.83 -14.87 11.03
CA THR B 63 -18.93 -14.52 11.95
C THR B 63 -18.39 -13.52 12.95
N ARG B 64 -19.31 -12.76 13.52
CA ARG B 64 -19.09 -11.99 14.77
C ARG B 64 -20.47 -11.65 15.32
N PRO B 65 -20.57 -11.42 16.64
CA PRO B 65 -21.80 -10.90 17.24
C PRO B 65 -21.88 -9.38 17.05
N ARG B 66 -23.04 -8.79 17.36
CA ARG B 66 -23.28 -7.31 17.36
C ARG B 66 -22.68 -6.75 18.65
N ILE B 67 -21.36 -6.93 18.82
CA ILE B 67 -20.54 -6.47 19.98
C ILE B 67 -19.20 -6.00 19.43
N GLY B 68 -18.81 -4.77 19.77
CA GLY B 68 -17.59 -4.14 19.23
C GLY B 68 -16.34 -5.01 19.42
N LYS B 69 -16.11 -5.47 20.65
CA LYS B 69 -14.87 -6.17 21.05
C LYS B 69 -15.28 -7.55 21.54
N SER B 70 -15.19 -8.56 20.67
CA SER B 70 -15.62 -9.93 21.04
C SER B 70 -14.95 -10.91 20.07
N LEU B 71 -15.60 -12.08 19.95
CA LEU B 71 -15.09 -13.26 19.21
C LEU B 71 -15.46 -13.10 17.75
N MET B 72 -14.49 -13.13 16.82
CA MET B 72 -14.73 -13.06 15.37
C MET B 72 -14.10 -14.27 14.69
N THR B 73 -14.66 -14.73 13.59
CA THR B 73 -14.08 -15.86 12.83
C THR B 73 -13.93 -15.44 11.38
N GLY B 74 -13.08 -16.14 10.64
CA GLY B 74 -12.98 -15.99 9.19
C GLY B 74 -12.33 -17.21 8.58
N LEU B 75 -12.74 -17.56 7.36
CA LEU B 75 -12.26 -18.70 6.57
C LEU B 75 -11.30 -18.22 5.50
N MET B 76 -10.25 -18.99 5.20
CA MET B 76 -9.40 -18.74 4.01
C MET B 76 -9.15 -20.10 3.38
N TRP B 77 -8.86 -20.12 2.08
CA TRP B 77 -8.55 -21.37 1.36
C TRP B 77 -7.73 -21.01 0.13
N GLY B 78 -6.96 -21.97 -0.38
CA GLY B 78 -6.17 -21.77 -1.60
C GLY B 78 -5.48 -23.06 -1.94
N LYS B 79 -5.38 -23.37 -3.23
CA LYS B 79 -4.63 -24.55 -3.71
C LYS B 79 -3.14 -24.31 -3.41
N ILE B 80 -2.36 -25.36 -3.15
CA ILE B 80 -0.88 -25.21 -3.09
C ILE B 80 -0.22 -26.24 -4.00
N GLU B 81 0.47 -25.74 -5.03
CA GLU B 81 1.26 -26.53 -6.01
C GLU B 81 2.77 -26.27 -5.89
N SER B 82 3.22 -25.16 -5.30
CA SER B 82 4.65 -24.73 -5.31
C SER B 82 5.02 -24.06 -4.00
N TYR B 83 6.31 -23.75 -3.86
CA TYR B 83 6.85 -23.11 -2.63
C TYR B 83 6.43 -21.65 -2.56
N THR B 84 5.84 -21.07 -3.62
CA THR B 84 5.61 -19.59 -3.67
C THR B 84 4.21 -19.21 -4.16
N ASP B 85 3.30 -20.16 -4.44
CA ASP B 85 2.03 -19.89 -5.15
C ASP B 85 0.92 -19.57 -4.13
N PHE B 86 0.97 -20.12 -2.92
CA PHE B 86 -0.15 -20.01 -1.96
C PHE B 86 -0.52 -18.54 -1.73
N GLN B 87 0.48 -17.65 -1.63
CA GLN B 87 0.25 -16.20 -1.38
C GLN B 87 -0.62 -15.60 -2.50
N HIS B 88 -0.62 -16.18 -3.71
CA HIS B 88 -1.40 -15.68 -4.89
C HIS B 88 -2.76 -16.36 -5.02
N THR B 89 -2.96 -17.54 -4.43
CA THR B 89 -4.18 -18.38 -4.56
C THR B 89 -5.12 -18.18 -3.36
N VAL B 90 -4.60 -17.84 -2.19
CA VAL B 90 -5.40 -17.77 -0.95
C VAL B 90 -6.53 -16.73 -1.12
N ARG B 91 -7.71 -17.06 -0.59
CA ARG B 91 -8.94 -16.24 -0.59
C ARG B 91 -9.22 -15.87 0.85
N TYR B 92 -9.56 -14.60 1.10
CA TYR B 92 -10.07 -14.13 2.40
C TYR B 92 -11.09 -13.00 2.19
N THR B 93 -10.67 -11.84 1.68
CA THR B 93 -11.50 -10.66 1.41
C THR B 93 -12.14 -10.82 0.02
N CYS B 94 -13.41 -10.42 -0.07
CA CYS B 94 -14.25 -10.50 -1.29
C CYS B 94 -13.61 -9.65 -2.38
N GLU B 95 -13.49 -10.18 -3.60
CA GLU B 95 -13.03 -9.46 -4.81
C GLU B 95 -13.98 -9.85 -5.95
N GLN B 96 -13.83 -9.26 -7.13
CA GLN B 96 -14.44 -9.85 -8.35
C GLN B 96 -13.50 -9.56 -9.52
N ASN B 97 -13.14 -10.63 -10.23
CA ASN B 97 -12.09 -10.69 -11.27
C ASN B 97 -12.25 -12.05 -11.96
N GLU B 98 -11.58 -12.25 -13.11
CA GLU B 98 -11.66 -13.44 -14.02
C GLU B 98 -11.48 -14.73 -13.21
N GLY B 99 -10.66 -14.72 -12.15
CA GLY B 99 -10.41 -15.93 -11.35
C GLY B 99 -11.56 -16.32 -10.44
N MET B 100 -12.55 -15.44 -10.26
CA MET B 100 -13.78 -15.76 -9.48
C MET B 100 -14.98 -15.73 -10.42
N LYS B 101 -15.68 -16.85 -10.59
CA LYS B 101 -16.89 -16.94 -11.48
C LYS B 101 -17.98 -16.10 -10.84
N GLY B 102 -18.19 -16.36 -9.54
CA GLY B 102 -19.32 -15.80 -8.79
C GLY B 102 -19.32 -16.29 -7.36
N TYR B 103 -20.12 -15.63 -6.55
CA TYR B 103 -20.45 -16.08 -5.18
C TYR B 103 -21.66 -15.26 -4.75
N GLY B 104 -22.32 -15.76 -3.71
CA GLY B 104 -23.31 -14.99 -2.94
C GLY B 104 -24.21 -15.95 -2.21
N TRP B 105 -25.28 -15.43 -1.61
CA TRP B 105 -26.20 -16.24 -0.80
C TRP B 105 -27.34 -16.75 -1.66
N ASP B 106 -27.60 -18.05 -1.61
CA ASP B 106 -28.69 -18.74 -2.38
C ASP B 106 -29.99 -18.46 -1.64
N GLU B 107 -29.86 -18.29 -0.32
CA GLU B 107 -30.99 -18.08 0.62
C GLU B 107 -30.38 -17.59 1.93
N TYR B 108 -31.08 -16.69 2.64
CA TYR B 108 -30.61 -16.12 3.92
C TYR B 108 -31.72 -15.37 4.66
N ASP B 109 -31.66 -15.50 5.98
CA ASP B 109 -32.46 -14.81 7.01
C ASP B 109 -31.52 -14.60 8.19
N PRO B 110 -31.28 -13.34 8.59
CA PRO B 110 -30.38 -13.04 9.70
C PRO B 110 -30.79 -13.71 11.01
N ARG B 111 -32.07 -14.05 11.16
CA ARG B 111 -32.56 -14.73 12.40
C ARG B 111 -32.21 -16.22 12.38
N ARG B 112 -32.20 -16.85 11.20
CA ARG B 112 -32.14 -18.33 11.06
C ARG B 112 -30.79 -18.74 10.47
N GLY B 113 -30.25 -17.90 9.58
CA GLY B 113 -29.02 -18.22 8.85
C GLY B 113 -29.34 -18.45 7.39
N GLY B 114 -28.57 -19.29 6.72
CA GLY B 114 -28.75 -19.51 5.28
C GLY B 114 -27.51 -20.17 4.72
N ILE B 115 -27.30 -20.04 3.41
CA ILE B 115 -26.38 -20.93 2.64
C ILE B 115 -25.78 -20.07 1.54
N GLN B 116 -24.44 -20.05 1.43
CA GLN B 116 -23.68 -19.26 0.41
C GLN B 116 -22.96 -20.23 -0.53
N SER B 117 -22.94 -19.89 -1.81
CA SER B 117 -22.26 -20.62 -2.89
C SER B 117 -21.07 -19.81 -3.40
N ILE B 118 -19.88 -20.39 -3.43
CA ILE B 118 -18.67 -19.70 -3.97
C ILE B 118 -18.15 -20.55 -5.13
N HIS B 119 -17.92 -19.91 -6.28
CA HIS B 119 -17.42 -20.54 -7.52
C HIS B 119 -16.07 -19.91 -7.85
N ASP B 120 -14.99 -20.58 -7.41
CA ASP B 120 -13.60 -20.08 -7.50
C ASP B 120 -12.95 -20.77 -8.71
N ILE B 121 -12.65 -20.03 -9.77
CA ILE B 121 -12.05 -20.62 -11.00
C ILE B 121 -10.59 -20.93 -10.67
N GLN B 122 -9.88 -19.95 -10.10
CA GLN B 122 -8.41 -20.04 -9.87
C GLN B 122 -8.11 -21.29 -9.04
N ASN B 123 -8.86 -21.56 -7.97
CA ASN B 123 -8.60 -22.68 -7.03
C ASN B 123 -9.43 -23.92 -7.44
N GLY B 124 -10.12 -23.84 -8.57
CA GLY B 124 -10.88 -24.97 -9.16
C GLY B 124 -11.86 -25.61 -8.19
N LEU B 125 -12.49 -24.79 -7.35
CA LEU B 125 -13.36 -25.26 -6.23
C LEU B 125 -14.74 -24.59 -6.29
N ASP B 126 -15.78 -25.37 -6.01
CA ASP B 126 -17.16 -24.86 -5.77
C ASP B 126 -17.41 -25.09 -4.28
N ILE B 127 -17.52 -24.00 -3.52
CA ILE B 127 -17.64 -24.11 -2.04
C ILE B 127 -19.05 -23.68 -1.65
N THR B 128 -19.63 -24.34 -0.64
CA THR B 128 -20.86 -23.85 0.02
C THR B 128 -20.51 -23.68 1.49
N THR B 129 -21.02 -22.61 2.09
CA THR B 129 -20.86 -22.29 3.52
C THR B 129 -22.30 -22.19 4.02
N SER B 130 -22.72 -23.16 4.81
CA SER B 130 -24.10 -23.20 5.34
C SER B 130 -24.00 -22.77 6.81
N PHE B 131 -24.78 -21.76 7.19
CA PHE B 131 -24.75 -21.17 8.55
C PHE B 131 -26.13 -21.26 9.20
N VAL B 132 -26.20 -21.71 10.45
CA VAL B 132 -27.49 -21.84 11.20
C VAL B 132 -27.30 -21.32 12.63
N LYS B 133 -28.35 -20.65 13.10
CA LYS B 133 -28.49 -20.12 14.49
C LYS B 133 -29.47 -21.02 15.24
N ILE B 134 -29.15 -21.31 16.52
CA ILE B 134 -29.92 -22.19 17.43
C ILE B 134 -30.12 -21.43 18.72
N PRO B 135 -31.35 -20.94 18.98
CA PRO B 135 -31.61 -20.15 20.18
C PRO B 135 -31.57 -21.03 21.43
N GLY B 136 -31.31 -20.41 22.58
CA GLY B 136 -30.90 -21.07 23.82
C GLY B 136 -30.04 -20.15 24.65
N GLY B 137 -30.34 -20.03 25.94
CA GLY B 137 -29.47 -19.32 26.89
C GLY B 137 -29.68 -17.82 26.85
N ALA B 138 -28.75 -17.08 27.47
CA ALA B 138 -28.86 -15.66 27.85
C ALA B 138 -27.88 -14.82 27.04
N HIS B 139 -27.19 -15.39 26.04
CA HIS B 139 -26.03 -14.72 25.37
C HIS B 139 -26.14 -14.81 23.85
N GLY B 140 -27.35 -14.92 23.30
CA GLY B 140 -27.59 -14.78 21.85
C GLY B 140 -27.58 -16.11 21.13
N GLY B 141 -27.58 -17.19 21.91
CA GLY B 141 -27.72 -18.56 21.41
C GLY B 141 -26.42 -19.09 20.81
N SER B 142 -26.56 -20.13 20.01
CA SER B 142 -25.48 -21.00 19.50
C SER B 142 -25.55 -20.92 17.99
N TRP B 143 -24.54 -21.42 17.30
CA TRP B 143 -24.53 -21.40 15.82
C TRP B 143 -23.63 -22.52 15.33
N ALA B 144 -23.82 -22.91 14.07
CA ALA B 144 -23.03 -23.96 13.41
C ALA B 144 -22.91 -23.55 11.97
N ALA B 145 -21.87 -24.06 11.30
CA ALA B 145 -21.60 -23.82 9.88
C ALA B 145 -20.93 -25.07 9.30
N ARG B 146 -21.28 -25.45 8.09
CA ARG B 146 -20.61 -26.55 7.36
C ARG B 146 -19.91 -25.89 6.18
N ILE B 147 -18.62 -26.17 6.02
CA ILE B 147 -17.81 -25.76 4.85
C ILE B 147 -17.58 -26.99 3.98
N LYS B 148 -18.04 -26.94 2.74
CA LYS B 148 -17.93 -28.06 1.79
C LYS B 148 -17.25 -27.59 0.50
N GLY B 149 -16.12 -28.21 0.18
CA GLY B 149 -15.38 -27.96 -1.05
C GLY B 149 -15.44 -29.15 -1.99
N THR B 150 -15.74 -28.86 -3.25
CA THR B 150 -15.94 -29.85 -4.33
C THR B 150 -15.12 -29.35 -5.51
N LEU B 151 -14.13 -30.11 -5.97
CA LEU B 151 -13.31 -29.70 -7.13
C LEU B 151 -14.16 -29.70 -8.40
N ASN B 152 -14.04 -28.67 -9.24
CA ASN B 152 -14.74 -28.58 -10.55
C ASN B 152 -14.07 -29.61 -11.50
N ASP B 153 -14.59 -29.81 -12.71
CA ASP B 153 -14.10 -30.87 -13.64
C ASP B 153 -12.70 -30.55 -14.16
N ASP B 154 -12.30 -29.26 -14.23
CA ASP B 154 -10.99 -28.79 -14.77
C ASP B 154 -9.87 -28.94 -13.73
N ALA B 155 -10.18 -29.11 -12.46
CA ALA B 155 -9.16 -29.17 -11.39
C ALA B 155 -8.48 -30.53 -11.44
N PRO B 156 -7.17 -30.62 -11.17
CA PRO B 156 -6.53 -31.91 -10.92
C PRO B 156 -7.20 -32.64 -9.76
N LYS B 157 -7.54 -33.92 -9.94
CA LYS B 157 -8.37 -34.73 -8.99
C LYS B 157 -7.62 -34.88 -7.65
N ASP B 158 -6.30 -34.71 -7.65
CA ASP B 158 -5.42 -34.82 -6.46
C ASP B 158 -5.01 -33.42 -5.96
N GLN B 159 -5.69 -32.34 -6.36
CA GLN B 159 -5.27 -30.97 -5.97
C GLN B 159 -5.13 -30.90 -4.44
N LYS B 160 -4.08 -30.26 -3.93
CA LYS B 160 -3.93 -30.07 -2.47
C LYS B 160 -4.45 -28.68 -2.12
N THR B 161 -5.45 -28.59 -1.23
CA THR B 161 -6.12 -27.31 -0.86
C THR B 161 -5.86 -27.08 0.62
N ILE B 162 -5.29 -25.92 0.96
CA ILE B 162 -5.13 -25.47 2.37
C ILE B 162 -6.42 -24.75 2.75
N VAL B 163 -6.94 -25.08 3.92
CA VAL B 163 -8.11 -24.38 4.50
C VAL B 163 -7.72 -23.91 5.89
N VAL B 164 -8.05 -22.66 6.21
CA VAL B 164 -7.74 -22.07 7.54
C VAL B 164 -9.04 -21.51 8.13
N PHE B 165 -9.29 -21.87 9.38
CA PHE B 165 -10.28 -21.19 10.24
C PHE B 165 -9.49 -20.38 11.28
N TYR B 166 -9.68 -19.07 11.19
CA TYR B 166 -9.04 -18.00 11.98
C TYR B 166 -10.08 -17.49 12.98
N VAL B 167 -9.73 -17.53 14.26
CA VAL B 167 -10.55 -17.15 15.42
C VAL B 167 -9.78 -16.10 16.22
N SER B 168 -10.38 -14.94 16.45
CA SER B 168 -9.79 -13.89 17.30
C SER B 168 -10.82 -13.49 18.35
N GLN B 169 -10.35 -12.99 19.49
CA GLN B 169 -11.21 -12.46 20.57
C GLN B 169 -10.56 -11.20 21.14
N GLU B 170 -11.25 -10.08 20.97
CA GLU B 170 -10.88 -8.77 21.57
C GLU B 170 -11.75 -8.55 22.81
N GLY B 171 -11.22 -7.83 23.80
CA GLY B 171 -11.98 -7.45 25.00
C GLY B 171 -11.21 -7.66 26.27
N GLU B 172 -11.57 -6.87 27.29
CA GLU B 172 -11.15 -7.00 28.71
C GLU B 172 -11.77 -8.28 29.28
N ASN B 173 -11.01 -8.97 30.13
CA ASN B 173 -11.52 -10.07 31.00
C ASN B 173 -12.19 -11.10 30.09
N SER B 174 -11.38 -11.73 29.24
CA SER B 174 -11.79 -12.73 28.23
C SER B 174 -10.71 -13.80 28.08
N GLU B 175 -11.08 -15.07 28.17
CA GLU B 175 -10.13 -16.20 28.00
C GLU B 175 -10.47 -16.85 26.66
N LEU B 176 -9.50 -17.44 25.99
CA LEU B 176 -9.79 -18.40 24.89
C LEU B 176 -8.59 -19.34 24.73
N GLU B 177 -8.85 -20.64 24.67
CA GLU B 177 -7.81 -21.68 24.85
C GLU B 177 -8.15 -22.87 23.95
N ALA B 178 -7.19 -23.34 23.15
CA ALA B 178 -7.33 -24.61 22.42
C ALA B 178 -6.91 -25.75 23.36
N VAL B 179 -7.78 -26.74 23.48
CA VAL B 179 -7.50 -27.96 24.27
C VAL B 179 -6.43 -28.73 23.49
N PRO B 180 -5.27 -29.06 24.12
CA PRO B 180 -4.23 -29.88 23.48
C PRO B 180 -4.77 -31.18 22.87
N SER B 181 -4.16 -31.65 21.79
CA SER B 181 -4.48 -32.99 21.23
C SER B 181 -3.79 -34.07 22.07
N GLU B 182 -4.05 -35.35 21.78
CA GLU B 182 -3.34 -36.53 22.33
C GLU B 182 -2.01 -36.69 21.58
N ASN B 183 -2.02 -36.52 20.26
CA ASN B 183 -0.93 -36.88 19.31
C ASN B 183 0.17 -35.80 19.30
N GLU B 184 1.37 -36.15 18.84
CA GLU B 184 2.59 -35.31 19.01
C GLU B 184 2.43 -34.05 18.15
N PHE B 185 1.99 -34.20 16.90
CA PHE B 185 2.25 -33.22 15.81
C PHE B 185 1.00 -32.43 15.43
N GLY B 186 -0.15 -32.73 16.06
CA GLY B 186 -1.45 -32.13 15.70
C GLY B 186 -2.62 -33.04 16.09
N TYR B 187 -3.72 -32.96 15.35
CA TYR B 187 -5.05 -33.52 15.73
C TYR B 187 -5.47 -34.54 14.68
N GLU B 188 -5.83 -35.73 15.16
CA GLU B 188 -6.53 -36.77 14.37
C GLU B 188 -8.02 -36.36 14.33
N GLY B 189 -8.52 -35.76 15.39
CA GLY B 189 -9.97 -35.52 15.56
C GLY B 189 -10.38 -34.05 15.46
N ASP B 190 -11.29 -33.68 16.35
CA ASP B 190 -11.91 -32.34 16.42
C ASP B 190 -10.92 -31.43 17.14
N VAL B 191 -10.94 -30.15 16.78
CA VAL B 191 -10.28 -29.08 17.57
C VAL B 191 -11.37 -28.41 18.40
N ILE B 192 -11.08 -28.26 19.69
CA ILE B 192 -11.99 -27.63 20.69
C ILE B 192 -11.32 -26.38 21.24
N LEU B 193 -11.96 -25.22 21.10
CA LEU B 193 -11.59 -23.96 21.78
C LEU B 193 -12.58 -23.73 22.92
N LYS B 194 -12.11 -23.49 24.15
CA LYS B 194 -12.93 -23.08 25.32
C LYS B 194 -12.65 -21.61 25.64
N GLY B 195 -13.73 -20.85 25.74
CA GLY B 195 -13.70 -19.38 25.85
C GLY B 195 -14.73 -18.89 26.83
N ARG B 196 -14.57 -17.65 27.26
CA ARG B 196 -15.39 -16.99 28.29
C ARG B 196 -15.22 -15.50 28.03
N SER B 197 -16.30 -14.73 27.94
CA SER B 197 -16.30 -13.25 28.09
C SER B 197 -17.53 -12.83 28.89
N GLU B 198 -17.56 -11.58 29.31
CA GLU B 198 -18.72 -10.92 29.97
C GLU B 198 -19.92 -11.08 29.02
N ALA B 199 -19.74 -10.73 27.74
CA ALA B 199 -20.82 -10.62 26.74
C ALA B 199 -21.33 -12.01 26.32
N LEU B 200 -20.45 -12.98 26.11
CA LEU B 200 -20.88 -14.32 25.64
C LEU B 200 -21.03 -15.35 26.77
N GLY B 201 -20.58 -15.05 28.00
CA GLY B 201 -20.39 -16.05 29.07
C GLY B 201 -19.43 -17.15 28.61
N ASN B 202 -19.64 -18.39 29.07
CA ASN B 202 -18.83 -19.57 28.66
C ASN B 202 -19.37 -20.06 27.32
N TYR B 203 -18.47 -20.61 26.52
CA TYR B 203 -18.80 -21.15 25.19
C TYR B 203 -17.66 -22.07 24.81
N LYS B 204 -17.96 -22.89 23.81
CA LYS B 204 -17.11 -23.94 23.20
C LYS B 204 -17.26 -23.70 21.71
N LEU B 205 -16.15 -23.65 20.98
CA LEU B 205 -16.14 -23.49 19.51
C LEU B 205 -15.31 -24.67 18.99
N VAL B 206 -15.94 -25.53 18.21
CA VAL B 206 -15.34 -26.81 17.75
C VAL B 206 -15.08 -26.70 16.25
N VAL B 207 -13.90 -27.07 15.78
CA VAL B 207 -13.73 -27.30 14.32
C VAL B 207 -13.60 -28.81 14.16
N THR B 208 -14.58 -29.44 13.51
CA THR B 208 -14.67 -30.93 13.39
C THR B 208 -13.53 -31.47 12.52
N LYS B 209 -13.34 -32.78 12.61
CA LYS B 209 -12.29 -33.52 11.86
C LYS B 209 -12.58 -33.28 10.38
N GLY B 210 -13.86 -33.42 10.04
CA GLY B 210 -14.39 -33.32 8.67
C GLY B 210 -14.20 -34.60 7.88
N LYS B 211 -14.30 -34.49 6.56
CA LYS B 211 -14.23 -35.62 5.62
C LYS B 211 -13.36 -35.17 4.46
N GLY B 212 -12.54 -36.08 3.97
CA GLY B 212 -11.71 -35.89 2.78
C GLY B 212 -10.35 -36.49 3.07
N VAL B 213 -9.60 -36.71 2.00
CA VAL B 213 -8.23 -37.28 2.06
C VAL B 213 -7.27 -36.20 2.61
N ILE B 214 -6.56 -36.56 3.67
CA ILE B 214 -5.43 -35.79 4.25
C ILE B 214 -4.14 -36.33 3.65
N PRO B 215 -3.38 -35.55 2.86
CA PRO B 215 -2.15 -36.06 2.24
C PRO B 215 -1.11 -36.37 3.32
N GLN B 216 -0.26 -37.36 3.03
CA GLN B 216 0.77 -37.86 3.97
C GLN B 216 2.12 -37.72 3.30
N SER B 217 3.11 -37.28 4.06
CA SER B 217 4.51 -37.12 3.58
C SER B 217 5.35 -38.20 4.27
N ASP B 218 6.25 -38.82 3.49
CA ASP B 218 7.29 -39.74 4.02
C ASP B 218 8.66 -39.04 3.93
N HIS B 219 8.70 -37.75 3.58
CA HIS B 219 9.91 -36.89 3.70
C HIS B 219 10.41 -36.93 5.15
N ASP B 220 11.72 -36.80 5.32
CA ASP B 220 12.41 -36.74 6.63
C ASP B 220 11.84 -35.59 7.47
N LEU B 221 11.28 -34.56 6.86
CA LEU B 221 10.66 -33.40 7.57
C LEU B 221 9.53 -33.90 8.49
N SER B 222 8.90 -35.03 8.14
CA SER B 222 7.81 -35.67 8.92
C SER B 222 8.30 -36.07 10.32
N ARG B 223 9.60 -36.26 10.55
CA ARG B 223 10.14 -36.59 11.90
C ARG B 223 9.86 -35.42 12.83
N LEU B 224 9.90 -34.22 12.25
CA LEU B 224 9.82 -32.94 13.02
C LEU B 224 8.37 -32.44 13.03
N ARG B 225 7.61 -32.63 11.94
CA ARG B 225 6.32 -31.93 11.71
C ARG B 225 5.14 -32.90 11.67
N GLY B 226 5.39 -34.20 11.91
CA GLY B 226 4.42 -35.29 11.67
C GLY B 226 4.17 -35.46 10.18
N PRO B 227 3.47 -36.55 9.74
CA PRO B 227 3.34 -36.84 8.32
C PRO B 227 2.26 -36.03 7.62
N GLY B 228 1.52 -35.22 8.37
CA GLY B 228 0.41 -34.39 7.85
C GLY B 228 -0.84 -34.58 8.70
N GLN B 229 -1.42 -33.48 9.18
CA GLN B 229 -2.55 -33.55 10.13
C GLN B 229 -3.07 -32.14 10.41
N THR B 230 -4.27 -32.05 10.95
CA THR B 230 -4.84 -30.77 11.42
C THR B 230 -3.89 -30.18 12.45
N VAL B 231 -3.69 -28.86 12.43
CA VAL B 231 -2.81 -28.18 13.43
C VAL B 231 -3.49 -26.90 13.91
N VAL B 232 -3.11 -26.46 15.11
CA VAL B 232 -3.63 -25.22 15.73
C VAL B 232 -2.42 -24.44 16.24
N GLN B 233 -2.36 -23.14 15.92
CA GLN B 233 -1.47 -22.17 16.61
C GLN B 233 -2.33 -21.19 17.40
N SER B 234 -2.08 -21.15 18.70
CA SER B 234 -2.70 -20.19 19.63
C SER B 234 -1.66 -19.11 19.91
N LEU B 235 -1.97 -17.86 19.57
CA LEU B 235 -1.01 -16.73 19.55
C LEU B 235 -1.62 -15.56 20.31
N THR B 236 -0.80 -14.59 20.69
CA THR B 236 -1.20 -13.29 21.31
C THR B 236 -0.64 -12.17 20.42
N TYR B 237 -1.51 -11.25 20.04
CA TYR B 237 -1.26 -10.17 19.07
C TYR B 237 -1.95 -8.96 19.68
N PRO B 238 -1.46 -7.72 19.40
CA PRO B 238 -2.14 -6.53 19.88
C PRO B 238 -3.58 -6.45 19.33
N ASP B 239 -4.49 -5.96 20.16
CA ASP B 239 -5.90 -5.78 19.75
C ASP B 239 -5.98 -5.08 18.40
N GLU B 240 -5.04 -4.18 18.07
CA GLU B 240 -5.22 -3.26 16.90
C GLU B 240 -5.00 -4.01 15.58
N VAL B 241 -4.36 -5.18 15.60
CA VAL B 241 -4.02 -5.93 14.36
C VAL B 241 -4.80 -7.24 14.26
N LEU B 242 -5.74 -7.55 15.17
CA LEU B 242 -6.52 -8.82 15.09
C LEU B 242 -7.21 -8.95 13.73
N TRP B 243 -7.64 -7.85 13.13
CA TRP B 243 -8.39 -7.89 11.84
C TRP B 243 -7.41 -8.24 10.71
N GLN B 244 -6.12 -7.95 10.86
CA GLN B 244 -5.13 -8.17 9.77
C GLN B 244 -4.85 -9.67 9.72
N ALA B 245 -5.84 -10.45 9.31
CA ALA B 245 -5.85 -11.91 9.48
C ALA B 245 -4.90 -12.58 8.47
N LYS B 246 -4.89 -12.13 7.23
CA LYS B 246 -4.00 -12.70 6.18
C LYS B 246 -2.55 -12.36 6.56
N PRO B 247 -2.21 -11.10 6.87
CA PRO B 247 -0.83 -10.78 7.25
C PRO B 247 -0.37 -11.65 8.42
N ILE B 248 -1.27 -11.94 9.37
CA ILE B 248 -0.92 -12.75 10.57
C ILE B 248 -0.65 -14.19 10.11
N LEU B 249 -1.45 -14.74 9.21
CA LEU B 249 -1.27 -16.15 8.81
C LEU B 249 0.07 -16.25 8.06
N PHE B 250 0.38 -15.27 7.23
CA PHE B 250 1.61 -15.28 6.38
C PHE B 250 2.85 -15.04 7.23
N GLN B 251 2.74 -14.27 8.32
CA GLN B 251 3.85 -14.11 9.30
C GLN B 251 4.14 -15.49 9.88
N GLN B 252 3.10 -16.24 10.22
CA GLN B 252 3.22 -17.55 10.90
C GLN B 252 3.79 -18.53 9.87
N LEU B 253 3.37 -18.43 8.61
CA LEU B 253 3.83 -19.38 7.57
C LEU B 253 5.31 -19.12 7.31
N LYS B 254 5.73 -17.85 7.29
CA LYS B 254 7.12 -17.41 7.03
C LYS B 254 7.99 -17.89 8.19
N ALA B 255 7.58 -17.66 9.43
CA ALA B 255 8.29 -18.16 10.62
C ALA B 255 8.55 -19.66 10.47
N GLY B 256 7.51 -20.45 10.20
CA GLY B 256 7.57 -21.92 10.00
C GLY B 256 8.53 -22.30 8.89
N ILE B 257 8.79 -21.41 7.94
CA ILE B 257 9.74 -21.74 6.83
C ILE B 257 11.16 -21.35 7.25
N ASP B 258 11.36 -20.20 7.90
CA ASP B 258 12.68 -19.79 8.42
C ASP B 258 13.19 -20.87 9.38
N TRP B 259 12.28 -21.52 10.13
CA TRP B 259 12.57 -22.56 11.16
C TRP B 259 13.30 -23.75 10.50
N LEU B 260 13.04 -24.01 9.22
CA LEU B 260 13.60 -25.15 8.46
C LEU B 260 15.13 -25.01 8.46
N VAL B 261 15.64 -23.80 8.36
CA VAL B 261 17.11 -23.60 8.14
C VAL B 261 17.85 -23.68 9.47
N GLU B 262 17.13 -23.72 10.61
CA GLU B 262 17.68 -23.80 12.00
C GLU B 262 17.46 -25.19 12.58
N ASN B 263 16.91 -26.17 11.83
CA ASN B 263 16.57 -27.48 12.44
C ASN B 263 17.01 -28.63 11.54
N LYS B 264 17.29 -29.75 12.18
CA LYS B 264 17.99 -30.92 11.61
C LYS B 264 16.99 -31.85 10.91
N TYR B 265 16.98 -31.85 9.58
CA TYR B 265 16.31 -32.90 8.75
C TYR B 265 17.02 -32.93 7.40
N ASP B 266 16.75 -33.96 6.59
CA ASP B 266 17.44 -34.23 5.30
C ASP B 266 16.84 -33.33 4.22
N VAL B 267 17.68 -32.59 3.48
CA VAL B 267 17.25 -31.49 2.57
C VAL B 267 17.66 -31.80 1.14
N ALA B 268 18.00 -33.07 0.88
CA ALA B 268 18.46 -33.56 -0.45
C ALA B 268 17.25 -33.69 -1.38
N ASP B 269 16.09 -34.06 -0.83
CA ASP B 269 14.85 -34.26 -1.64
C ASP B 269 13.91 -33.09 -1.35
N PRO B 270 13.25 -32.51 -2.37
CA PRO B 270 12.24 -31.47 -2.16
C PRO B 270 11.10 -31.97 -1.27
N PRO B 271 10.75 -31.29 -0.17
CA PRO B 271 9.56 -31.67 0.59
C PRO B 271 8.29 -31.25 -0.14
N PRO B 272 7.11 -31.84 0.16
CA PRO B 272 5.85 -31.38 -0.45
C PRO B 272 5.56 -29.92 -0.12
N PRO B 273 5.21 -29.06 -1.10
CA PRO B 273 4.85 -27.67 -0.78
C PRO B 273 3.84 -27.57 0.37
N TRP B 274 2.83 -28.43 0.38
CA TRP B 274 1.77 -28.40 1.42
C TRP B 274 2.38 -28.63 2.80
N GLN B 275 3.38 -29.49 2.97
CA GLN B 275 3.97 -29.76 4.31
C GLN B 275 4.76 -28.55 4.82
N VAL B 276 5.47 -27.88 3.93
CA VAL B 276 6.32 -26.68 4.22
C VAL B 276 5.41 -25.52 4.62
N TYR B 277 4.19 -25.47 4.06
CA TYR B 277 3.15 -24.46 4.41
C TYR B 277 2.18 -25.02 5.43
N LEU B 278 2.48 -26.12 6.12
CA LEU B 278 1.67 -26.65 7.26
C LEU B 278 2.31 -26.14 8.55
N LEU B 279 1.61 -25.30 9.30
CA LEU B 279 2.13 -24.70 10.55
C LEU B 279 2.45 -25.80 11.56
N ALA B 280 3.39 -25.51 12.44
CA ALA B 280 3.71 -26.34 13.61
C ALA B 280 2.55 -26.20 14.59
N ASN B 281 2.13 -27.33 15.13
CA ASN B 281 1.06 -27.40 16.16
C ASN B 281 1.56 -26.75 17.46
N LYS B 282 0.92 -25.67 17.94
CA LYS B 282 1.25 -24.93 19.19
C LYS B 282 -0.04 -24.42 19.86
N PRO B 283 -0.98 -25.34 20.18
CA PRO B 283 -2.19 -24.97 20.91
C PRO B 283 -1.88 -24.46 22.32
N GLY B 284 -2.76 -23.58 22.78
CA GLY B 284 -2.76 -23.00 24.11
C GLY B 284 -3.74 -21.83 24.18
N SER B 285 -3.43 -20.96 25.12
CA SER B 285 -4.21 -19.76 25.46
C SER B 285 -3.76 -18.69 24.48
N GLY B 286 -4.68 -17.83 24.02
CA GLY B 286 -4.38 -16.70 23.13
C GLY B 286 -5.64 -15.96 22.69
N ASN B 287 -5.47 -14.84 21.98
CA ASN B 287 -6.55 -14.01 21.39
C ASN B 287 -6.53 -14.21 19.86
N VAL B 288 -5.66 -15.07 19.35
CA VAL B 288 -5.71 -15.54 17.94
C VAL B 288 -5.54 -17.04 17.95
N HIS B 289 -6.39 -17.77 17.23
CA HIS B 289 -6.24 -19.23 17.01
C HIS B 289 -6.41 -19.51 15.52
N ILE B 290 -5.33 -19.97 14.93
CA ILE B 290 -5.31 -20.43 13.53
C ILE B 290 -5.48 -21.94 13.57
N VAL B 291 -6.56 -22.43 12.95
CA VAL B 291 -6.81 -23.89 12.74
C VAL B 291 -6.59 -24.20 11.26
N GLN B 292 -5.66 -25.09 10.95
CA GLN B 292 -5.25 -25.32 9.53
C GLN B 292 -5.52 -26.78 9.17
N LYS B 293 -6.06 -27.02 7.96
CA LYS B 293 -6.22 -28.39 7.41
C LYS B 293 -5.65 -28.37 6.01
N VAL B 294 -5.12 -29.51 5.58
CA VAL B 294 -4.80 -29.72 4.14
C VAL B 294 -5.70 -30.85 3.65
N PHE B 295 -6.33 -30.68 2.50
CA PHE B 295 -7.12 -31.77 1.85
C PHE B 295 -6.52 -32.06 0.48
N GLU B 296 -6.63 -33.34 0.12
CA GLU B 296 -6.44 -33.89 -1.24
C GLU B 296 -7.83 -34.22 -1.80
N GLY B 297 -8.23 -33.48 -2.84
CA GLY B 297 -9.58 -33.61 -3.41
C GLY B 297 -10.65 -32.97 -2.53
N ASP B 298 -11.87 -33.48 -2.63
CA ASP B 298 -13.12 -32.94 -2.02
C ASP B 298 -12.95 -32.98 -0.51
N PHE B 299 -13.56 -32.01 0.19
CA PHE B 299 -13.47 -31.85 1.67
C PHE B 299 -14.77 -31.26 2.22
N GLU B 300 -15.00 -31.48 3.51
CA GLU B 300 -16.00 -30.74 4.31
C GLU B 300 -15.59 -30.87 5.77
N PHE B 301 -15.94 -29.87 6.58
CA PHE B 301 -15.75 -29.85 8.04
C PHE B 301 -16.84 -28.91 8.55
N ASP B 302 -17.17 -28.98 9.83
CA ASP B 302 -18.18 -28.12 10.48
C ASP B 302 -17.49 -27.27 11.55
N ILE B 303 -18.05 -26.10 11.81
CA ILE B 303 -17.74 -25.30 13.01
C ILE B 303 -18.99 -25.34 13.87
N LEU B 304 -18.89 -25.74 15.14
CA LEU B 304 -20.01 -25.86 16.09
C LEU B 304 -19.75 -24.89 17.23
N PHE B 305 -20.57 -23.85 17.37
CA PHE B 305 -20.47 -22.87 18.48
C PHE B 305 -21.59 -23.17 19.48
N SER B 306 -21.24 -23.56 20.70
CA SER B 306 -22.19 -23.92 21.77
C SER B 306 -22.11 -22.89 22.89
N SER B 307 -23.16 -22.09 23.05
CA SER B 307 -23.33 -21.17 24.20
C SER B 307 -23.57 -22.09 25.40
N GLU B 308 -22.80 -21.94 26.48
CA GLU B 308 -22.93 -22.84 27.65
C GLU B 308 -24.33 -22.66 28.27
N SER B 309 -24.82 -21.42 28.37
CA SER B 309 -26.11 -21.04 29.00
C SER B 309 -27.30 -21.73 28.31
N ALA B 310 -27.20 -22.13 27.03
CA ALA B 310 -28.20 -22.93 26.28
C ALA B 310 -28.41 -24.31 26.91
N GLY B 311 -27.49 -24.73 27.78
CA GLY B 311 -27.56 -25.97 28.58
C GLY B 311 -27.42 -27.22 27.71
N LYS B 312 -26.96 -27.07 26.47
CA LYS B 312 -26.98 -28.12 25.43
C LYS B 312 -25.90 -27.87 24.37
N GLU B 313 -25.07 -28.86 24.07
CA GLU B 313 -23.96 -28.73 23.07
C GLU B 313 -24.54 -28.95 21.65
N VAL B 314 -24.11 -28.13 20.68
CA VAL B 314 -24.55 -28.24 19.26
C VAL B 314 -23.73 -29.35 18.61
N THR B 315 -24.41 -30.21 17.85
CA THR B 315 -23.79 -31.35 17.13
C THR B 315 -23.88 -31.10 15.63
N SER B 316 -23.11 -31.90 14.90
CA SER B 316 -23.28 -31.99 13.43
C SER B 316 -24.72 -32.45 13.09
N LYS B 317 -25.41 -33.24 13.94
CA LYS B 317 -26.77 -33.75 13.58
C LYS B 317 -27.73 -32.57 13.72
N ASP B 318 -27.55 -31.78 14.78
CA ASP B 318 -28.25 -30.49 15.02
C ASP B 318 -28.07 -29.54 13.82
N LEU B 319 -26.88 -29.48 13.24
CA LEU B 319 -26.55 -28.54 12.14
C LEU B 319 -27.34 -28.95 10.89
N GLU B 320 -27.33 -30.23 10.49
CA GLU B 320 -28.00 -30.69 9.23
C GLU B 320 -29.50 -30.52 9.41
N ARG B 321 -30.03 -30.89 10.58
CA ARG B 321 -31.47 -30.78 10.90
C ARG B 321 -31.89 -29.31 10.72
N GLU B 322 -31.15 -28.36 11.27
CA GLU B 322 -31.56 -26.92 11.29
C GLU B 322 -31.33 -26.28 9.92
N VAL B 323 -30.35 -26.75 9.15
CA VAL B 323 -30.17 -26.28 7.73
C VAL B 323 -31.42 -26.67 6.93
N LYS B 324 -31.93 -27.90 7.11
CA LYS B 324 -33.13 -28.43 6.38
C LYS B 324 -34.34 -27.59 6.80
N GLN B 325 -34.51 -27.32 8.10
CA GLN B 325 -35.66 -26.54 8.65
C GLN B 325 -35.60 -25.09 8.15
N ALA B 326 -34.42 -24.46 8.18
CA ALA B 326 -34.30 -23.04 7.85
C ALA B 326 -34.64 -22.86 6.37
N THR B 327 -34.23 -23.80 5.52
CA THR B 327 -34.45 -23.72 4.05
C THR B 327 -35.96 -23.83 3.77
N GLU B 328 -36.66 -24.76 4.44
CA GLU B 328 -38.11 -24.99 4.18
C GLU B 328 -38.84 -23.67 4.53
N VAL B 329 -38.54 -23.11 5.71
CA VAL B 329 -39.17 -21.87 6.25
C VAL B 329 -38.91 -20.68 5.32
N PHE B 330 -37.69 -20.59 4.77
CA PHE B 330 -37.26 -19.50 3.86
C PHE B 330 -38.13 -19.55 2.59
N GLY B 331 -38.36 -20.75 2.06
CA GLY B 331 -39.27 -21.03 0.94
C GLY B 331 -40.68 -20.48 1.17
N GLU B 332 -41.29 -20.80 2.31
CA GLU B 332 -42.73 -20.48 2.55
C GLU B 332 -42.81 -18.95 2.74
N ARG B 333 -41.89 -18.37 3.50
CA ARG B 333 -41.86 -16.90 3.76
C ARG B 333 -41.69 -16.12 2.45
N PHE B 334 -40.85 -16.57 1.52
CA PHE B 334 -40.59 -15.87 0.25
C PHE B 334 -41.88 -15.88 -0.58
N ALA B 335 -42.64 -16.98 -0.52
CA ALA B 335 -43.89 -17.21 -1.27
C ALA B 335 -44.98 -16.27 -0.74
N ARG B 336 -45.12 -16.14 0.59
CA ARG B 336 -46.00 -15.15 1.26
C ARG B 336 -45.48 -13.72 0.96
N VAL B 337 -44.21 -13.39 1.21
CA VAL B 337 -43.76 -11.95 1.25
C VAL B 337 -43.57 -11.41 -0.16
N PHE B 338 -42.95 -12.18 -1.07
CA PHE B 338 -42.71 -11.72 -2.45
C PHE B 338 -43.46 -12.66 -3.41
N ASP B 339 -44.81 -12.62 -3.39
CA ASP B 339 -45.72 -13.25 -4.39
C ASP B 339 -45.44 -12.57 -5.73
N LEU B 340 -44.67 -13.22 -6.62
CA LEU B 340 -44.35 -12.56 -7.91
C LEU B 340 -45.64 -12.55 -8.74
N LYS B 341 -45.91 -11.40 -9.37
CA LYS B 341 -47.11 -11.18 -10.21
C LYS B 341 -46.66 -11.18 -11.68
N ALA B 342 -47.63 -11.29 -12.59
CA ALA B 342 -47.43 -11.53 -14.03
C ALA B 342 -46.66 -10.37 -14.66
N PRO B 343 -45.82 -10.64 -15.66
CA PRO B 343 -45.59 -11.99 -16.16
C PRO B 343 -44.34 -12.71 -15.62
N PHE B 344 -44.10 -12.59 -14.31
CA PHE B 344 -42.89 -13.12 -13.61
C PHE B 344 -43.25 -14.21 -12.60
N GLN B 345 -44.29 -15.01 -12.87
CA GLN B 345 -44.73 -16.07 -11.93
C GLN B 345 -43.89 -17.34 -12.16
N GLY B 346 -43.09 -17.37 -13.23
CA GLY B 346 -42.21 -18.49 -13.62
C GLY B 346 -41.21 -18.87 -12.52
N ASP B 347 -40.83 -20.16 -12.52
CA ASP B 347 -39.80 -20.75 -11.63
C ASP B 347 -38.47 -20.01 -11.84
N ASN B 348 -38.14 -19.63 -13.08
CA ASN B 348 -36.92 -18.87 -13.46
C ASN B 348 -36.93 -17.50 -12.75
N TYR B 349 -38.08 -16.83 -12.67
CA TYR B 349 -38.20 -15.49 -12.02
C TYR B 349 -38.21 -15.66 -10.49
N LYS B 350 -38.76 -16.76 -9.97
CA LYS B 350 -38.68 -17.05 -8.52
C LYS B 350 -37.19 -17.16 -8.10
N LYS B 351 -36.36 -17.91 -8.84
CA LYS B 351 -34.97 -18.26 -8.45
C LYS B 351 -34.16 -16.95 -8.52
N PHE B 352 -34.49 -16.10 -9.49
CA PHE B 352 -33.85 -14.76 -9.69
C PHE B 352 -34.21 -13.88 -8.49
N GLY B 353 -35.47 -13.84 -8.08
CA GLY B 353 -35.90 -13.01 -6.94
C GLY B 353 -35.22 -13.48 -5.67
N LYS B 354 -35.14 -14.80 -5.47
CA LYS B 354 -34.57 -15.36 -4.24
C LYS B 354 -33.10 -14.94 -4.13
N SER B 355 -32.40 -14.93 -5.26
CA SER B 355 -30.97 -14.58 -5.32
C SER B 355 -30.83 -13.08 -5.03
N MET B 356 -31.51 -12.25 -5.81
CA MET B 356 -31.46 -10.79 -5.60
C MET B 356 -31.73 -10.48 -4.12
N PHE B 357 -32.76 -11.10 -3.52
CA PHE B 357 -33.21 -10.72 -2.17
C PHE B 357 -32.23 -11.22 -1.09
N SER B 358 -31.81 -12.50 -1.20
CA SER B 358 -30.85 -13.13 -0.28
C SER B 358 -29.49 -12.40 -0.31
N ASN B 359 -29.01 -11.97 -1.47
CA ASN B 359 -27.76 -11.18 -1.56
C ASN B 359 -27.96 -9.83 -0.86
N LEU B 360 -29.11 -9.18 -1.04
CA LEU B 360 -29.38 -7.88 -0.36
C LEU B 360 -29.29 -8.09 1.15
N ILE B 361 -30.06 -9.02 1.70
CA ILE B 361 -30.25 -9.13 3.17
C ILE B 361 -29.01 -9.83 3.77
N GLY B 362 -28.33 -10.70 3.03
CA GLY B 362 -27.08 -11.34 3.49
C GLY B 362 -25.88 -10.39 3.51
N GLY B 363 -25.99 -9.20 2.92
CA GLY B 363 -24.95 -8.14 2.98
C GLY B 363 -24.91 -7.53 4.37
N ILE B 364 -25.87 -7.81 5.24
CA ILE B 364 -25.92 -7.07 6.54
C ILE B 364 -24.61 -7.32 7.28
N GLY B 365 -23.95 -6.25 7.70
CA GLY B 365 -22.74 -6.25 8.53
C GLY B 365 -22.96 -5.55 9.86
N TYR B 366 -22.23 -5.99 10.89
CA TYR B 366 -21.92 -5.21 12.11
C TYR B 366 -20.52 -4.59 11.99
N PHE B 367 -20.48 -3.27 12.18
CA PHE B 367 -19.31 -2.40 12.07
C PHE B 367 -19.13 -1.65 13.39
N TYR B 368 -17.88 -1.58 13.87
CA TYR B 368 -17.53 -0.92 15.15
C TYR B 368 -16.16 -0.28 15.03
N GLY B 369 -16.01 0.91 15.62
CA GLY B 369 -14.73 1.64 15.69
C GLY B 369 -14.94 3.13 15.53
N HIS B 370 -13.83 3.85 15.34
CA HIS B 370 -13.81 5.32 15.24
C HIS B 370 -14.14 5.68 13.80
N SER B 371 -14.74 6.84 13.64
CA SER B 371 -15.00 7.50 12.34
C SER B 371 -14.09 8.75 12.25
N LEU B 372 -13.72 9.14 11.05
CA LEU B 372 -12.88 10.34 10.80
C LEU B 372 -13.77 11.53 10.40
N VAL B 373 -13.87 12.51 11.29
CA VAL B 373 -14.70 13.72 11.09
C VAL B 373 -13.83 14.99 11.18
N ASP B 374 -14.04 15.93 10.27
CA ASP B 374 -13.55 17.33 10.40
C ASP B 374 -14.60 18.08 11.21
N ARG B 375 -14.32 18.32 12.49
CA ARG B 375 -15.19 19.06 13.44
C ARG B 375 -14.74 20.53 13.53
N SER B 376 -14.05 21.08 12.53
CA SER B 376 -13.56 22.48 12.59
C SER B 376 -14.75 23.44 12.52
N TYR B 377 -15.76 23.10 11.71
CA TYR B 377 -16.91 23.99 11.44
C TYR B 377 -16.32 25.29 10.88
N ALA B 378 -15.30 25.13 10.04
CA ALA B 378 -14.55 26.22 9.37
C ALA B 378 -15.52 27.18 8.69
N PRO B 379 -15.33 28.51 8.84
CA PRO B 379 -16.18 29.48 8.14
C PRO B 379 -16.21 29.25 6.62
N GLU B 380 -15.21 28.60 6.03
CA GLU B 380 -15.22 28.31 4.57
C GLU B 380 -16.34 27.31 4.24
N TYR B 381 -16.73 26.45 5.19
CA TYR B 381 -17.78 25.41 4.96
C TYR B 381 -19.18 26.04 4.82
N ASP B 382 -19.42 27.26 5.33
CA ASP B 382 -20.70 28.02 5.14
C ASP B 382 -20.93 28.23 3.64
N GLU B 383 -19.92 28.19 2.77
CA GLU B 383 -20.05 28.27 1.29
C GLU B 383 -20.77 29.57 0.86
N GLU B 384 -20.47 30.73 1.48
CA GLU B 384 -21.10 32.04 1.15
C GLU B 384 -20.57 32.66 -0.16
N ASN B 385 -19.27 32.56 -0.48
CA ASN B 385 -18.59 33.30 -1.59
C ASN B 385 -18.65 32.50 -2.90
N GLU B 386 -18.55 33.13 -4.08
CA GLU B 386 -18.25 32.45 -5.37
C GLU B 386 -16.93 31.71 -5.21
N GLY B 387 -16.70 30.67 -6.01
CA GLY B 387 -15.52 29.81 -5.83
C GLY B 387 -15.40 29.22 -4.44
N PHE B 388 -16.52 28.93 -3.76
CA PHE B 388 -16.53 28.34 -2.38
C PHE B 388 -15.72 27.04 -2.35
N TRP B 389 -15.65 26.27 -3.44
CA TRP B 389 -14.91 24.96 -3.46
C TRP B 389 -13.41 25.18 -3.21
N GLU B 390 -12.80 26.17 -3.88
CA GLU B 390 -11.39 26.59 -3.60
C GLU B 390 -11.28 26.94 -2.11
N ASP B 391 -12.23 27.67 -1.53
CA ASP B 391 -12.17 28.05 -0.08
C ASP B 391 -12.23 26.76 0.77
N ALA B 392 -12.94 25.74 0.25
CA ALA B 392 -13.21 24.44 0.93
C ALA B 392 -11.91 23.63 0.91
N ALA B 393 -11.25 23.57 -0.25
CA ALA B 393 -9.88 22.98 -0.45
C ALA B 393 -8.89 23.55 0.58
N GLU B 394 -8.89 24.87 0.77
CA GLU B 394 -7.98 25.55 1.74
C GLU B 394 -8.28 25.03 3.15
N ALA B 395 -9.56 24.89 3.52
CA ALA B 395 -9.91 24.51 4.91
C ALA B 395 -9.55 23.04 5.12
N ARG B 396 -9.71 22.22 4.07
CA ARG B 396 -9.30 20.78 4.08
C ARG B 396 -7.77 20.71 4.25
N ALA B 397 -7.03 21.56 3.54
CA ALA B 397 -5.54 21.66 3.65
C ALA B 397 -5.11 21.92 5.10
N ARG B 398 -5.98 22.39 6.00
CA ARG B 398 -5.55 22.62 7.42
C ARG B 398 -5.68 21.35 8.27
N HIS B 399 -6.16 20.25 7.67
CA HIS B 399 -6.25 18.88 8.25
C HIS B 399 -6.61 18.90 9.74
N GLN B 400 -7.79 19.45 10.08
CA GLN B 400 -8.31 19.48 11.47
C GLN B 400 -9.03 18.15 11.78
N GLU B 401 -9.29 17.30 10.78
CA GLU B 401 -10.05 16.02 11.01
C GLU B 401 -9.34 15.14 12.06
N ALA B 402 -10.13 14.51 12.92
CA ALA B 402 -9.69 13.59 14.00
C ALA B 402 -10.62 12.37 14.02
N LEU B 403 -10.11 11.25 14.52
CA LEU B 403 -10.91 10.03 14.78
C LEU B 403 -11.78 10.35 15.99
N GLU B 404 -13.07 10.01 15.92
CA GLU B 404 -14.03 10.13 17.06
C GLU B 404 -14.89 8.85 17.12
N GLY B 405 -15.54 8.67 18.27
CA GLY B 405 -16.30 7.48 18.63
C GLY B 405 -15.65 6.81 19.83
N PRO B 406 -15.65 5.46 19.94
CA PRO B 406 -16.04 4.58 18.84
C PRO B 406 -17.56 4.52 18.63
N TYR B 407 -17.99 4.10 17.44
CA TYR B 407 -19.41 3.98 17.02
C TYR B 407 -19.68 2.56 16.55
N GLU B 408 -20.95 2.14 16.52
CA GLU B 408 -21.36 0.83 15.94
C GLU B 408 -22.39 1.08 14.84
N LEU B 409 -22.41 0.24 13.82
CA LEU B 409 -23.50 0.30 12.81
C LEU B 409 -23.88 -1.12 12.37
N PHE B 410 -25.17 -1.46 12.52
CA PHE B 410 -25.81 -2.67 11.96
C PHE B 410 -26.59 -2.25 10.70
N THR B 411 -26.18 -2.70 9.51
CA THR B 411 -26.69 -2.12 8.24
C THR B 411 -26.45 -3.11 7.09
N SER B 412 -27.34 -3.13 6.10
CA SER B 412 -27.00 -3.75 4.80
C SER B 412 -26.02 -2.82 4.08
N ILE B 413 -25.51 -3.28 2.95
CA ILE B 413 -24.40 -2.59 2.22
C ILE B 413 -24.71 -2.66 0.73
N PRO B 414 -24.11 -1.75 -0.05
CA PRO B 414 -24.24 -1.81 -1.51
C PRO B 414 -23.51 -2.97 -2.21
N SER B 415 -22.37 -3.41 -1.69
CA SER B 415 -21.47 -4.34 -2.41
C SER B 415 -20.41 -4.94 -1.48
N ARG B 416 -20.34 -6.27 -1.41
CA ARG B 416 -19.30 -6.98 -0.59
C ARG B 416 -17.88 -6.66 -1.09
N PRO B 417 -17.55 -6.87 -2.39
CA PRO B 417 -16.20 -6.60 -2.85
C PRO B 417 -15.82 -5.11 -2.90
N PHE B 418 -16.69 -4.18 -3.30
CA PHE B 418 -16.26 -2.79 -3.60
C PHE B 418 -16.65 -1.80 -2.50
N PHE B 419 -17.85 -1.95 -1.93
CA PHE B 419 -18.43 -0.91 -1.04
C PHE B 419 -18.99 -1.55 0.22
N PRO B 420 -18.20 -2.33 0.99
CA PRO B 420 -18.72 -3.07 2.14
C PRO B 420 -18.89 -2.18 3.38
N ARG B 421 -19.84 -1.24 3.32
CA ARG B 421 -20.11 -0.33 4.47
C ARG B 421 -21.43 0.43 4.30
N GLY B 422 -21.79 1.22 5.31
CA GLY B 422 -23.06 1.96 5.34
C GLY B 422 -22.99 3.19 4.47
N PHE B 423 -23.90 3.31 3.50
CA PHE B 423 -24.19 4.55 2.73
C PHE B 423 -25.62 5.02 3.03
N LEU B 424 -25.77 6.30 3.38
CA LEU B 424 -27.00 6.80 4.03
C LEU B 424 -28.23 6.69 3.09
N TRP B 425 -28.20 7.19 1.86
CA TRP B 425 -29.40 7.15 0.99
C TRP B 425 -29.55 5.74 0.40
N ASP B 426 -28.44 4.99 0.26
CA ASP B 426 -28.50 3.59 -0.25
C ASP B 426 -29.42 2.79 0.71
N GLU B 427 -29.32 3.05 2.02
CA GLU B 427 -29.93 2.14 3.03
C GLU B 427 -31.46 2.28 2.97
N GLY B 428 -31.98 3.49 2.73
CA GLY B 428 -33.42 3.69 2.47
C GLY B 428 -33.92 2.79 1.37
N PHE B 429 -33.13 2.55 0.33
CA PHE B 429 -33.53 1.63 -0.76
C PHE B 429 -33.38 0.18 -0.28
N HIS B 430 -32.26 -0.14 0.35
CA HIS B 430 -31.98 -1.48 0.95
C HIS B 430 -33.15 -1.95 1.81
N LEU B 431 -33.68 -1.05 2.65
CA LEU B 431 -34.64 -1.47 3.70
C LEU B 431 -36.08 -1.61 3.16
N LEU B 432 -36.40 -1.15 1.96
CA LEU B 432 -37.73 -1.34 1.37
C LEU B 432 -38.03 -2.83 1.19
N PRO B 433 -37.21 -3.67 0.52
CA PRO B 433 -37.44 -5.12 0.54
C PRO B 433 -37.23 -5.82 1.89
N ILE B 434 -36.23 -5.40 2.67
CA ILE B 434 -35.97 -6.03 3.99
C ILE B 434 -37.15 -5.76 4.94
N ALA B 435 -37.75 -4.55 4.89
CA ALA B 435 -38.91 -4.19 5.75
C ALA B 435 -40.08 -5.16 5.49
N ASP B 436 -40.35 -5.50 4.21
CA ASP B 436 -41.43 -6.46 3.80
C ASP B 436 -41.17 -7.85 4.42
N TRP B 437 -39.91 -8.26 4.42
CA TRP B 437 -39.47 -9.55 4.98
C TRP B 437 -39.57 -9.53 6.50
N ASP B 438 -39.09 -8.47 7.14
CA ASP B 438 -38.84 -8.45 8.60
C ASP B 438 -38.87 -6.99 9.06
N ILE B 439 -40.04 -6.48 9.44
CA ILE B 439 -40.23 -5.05 9.77
C ILE B 439 -39.33 -4.71 10.97
N ASP B 440 -39.25 -5.62 11.95
CA ASP B 440 -38.50 -5.37 13.21
C ASP B 440 -36.99 -5.27 12.91
N LEU B 441 -36.50 -6.07 11.95
CA LEU B 441 -35.11 -6.02 11.46
C LEU B 441 -34.88 -4.62 10.89
N ALA B 442 -35.78 -4.18 10.00
CA ALA B 442 -35.58 -2.90 9.30
C ALA B 442 -35.61 -1.78 10.35
N LEU B 443 -36.45 -1.93 11.38
CA LEU B 443 -36.53 -0.92 12.47
C LEU B 443 -35.24 -0.91 13.30
N GLU B 444 -34.60 -2.07 13.55
CA GLU B 444 -33.29 -2.11 14.25
C GLU B 444 -32.23 -1.36 13.44
N ILE B 445 -32.15 -1.59 12.13
CA ILE B 445 -31.14 -0.92 11.24
C ILE B 445 -31.39 0.59 11.24
N ILE B 446 -32.65 1.04 11.22
CA ILE B 446 -32.93 2.49 11.24
C ILE B 446 -32.46 3.05 12.59
N LYS B 447 -32.66 2.29 13.67
CA LYS B 447 -32.27 2.68 15.03
C LYS B 447 -30.75 2.81 15.07
N SER B 448 -30.01 1.86 14.52
CA SER B 448 -28.52 1.91 14.48
C SER B 448 -28.09 3.20 13.76
N TRP B 449 -28.62 3.46 12.58
CA TRP B 449 -28.26 4.69 11.83
C TRP B 449 -28.57 5.96 12.65
N TYR B 450 -29.78 6.08 13.20
CA TYR B 450 -30.22 7.35 13.87
C TYR B 450 -29.47 7.50 15.19
N ASN B 451 -28.93 6.39 15.70
CA ASN B 451 -27.96 6.41 16.83
C ASN B 451 -26.65 7.09 16.42
N LEU B 452 -26.37 7.34 15.16
CA LEU B 452 -25.08 7.96 14.78
C LEU B 452 -25.25 9.47 14.62
N MET B 453 -26.46 9.96 14.81
CA MET B 453 -26.78 11.38 14.56
C MET B 453 -26.22 12.19 15.72
N ASP B 454 -25.49 13.26 15.44
CA ASP B 454 -24.87 14.11 16.49
C ASP B 454 -25.97 15.04 17.00
N GLU B 455 -25.63 15.96 17.90
CA GLU B 455 -26.59 16.84 18.63
C GLU B 455 -27.19 17.86 17.66
N ASP B 456 -26.63 18.07 16.45
CA ASP B 456 -27.18 19.07 15.49
C ASP B 456 -28.15 18.40 14.51
N GLY B 457 -28.14 17.07 14.39
CA GLY B 457 -28.94 16.33 13.40
C GLY B 457 -28.20 15.82 12.18
N TRP B 458 -26.87 15.72 12.25
CA TRP B 458 -26.03 15.21 11.14
C TRP B 458 -25.69 13.75 11.36
N ILE B 459 -25.89 12.99 10.30
CA ILE B 459 -25.42 11.59 10.17
C ILE B 459 -24.47 11.62 8.97
N ALA B 460 -23.22 11.19 9.18
CA ALA B 460 -22.24 11.14 8.08
C ALA B 460 -22.83 10.25 6.97
N ARG B 461 -22.70 10.65 5.72
CA ARG B 461 -23.36 9.98 4.55
C ARG B 461 -22.70 8.62 4.34
N GLU B 462 -21.44 8.49 4.77
CA GLU B 462 -20.60 7.30 4.51
C GLU B 462 -19.96 6.91 5.85
N GLN B 463 -20.28 5.71 6.32
CA GLN B 463 -19.98 5.26 7.69
C GLN B 463 -18.85 4.24 7.59
N ILE B 464 -17.62 4.69 7.83
CA ILE B 464 -16.35 3.90 7.80
C ILE B 464 -15.92 3.70 9.25
N LEU B 465 -16.30 2.59 9.89
CA LEU B 465 -16.09 2.41 11.35
C LEU B 465 -15.02 1.34 11.61
N GLY B 466 -13.88 1.78 12.12
CA GLY B 466 -12.73 0.92 12.50
C GLY B 466 -11.68 0.81 11.40
N ALA B 467 -10.51 0.31 11.77
CA ALA B 467 -9.31 0.20 10.90
C ALA B 467 -9.62 -0.80 9.77
N GLU B 468 -10.35 -1.85 10.10
CA GLU B 468 -10.73 -2.89 9.11
C GLU B 468 -11.55 -2.25 7.98
N ALA B 469 -12.58 -1.48 8.30
CA ALA B 469 -13.38 -0.77 7.27
C ALA B 469 -12.49 0.25 6.55
N ARG B 470 -11.62 0.96 7.28
CA ARG B 470 -10.77 2.06 6.72
C ARG B 470 -9.82 1.52 5.66
N SER B 471 -9.29 0.30 5.83
CA SER B 471 -8.26 -0.30 4.95
C SER B 471 -8.80 -0.45 3.52
N LYS B 472 -10.11 -0.47 3.33
CA LYS B 472 -10.75 -0.68 2.01
C LYS B 472 -10.89 0.67 1.27
N VAL B 473 -10.49 1.78 1.91
CA VAL B 473 -10.97 3.14 1.53
C VAL B 473 -9.80 4.09 1.34
N PRO B 474 -9.62 4.59 0.10
CA PRO B 474 -8.61 5.62 -0.17
C PRO B 474 -8.80 6.77 0.83
N LYS B 475 -7.68 7.24 1.41
CA LYS B 475 -7.66 8.31 2.43
C LYS B 475 -8.47 9.55 1.99
N GLU B 476 -8.43 9.97 0.74
CA GLU B 476 -9.21 11.12 0.18
C GLU B 476 -10.72 11.01 0.50
N PHE B 477 -11.23 9.81 0.69
CA PHE B 477 -12.68 9.58 0.90
C PHE B 477 -12.98 9.36 2.38
N GLN B 478 -12.01 9.25 3.28
CA GLN B 478 -12.37 8.74 4.64
C GLN B 478 -13.02 9.86 5.45
N THR B 479 -12.52 11.09 5.33
CA THR B 479 -12.97 12.23 6.16
C THR B 479 -14.44 12.57 5.85
N GLN B 480 -15.24 12.74 6.89
CA GLN B 480 -16.67 13.10 6.79
C GLN B 480 -16.83 14.55 7.30
N TYR B 481 -17.71 15.32 6.65
CA TYR B 481 -17.95 16.76 6.91
C TYR B 481 -19.37 16.97 7.43
N PRO B 482 -19.49 17.60 8.61
CA PRO B 482 -20.79 17.84 9.23
C PRO B 482 -21.77 18.72 8.44
N HIS B 483 -21.34 19.29 7.32
CA HIS B 483 -22.20 20.12 6.44
C HIS B 483 -22.58 19.29 5.20
N TYR B 484 -22.16 18.01 5.12
CA TYR B 484 -22.46 17.15 3.95
C TYR B 484 -23.67 16.27 4.27
N ALA B 485 -24.74 16.45 3.50
CA ALA B 485 -26.01 15.71 3.63
C ALA B 485 -25.99 14.57 2.60
N ASN B 486 -27.07 13.78 2.61
CA ASN B 486 -27.37 12.71 1.64
C ASN B 486 -28.91 12.62 1.60
N PRO B 487 -29.55 12.12 0.54
CA PRO B 487 -31.00 11.97 0.52
C PRO B 487 -31.54 11.20 1.72
N PRO B 488 -32.60 11.68 2.40
CA PRO B 488 -33.17 10.95 3.53
C PRO B 488 -34.18 9.88 3.08
N THR B 489 -33.70 8.95 2.25
CA THR B 489 -34.48 7.78 1.79
C THR B 489 -34.95 6.94 2.97
N LEU B 490 -34.32 7.01 4.16
CA LEU B 490 -34.81 6.15 5.28
C LEU B 490 -36.24 6.56 5.63
N PHE B 491 -36.64 7.79 5.32
CA PHE B 491 -38.01 8.26 5.59
C PHE B 491 -39.00 7.43 4.75
N LEU B 492 -38.61 7.00 3.54
CA LEU B 492 -39.48 6.15 2.67
C LEU B 492 -39.77 4.83 3.40
N VAL B 493 -38.84 4.30 4.18
CA VAL B 493 -39.07 3.01 4.90
C VAL B 493 -40.07 3.32 6.01
N LEU B 494 -39.86 4.45 6.69
CA LEU B 494 -40.78 4.82 7.81
C LEU B 494 -42.19 5.01 7.24
N ASP B 495 -42.35 5.60 6.04
CA ASP B 495 -43.69 5.79 5.42
C ASP B 495 -44.38 4.43 5.23
N ASN B 496 -43.62 3.40 4.82
CA ASN B 496 -44.16 2.05 4.54
C ASN B 496 -44.55 1.43 5.89
N PHE B 497 -43.73 1.65 6.93
CA PHE B 497 -44.02 1.19 8.30
C PHE B 497 -45.28 1.89 8.85
N VAL B 498 -45.46 3.20 8.60
CA VAL B 498 -46.65 3.96 9.10
C VAL B 498 -47.91 3.42 8.41
N GLU B 499 -47.87 3.25 7.08
CA GLU B 499 -48.99 2.65 6.30
C GLU B 499 -49.40 1.32 6.95
N ARG B 500 -48.43 0.45 7.27
CA ARG B 500 -48.66 -0.90 7.84
C ARG B 500 -49.33 -0.81 9.22
N LEU B 501 -48.94 0.18 10.03
CA LEU B 501 -49.62 0.41 11.35
C LEU B 501 -51.09 0.79 11.12
N ARG B 502 -51.41 1.62 10.12
CA ARG B 502 -52.79 2.06 9.81
C ARG B 502 -53.66 0.81 9.60
N LYS B 503 -53.28 -0.11 8.69
CA LYS B 503 -54.11 -1.26 8.23
C LYS B 503 -54.59 -2.16 9.40
N THR B 520 -43.68 -14.42 16.48
CA THR B 520 -42.51 -14.18 15.58
C THR B 520 -42.04 -12.72 15.79
N LEU B 521 -40.79 -12.58 16.20
CA LEU B 521 -40.12 -11.28 16.47
C LEU B 521 -40.12 -10.35 15.24
N SER B 522 -40.15 -10.96 14.04
CA SER B 522 -40.25 -10.27 12.73
C SER B 522 -41.32 -9.19 12.70
N THR B 523 -42.49 -9.38 13.35
CA THR B 523 -43.68 -8.49 13.16
C THR B 523 -44.19 -8.02 14.53
N ALA B 524 -43.43 -8.24 15.60
CA ALA B 524 -43.85 -7.88 16.97
C ALA B 524 -44.22 -6.42 16.99
N SER B 525 -43.66 -5.60 16.10
CA SER B 525 -43.82 -4.12 16.08
C SER B 525 -45.20 -3.76 15.51
N VAL B 526 -45.72 -4.53 14.56
CA VAL B 526 -47.09 -4.27 14.02
C VAL B 526 -48.08 -5.16 14.77
N ASP B 527 -47.67 -6.36 15.21
CA ASP B 527 -48.61 -7.36 15.79
C ASP B 527 -49.26 -6.78 17.04
N ASN B 528 -48.49 -6.08 17.88
CA ASN B 528 -48.97 -5.19 18.96
C ASN B 528 -48.60 -3.77 18.53
N PRO B 529 -49.51 -3.02 17.87
CA PRO B 529 -49.15 -1.70 17.33
C PRO B 529 -48.79 -0.62 18.37
N GLU B 530 -49.10 -0.82 19.66
CA GLU B 530 -48.62 0.04 20.76
C GLU B 530 -47.09 0.01 20.76
N VAL B 531 -46.50 -1.11 20.34
CA VAL B 531 -45.02 -1.30 20.28
C VAL B 531 -44.44 -0.47 19.14
N GLY B 532 -44.94 -0.65 17.92
CA GLY B 532 -44.58 0.24 16.79
C GLY B 532 -44.80 1.69 17.15
N LEU B 533 -45.91 2.02 17.81
CA LEU B 533 -46.19 3.45 18.12
C LEU B 533 -45.09 4.01 19.03
N GLU B 534 -44.69 3.28 20.06
CA GLU B 534 -43.64 3.77 20.99
C GLU B 534 -42.30 3.89 20.25
N TYR B 535 -41.93 2.95 19.38
CA TYR B 535 -40.70 3.06 18.57
C TYR B 535 -40.68 4.43 17.90
N LEU B 536 -41.80 4.80 17.25
CA LEU B 536 -41.94 6.08 16.51
C LEU B 536 -41.91 7.25 17.50
N ARG B 537 -42.56 7.11 18.65
CA ARG B 537 -42.50 8.14 19.71
C ARG B 537 -41.04 8.45 20.02
N ARG B 538 -40.16 7.45 20.09
CA ARG B 538 -38.76 7.62 20.53
C ARG B 538 -37.89 8.09 19.36
N LEU B 539 -38.24 7.77 18.11
CA LEU B 539 -37.45 8.19 16.93
C LEU B 539 -37.87 9.58 16.39
N TYR B 540 -39.12 9.99 16.58
CA TYR B 540 -39.68 11.23 15.97
C TYR B 540 -38.80 12.44 16.30
N PRO B 541 -38.37 12.69 17.56
CA PRO B 541 -37.47 13.80 17.87
C PRO B 541 -36.18 13.79 17.04
N LEU B 542 -35.60 12.62 16.72
CA LEU B 542 -34.40 12.56 15.86
C LEU B 542 -34.79 12.90 14.42
N LEU B 543 -35.94 12.42 13.93
CA LEU B 543 -36.42 12.81 12.57
C LEU B 543 -36.61 14.33 12.51
N ARG B 544 -37.19 14.94 13.55
CA ARG B 544 -37.46 16.40 13.57
C ARG B 544 -36.12 17.14 13.62
N ARG B 545 -35.16 16.64 14.39
CA ARG B 545 -33.79 17.23 14.45
C ARG B 545 -33.20 17.21 13.03
N GLN B 546 -33.20 16.06 12.36
CA GLN B 546 -32.58 15.92 11.02
C GLN B 546 -33.29 16.88 10.06
N PHE B 547 -34.62 16.99 10.14
CA PHE B 547 -35.42 17.91 9.28
C PHE B 547 -34.98 19.36 9.51
N ASP B 548 -34.97 19.81 10.78
CA ASP B 548 -34.42 21.13 11.21
C ASP B 548 -33.01 21.28 10.61
N TRP B 549 -32.14 20.28 10.79
CA TRP B 549 -30.71 20.34 10.35
C TRP B 549 -30.65 20.61 8.85
N PHE B 550 -31.47 19.94 8.04
CA PHE B 550 -31.49 20.16 6.57
C PHE B 550 -31.84 21.62 6.27
N ARG B 551 -32.85 22.17 6.91
CA ARG B 551 -33.40 23.51 6.54
C ARG B 551 -32.44 24.64 6.95
N LYS B 552 -31.68 24.45 8.04
CA LYS B 552 -30.55 25.32 8.45
C LYS B 552 -29.31 25.11 7.55
N THR B 553 -28.68 23.93 7.54
CA THR B 553 -27.36 23.70 6.90
C THR B 553 -27.45 23.68 5.37
N GLN B 554 -28.61 23.44 4.75
CA GLN B 554 -28.70 23.31 3.26
C GLN B 554 -29.65 24.34 2.66
N ALA B 555 -29.91 25.42 3.42
CA ALA B 555 -30.74 26.57 2.98
C ALA B 555 -30.18 27.13 1.67
N GLY B 556 -31.06 27.28 0.68
CA GLY B 556 -30.88 28.17 -0.48
C GLY B 556 -30.98 29.63 -0.09
N ASP B 557 -30.66 30.54 -1.00
CA ASP B 557 -30.68 32.00 -0.74
C ASP B 557 -31.74 32.60 -1.69
N ILE B 558 -32.80 33.19 -1.13
CA ILE B 558 -33.80 33.98 -1.93
C ILE B 558 -33.64 35.49 -1.63
N LYS B 559 -33.68 35.89 -0.36
CA LYS B 559 -33.53 37.29 0.13
C LYS B 559 -32.52 38.07 -0.71
N SER B 560 -31.25 37.62 -0.78
CA SER B 560 -30.14 38.50 -1.25
C SER B 560 -29.99 38.51 -2.78
N TYR B 561 -30.97 38.04 -3.55
CA TYR B 561 -30.96 38.21 -5.04
C TYR B 561 -32.31 38.74 -5.51
N ASP B 562 -32.43 38.88 -6.84
CA ASP B 562 -33.61 39.35 -7.63
C ASP B 562 -34.54 38.16 -7.87
N ARG B 563 -35.18 37.69 -6.79
CA ARG B 563 -35.90 36.39 -6.76
C ARG B 563 -37.30 36.60 -6.17
N GLU B 564 -38.31 36.38 -7.02
CA GLU B 564 -39.75 36.43 -6.65
C GLU B 564 -40.22 34.98 -6.45
N ALA B 565 -40.78 34.70 -5.28
CA ALA B 565 -41.33 33.38 -4.89
C ALA B 565 -42.43 33.52 -3.85
N TYR B 566 -43.44 32.65 -3.93
CA TYR B 566 -44.55 32.52 -2.93
C TYR B 566 -44.01 32.49 -1.49
N SER B 567 -42.88 31.83 -1.26
CA SER B 567 -42.23 31.77 0.07
C SER B 567 -40.82 32.39 -0.01
N THR B 568 -40.39 33.05 1.07
CA THR B 568 -39.03 33.63 1.26
C THR B 568 -38.11 32.63 1.96
N LYS B 569 -38.62 31.47 2.37
CA LYS B 569 -37.90 30.54 3.28
C LYS B 569 -37.60 29.21 2.54
N GLU B 570 -38.41 28.77 1.57
CA GLU B 570 -38.33 27.40 1.01
C GLU B 570 -37.47 27.45 -0.25
N ALA B 571 -36.21 27.06 -0.07
CA ALA B 571 -35.16 27.09 -1.12
C ALA B 571 -33.93 26.36 -0.59
N TYR B 572 -33.33 25.48 -1.40
CA TYR B 572 -32.32 24.53 -0.86
C TYR B 572 -31.18 24.38 -1.86
N ARG B 573 -29.97 24.30 -1.30
CA ARG B 573 -28.72 24.10 -2.10
C ARG B 573 -27.86 23.03 -1.39
N TRP B 574 -27.53 21.96 -2.09
CA TRP B 574 -26.62 20.90 -1.57
C TRP B 574 -25.27 21.56 -1.25
N ARG B 575 -24.87 21.60 0.00
CA ARG B 575 -23.44 21.82 0.35
C ARG B 575 -22.52 20.74 -0.28
N GLY B 576 -21.28 21.13 -0.56
CA GLY B 576 -20.14 20.25 -0.89
C GLY B 576 -20.03 19.99 -2.37
N ARG B 577 -20.55 20.84 -3.25
CA ARG B 577 -20.23 20.53 -4.65
C ARG B 577 -18.87 21.13 -5.04
N THR B 578 -18.36 20.56 -6.13
CA THR B 578 -17.08 20.88 -6.82
C THR B 578 -17.46 21.09 -8.29
N VAL B 579 -16.51 21.47 -9.15
CA VAL B 579 -16.83 22.00 -10.49
C VAL B 579 -17.65 20.97 -11.27
N SER B 580 -17.36 19.67 -11.12
CA SER B 580 -17.95 18.66 -12.05
C SER B 580 -18.81 17.61 -11.33
N HIS B 581 -19.15 17.86 -10.06
CA HIS B 581 -19.73 16.80 -9.19
C HIS B 581 -20.69 17.45 -8.18
N CYS B 582 -21.62 16.63 -7.70
CA CYS B 582 -22.46 16.90 -6.50
C CYS B 582 -22.63 15.57 -5.75
N LEU B 583 -21.63 15.16 -4.99
CA LEU B 583 -21.57 13.82 -4.35
C LEU B 583 -22.65 13.71 -3.26
N THR B 584 -22.93 14.79 -2.53
CA THR B 584 -23.91 14.74 -1.41
C THR B 584 -25.31 14.40 -1.94
N SER B 585 -25.59 14.75 -3.21
CA SER B 585 -26.92 14.51 -3.80
C SER B 585 -27.11 13.02 -4.07
N GLY B 586 -26.01 12.25 -4.13
CA GLY B 586 -25.99 10.84 -4.55
C GLY B 586 -26.00 10.65 -6.05
N LEU B 587 -26.25 11.70 -6.84
CA LEU B 587 -26.13 11.60 -8.32
C LEU B 587 -24.81 12.26 -8.71
N ASP B 588 -23.71 11.52 -8.56
CA ASP B 588 -22.34 12.08 -8.38
C ASP B 588 -22.04 13.11 -9.46
N ASP B 589 -22.22 12.78 -10.75
CA ASP B 589 -21.72 13.65 -11.85
C ASP B 589 -22.89 14.16 -12.71
N TYR B 590 -24.10 14.16 -12.15
CA TYR B 590 -25.29 14.65 -12.88
C TYR B 590 -25.01 16.12 -13.20
N PRO B 591 -25.23 16.56 -14.45
CA PRO B 591 -24.96 17.95 -14.83
C PRO B 591 -25.74 18.92 -13.92
N ARG B 592 -25.00 19.81 -13.27
CA ARG B 592 -25.50 20.90 -12.40
C ARG B 592 -25.13 22.23 -13.07
N PRO B 593 -25.52 23.39 -12.49
CA PRO B 593 -25.08 24.69 -13.01
C PRO B 593 -23.55 24.85 -13.07
N GLN B 594 -23.07 25.58 -14.09
CA GLN B 594 -21.63 25.95 -14.31
C GLN B 594 -21.50 27.47 -14.32
N PRO B 595 -20.71 28.07 -13.43
CA PRO B 595 -19.99 27.31 -12.41
C PRO B 595 -20.96 26.98 -11.28
N PRO B 596 -20.49 26.23 -10.27
CA PRO B 596 -21.11 26.22 -8.95
C PRO B 596 -21.20 27.66 -8.40
N HIS B 597 -22.20 27.96 -7.57
CA HIS B 597 -22.56 29.34 -7.12
C HIS B 597 -23.39 29.25 -5.85
N PRO B 598 -23.12 30.10 -4.84
CA PRO B 598 -23.87 30.11 -3.59
C PRO B 598 -25.36 30.45 -3.76
N GLY B 599 -25.78 30.70 -5.01
CA GLY B 599 -27.17 30.96 -5.40
C GLY B 599 -27.68 29.91 -6.35
N GLU B 600 -27.02 28.75 -6.40
CA GLU B 600 -27.65 27.51 -6.90
C GLU B 600 -28.86 27.17 -6.03
N LEU B 601 -29.88 26.58 -6.66
CA LEU B 601 -30.99 25.88 -5.98
C LEU B 601 -31.13 24.53 -6.68
N HIS B 602 -31.13 23.47 -5.88
CA HIS B 602 -31.23 22.09 -6.39
C HIS B 602 -32.65 21.61 -6.09
N VAL B 603 -33.36 21.17 -7.13
CA VAL B 603 -34.80 20.85 -7.07
C VAL B 603 -34.95 19.46 -6.42
N ASP B 604 -33.96 18.56 -6.60
CA ASP B 604 -33.93 17.21 -5.96
C ASP B 604 -33.93 17.41 -4.44
N LEU B 605 -33.13 18.35 -3.93
CA LEU B 605 -33.01 18.55 -2.47
C LEU B 605 -34.32 19.14 -1.95
N MET B 606 -34.96 20.04 -2.69
CA MET B 606 -36.24 20.63 -2.22
C MET B 606 -37.26 19.49 -2.18
N SER B 607 -37.28 18.64 -3.21
CA SER B 607 -38.19 17.48 -3.28
C SER B 607 -37.98 16.61 -2.02
N TRP B 608 -36.74 16.36 -1.56
CA TRP B 608 -36.47 15.48 -0.38
C TRP B 608 -36.96 16.15 0.90
N VAL B 609 -36.92 17.47 0.98
CA VAL B 609 -37.48 18.19 2.16
C VAL B 609 -39.00 17.99 2.14
N GLY B 610 -39.59 18.01 0.95
CA GLY B 610 -41.00 17.63 0.73
C GLY B 610 -41.30 16.26 1.32
N VAL B 611 -40.45 15.27 1.01
CA VAL B 611 -40.63 13.89 1.52
C VAL B 611 -40.67 13.93 3.06
N MET B 612 -39.73 14.65 3.67
CA MET B 612 -39.52 14.57 5.14
C MET B 612 -40.74 15.22 5.80
N VAL B 613 -41.17 16.38 5.30
CA VAL B 613 -42.31 17.13 5.91
C VAL B 613 -43.56 16.26 5.73
N LYS B 614 -43.75 15.54 4.62
CA LYS B 614 -44.92 14.61 4.51
C LYS B 614 -44.84 13.50 5.57
N SER B 615 -43.64 12.94 5.78
CA SER B 615 -43.45 11.83 6.73
C SER B 615 -43.72 12.37 8.14
N LEU B 616 -43.26 13.58 8.42
CA LEU B 616 -43.41 14.18 9.78
C LEU B 616 -44.88 14.52 10.03
N ILE B 617 -45.65 14.89 9.00
CA ILE B 617 -47.12 15.15 9.16
C ILE B 617 -47.77 13.84 9.63
N SER B 618 -47.47 12.70 8.98
CA SER B 618 -48.11 11.39 9.29
C SER B 618 -47.69 10.96 10.69
N ILE B 619 -46.38 10.96 10.95
CA ILE B 619 -45.87 10.43 12.23
C ILE B 619 -46.36 11.36 13.33
N GLY B 620 -46.23 12.68 13.12
CA GLY B 620 -46.67 13.73 14.07
C GLY B 620 -48.14 13.53 14.39
N SER B 621 -48.96 13.38 13.36
CA SER B 621 -50.43 13.17 13.49
C SER B 621 -50.69 11.92 14.35
N LEU B 622 -49.96 10.83 14.12
CA LEU B 622 -50.10 9.53 14.83
C LEU B 622 -49.71 9.68 16.30
N LEU B 623 -48.81 10.61 16.66
CA LEU B 623 -48.28 10.77 18.05
C LEU B 623 -49.00 11.89 18.81
N GLY B 624 -49.89 12.63 18.14
CA GLY B 624 -50.66 13.74 18.71
C GLY B 624 -49.83 15.02 18.82
N ALA B 625 -48.84 15.19 17.95
CA ALA B 625 -47.97 16.38 17.94
C ALA B 625 -48.69 17.55 17.26
N THR B 626 -49.83 17.99 17.80
CA THR B 626 -50.72 18.98 17.15
C THR B 626 -49.97 20.29 16.92
N GLU B 627 -49.11 20.68 17.86
CA GLU B 627 -48.29 21.93 17.82
C GLU B 627 -47.44 21.95 16.54
N ASP B 628 -46.79 20.83 16.21
CA ASP B 628 -45.93 20.62 15.01
C ASP B 628 -46.72 20.58 13.70
N VAL B 629 -47.99 20.13 13.69
CA VAL B 629 -48.84 19.92 12.47
C VAL B 629 -49.04 21.28 11.76
N GLU B 630 -49.25 22.36 12.52
CA GLU B 630 -49.50 23.70 11.95
C GLU B 630 -48.22 24.21 11.29
N PHE B 631 -47.04 23.72 11.70
CA PHE B 631 -45.76 24.18 11.10
C PHE B 631 -45.49 23.35 9.84
N TYR B 632 -45.59 22.02 9.93
CA TYR B 632 -45.34 21.08 8.80
C TYR B 632 -46.22 21.44 7.60
N THR B 633 -47.48 21.76 7.90
CA THR B 633 -48.53 22.14 6.93
C THR B 633 -48.12 23.39 6.13
N LYS B 634 -47.67 24.45 6.80
CA LYS B 634 -47.14 25.67 6.13
C LYS B 634 -45.94 25.31 5.23
N VAL B 635 -45.03 24.45 5.71
CA VAL B 635 -43.78 24.17 4.95
C VAL B 635 -44.19 23.48 3.66
N LEU B 636 -44.98 22.42 3.79
CA LEU B 636 -45.37 21.57 2.64
C LEU B 636 -46.08 22.45 1.62
N ASP B 637 -46.98 23.31 2.08
CA ASP B 637 -47.67 24.27 1.18
C ASP B 637 -46.63 25.21 0.53
N ALA B 638 -45.60 25.61 1.27
CA ALA B 638 -44.59 26.58 0.78
C ALA B 638 -43.68 25.88 -0.23
N ILE B 639 -43.44 24.60 -0.07
CA ILE B 639 -42.56 23.85 -1.02
C ILE B 639 -43.35 23.62 -2.30
N GLU B 640 -44.63 23.21 -2.21
CA GLU B 640 -45.47 22.96 -3.43
C GLU B 640 -45.49 24.23 -4.28
N HIS B 641 -45.49 25.40 -3.66
CA HIS B 641 -45.53 26.68 -4.43
C HIS B 641 -44.12 26.97 -4.96
N ASN B 642 -43.08 26.85 -4.14
CA ASN B 642 -41.72 27.28 -4.56
C ASN B 642 -41.17 26.32 -5.61
N LEU B 643 -41.56 25.04 -5.57
CA LEU B 643 -41.16 24.10 -6.66
C LEU B 643 -41.55 24.74 -7.99
N ASP B 644 -42.74 25.30 -8.13
CA ASP B 644 -43.18 25.85 -9.44
C ASP B 644 -42.52 27.23 -9.63
N ASP B 645 -42.50 28.06 -8.61
CA ASP B 645 -41.91 29.43 -8.70
C ASP B 645 -40.43 29.33 -9.06
N LEU B 646 -39.62 28.55 -8.32
CA LEU B 646 -38.14 28.54 -8.49
C LEU B 646 -37.64 27.51 -9.52
N HIS B 647 -38.35 26.44 -9.82
CA HIS B 647 -37.73 25.30 -10.57
C HIS B 647 -38.49 24.87 -11.83
N TRP B 648 -39.71 25.34 -12.06
CA TRP B 648 -40.46 24.83 -13.24
C TRP B 648 -40.14 25.69 -14.46
N SER B 649 -39.90 25.05 -15.61
CA SER B 649 -39.70 25.70 -16.93
C SER B 649 -40.84 25.28 -17.85
N GLU B 650 -41.78 26.18 -18.18
CA GLU B 650 -42.96 25.82 -19.02
C GLU B 650 -42.46 25.47 -20.43
N LYS B 651 -41.41 26.16 -20.94
CA LYS B 651 -40.76 25.83 -22.23
C LYS B 651 -40.31 24.35 -22.21
N GLU B 652 -39.39 24.02 -21.30
CA GLU B 652 -38.72 22.69 -21.28
C GLU B 652 -39.72 21.58 -20.93
N GLY B 653 -40.82 21.92 -20.23
CA GLY B 653 -41.83 20.92 -19.82
C GLY B 653 -41.32 20.05 -18.67
N CYS B 654 -40.58 20.62 -17.72
CA CYS B 654 -39.93 19.79 -16.67
C CYS B 654 -39.38 20.71 -15.60
N TYR B 655 -38.88 20.12 -14.51
CA TYR B 655 -38.23 20.88 -13.41
C TYR B 655 -36.74 20.98 -13.75
N CYS B 656 -36.10 22.00 -13.20
CA CYS B 656 -34.68 22.36 -13.41
C CYS B 656 -34.08 22.92 -12.13
N ASP B 657 -32.79 22.66 -11.92
CA ASP B 657 -31.97 23.38 -10.92
C ASP B 657 -31.97 24.85 -11.35
N ALA B 658 -31.56 25.77 -10.48
CA ALA B 658 -31.38 27.19 -10.84
C ALA B 658 -30.02 27.72 -10.34
N THR B 659 -29.53 28.80 -10.95
CA THR B 659 -28.37 29.60 -10.44
C THR B 659 -28.69 31.09 -10.44
N ILE B 660 -27.77 31.88 -9.87
CA ILE B 660 -27.48 33.32 -10.15
C ILE B 660 -26.39 33.39 -11.23
N ASP B 661 -26.71 33.89 -12.43
CA ASP B 661 -25.81 33.93 -13.61
C ASP B 661 -24.92 35.19 -13.57
N GLU B 662 -24.06 35.34 -14.59
CA GLU B 662 -23.14 36.50 -14.81
C GLU B 662 -23.76 37.80 -14.28
N PHE B 663 -24.95 38.12 -14.80
CA PHE B 663 -25.62 39.44 -14.69
C PHE B 663 -26.28 39.59 -13.31
N GLU B 664 -26.31 38.55 -12.48
CA GLU B 664 -26.93 38.45 -11.10
C GLU B 664 -28.44 38.11 -11.19
N GLU B 665 -28.88 37.61 -12.36
CA GLU B 665 -30.28 37.21 -12.69
C GLU B 665 -30.54 35.71 -12.44
N HIS B 666 -31.40 35.37 -11.47
CA HIS B 666 -32.05 34.03 -11.36
C HIS B 666 -32.18 33.43 -12.76
N LYS B 667 -31.67 32.22 -12.98
CA LYS B 667 -31.70 31.51 -14.28
C LYS B 667 -31.89 30.01 -13.97
N LEU B 668 -32.84 29.40 -14.67
CA LEU B 668 -33.05 27.94 -14.68
C LEU B 668 -31.98 27.36 -15.61
N VAL B 669 -31.41 26.23 -15.19
CA VAL B 669 -30.39 25.45 -15.94
C VAL B 669 -30.96 24.04 -16.09
N CYS B 670 -31.42 23.71 -17.30
CA CYS B 670 -32.23 22.49 -17.57
C CYS B 670 -31.35 21.46 -18.27
N HIS B 671 -31.32 20.25 -17.72
CA HIS B 671 -30.60 19.07 -18.24
C HIS B 671 -31.57 17.90 -18.02
N LYS B 672 -32.29 17.50 -19.06
CA LYS B 672 -33.46 16.59 -18.94
C LYS B 672 -32.91 15.22 -18.52
N GLY B 673 -33.34 14.76 -17.34
CA GLY B 673 -33.06 13.43 -16.79
C GLY B 673 -33.66 13.25 -15.41
N TYR B 674 -33.06 12.41 -14.57
CA TYR B 674 -33.66 12.05 -13.26
C TYR B 674 -34.02 13.34 -12.51
N ILE B 675 -33.14 14.33 -12.52
CA ILE B 675 -33.30 15.52 -11.63
C ILE B 675 -34.59 16.26 -12.04
N SER B 676 -34.84 16.33 -13.35
CA SER B 676 -35.96 17.05 -14.01
C SER B 676 -37.30 16.49 -13.54
N LEU B 677 -37.30 15.21 -13.16
CA LEU B 677 -38.48 14.43 -12.74
C LEU B 677 -38.68 14.48 -11.23
N PHE B 678 -37.80 15.13 -10.47
CA PHE B 678 -37.72 14.81 -9.01
C PHE B 678 -39.04 15.02 -8.27
N PRO B 679 -39.76 16.16 -8.39
CA PRO B 679 -41.03 16.33 -7.68
C PRO B 679 -42.02 15.18 -7.91
N PHE B 680 -42.01 14.57 -9.08
CA PHE B 680 -42.81 13.37 -9.43
C PHE B 680 -42.30 12.13 -8.65
N LEU B 681 -41.00 11.85 -8.73
CA LEU B 681 -40.36 10.63 -8.16
C LEU B 681 -40.57 10.56 -6.65
N THR B 682 -40.69 11.71 -5.99
CA THR B 682 -40.80 11.79 -4.52
C THR B 682 -42.28 11.84 -4.11
N GLY B 683 -43.19 11.80 -5.10
CA GLY B 683 -44.66 11.81 -4.94
C GLY B 683 -45.25 13.13 -4.43
N LEU B 684 -44.77 14.29 -4.87
CA LEU B 684 -45.30 15.62 -4.42
C LEU B 684 -46.36 16.14 -5.40
N LEU B 685 -46.61 15.50 -6.54
CA LEU B 685 -47.54 16.04 -7.59
C LEU B 685 -48.90 15.34 -7.44
N LYS B 686 -49.98 16.12 -7.47
CA LYS B 686 -51.38 15.61 -7.37
C LYS B 686 -51.76 15.10 -8.77
N PRO B 687 -52.68 14.12 -8.88
CA PRO B 687 -53.05 13.54 -10.18
C PRO B 687 -53.73 14.49 -11.19
N ASP B 688 -54.08 15.72 -10.77
CA ASP B 688 -54.71 16.79 -11.58
C ASP B 688 -53.67 17.86 -11.87
N SER B 689 -52.38 17.53 -11.76
CA SER B 689 -51.29 18.54 -11.91
C SER B 689 -51.13 18.86 -13.39
N PRO B 690 -51.23 20.16 -13.73
CA PRO B 690 -50.98 20.61 -15.11
C PRO B 690 -49.53 20.34 -15.57
N LYS B 691 -48.66 19.98 -14.62
CA LYS B 691 -47.20 19.73 -14.84
C LYS B 691 -46.95 18.24 -15.01
N LEU B 692 -47.82 17.41 -14.44
CA LEU B 692 -47.59 15.95 -14.43
C LEU B 692 -47.56 15.43 -15.88
N GLY B 693 -48.47 15.93 -16.72
CA GLY B 693 -48.67 15.47 -18.11
C GLY B 693 -47.39 15.54 -18.92
N LYS B 694 -46.67 16.65 -18.81
CA LYS B 694 -45.39 16.97 -19.49
C LYS B 694 -44.26 16.08 -18.97
N LEU B 695 -44.20 15.83 -17.65
CA LEU B 695 -43.19 14.93 -17.04
C LEU B 695 -43.41 13.50 -17.53
N LEU B 696 -44.66 13.05 -17.65
CA LEU B 696 -44.97 11.71 -18.19
C LEU B 696 -44.62 11.63 -19.69
N ALA B 697 -44.64 12.76 -20.39
CA ALA B 697 -44.30 12.79 -21.83
C ALA B 697 -42.79 12.60 -21.96
N LEU B 698 -42.03 13.35 -21.16
CA LEU B 698 -40.55 13.25 -21.09
C LEU B 698 -40.17 11.80 -20.75
N ILE B 699 -40.88 11.21 -19.79
CA ILE B 699 -40.58 9.84 -19.27
C ILE B 699 -40.76 8.87 -20.43
N GLY B 700 -41.80 9.02 -21.23
CA GLY B 700 -42.12 8.07 -22.31
C GLY B 700 -41.44 8.40 -23.62
N ASP B 701 -40.71 9.51 -23.73
CA ASP B 701 -40.09 9.99 -24.99
C ASP B 701 -38.86 9.12 -25.31
N GLU B 702 -38.96 8.19 -26.27
CA GLU B 702 -37.89 7.26 -26.77
C GLU B 702 -36.65 8.06 -27.19
N SER B 703 -36.79 9.35 -27.49
CA SER B 703 -35.67 10.23 -27.92
C SER B 703 -34.99 10.92 -26.75
N GLU B 704 -35.58 10.89 -25.53
CA GLU B 704 -35.02 11.63 -24.37
C GLU B 704 -34.62 10.60 -23.30
N LEU B 705 -35.58 10.05 -22.53
CA LEU B 705 -35.32 9.31 -21.27
C LEU B 705 -35.66 7.82 -21.41
N TRP B 706 -36.56 7.43 -22.30
CA TRP B 706 -37.09 6.06 -22.39
C TRP B 706 -36.22 5.18 -23.31
N SER B 707 -35.35 4.34 -22.72
CA SER B 707 -34.66 3.21 -23.40
C SER B 707 -35.55 1.97 -23.37
N PRO B 708 -35.20 0.92 -24.14
CA PRO B 708 -35.80 -0.42 -23.97
C PRO B 708 -35.46 -1.12 -22.64
N TYR B 709 -34.57 -0.51 -21.87
CA TYR B 709 -33.93 -1.12 -20.68
C TYR B 709 -34.31 -0.37 -19.40
N GLY B 710 -35.05 0.75 -19.54
CA GLY B 710 -35.51 1.59 -18.43
C GLY B 710 -35.27 3.05 -18.75
N LEU B 711 -35.48 3.94 -17.78
CA LEU B 711 -35.24 5.40 -17.95
C LEU B 711 -33.74 5.70 -17.83
N ARG B 712 -33.23 6.47 -18.80
CA ARG B 712 -31.84 6.97 -18.88
C ARG B 712 -31.72 8.08 -17.83
N SER B 713 -30.62 8.11 -17.07
CA SER B 713 -30.35 9.12 -16.04
C SER B 713 -30.34 10.52 -16.66
N LEU B 714 -29.84 10.64 -17.90
CA LEU B 714 -29.72 11.90 -18.66
C LEU B 714 -30.19 11.69 -20.09
N SER B 715 -30.86 12.69 -20.66
CA SER B 715 -31.52 12.62 -21.99
C SER B 715 -30.47 12.48 -23.11
N LYS B 716 -30.70 11.57 -24.07
CA LYS B 716 -29.90 11.49 -25.32
C LYS B 716 -29.64 12.87 -25.94
N LYS B 717 -30.55 13.84 -25.77
CA LYS B 717 -30.46 15.18 -26.41
C LYS B 717 -29.59 16.12 -25.60
N ASP B 718 -29.33 15.85 -24.33
CA ASP B 718 -28.57 16.83 -23.49
C ASP B 718 -27.11 16.85 -23.95
N GLU B 719 -26.49 18.02 -23.90
CA GLU B 719 -25.10 18.27 -24.38
C GLU B 719 -24.09 17.50 -23.53
N PHE B 720 -24.48 16.97 -22.36
CA PHE B 720 -23.58 16.24 -21.43
C PHE B 720 -23.83 14.74 -21.49
N TYR B 721 -24.83 14.28 -22.24
CA TYR B 721 -25.04 12.84 -22.52
C TYR B 721 -23.69 12.17 -22.84
N GLY B 722 -23.37 11.10 -22.13
CA GLY B 722 -22.27 10.15 -22.42
C GLY B 722 -20.90 10.71 -22.10
N THR B 723 -20.80 11.88 -21.49
CA THR B 723 -19.52 12.62 -21.24
C THR B 723 -18.86 12.25 -19.89
N ALA B 724 -17.56 12.55 -19.79
CA ALA B 724 -16.64 12.34 -18.63
C ALA B 724 -16.76 10.91 -18.08
N GLU B 725 -16.94 10.77 -16.76
CA GLU B 725 -17.05 9.44 -16.11
C GLU B 725 -18.37 8.80 -16.60
N ASN B 726 -19.32 9.57 -17.13
CA ASN B 726 -20.60 9.03 -17.68
C ASN B 726 -21.33 8.16 -16.63
N TYR B 727 -21.36 8.59 -15.36
CA TYR B 727 -21.84 7.78 -14.21
C TYR B 727 -23.36 7.94 -14.10
N TRP B 728 -23.85 9.18 -14.04
CA TRP B 728 -25.30 9.51 -14.05
C TRP B 728 -25.63 10.39 -15.27
N ARG B 729 -24.95 10.19 -16.41
CA ARG B 729 -25.12 10.99 -17.65
C ARG B 729 -25.59 10.13 -18.84
N SER B 730 -26.30 9.03 -18.61
CA SER B 730 -26.88 8.20 -19.68
C SER B 730 -27.44 6.89 -19.12
N PRO B 731 -26.70 6.18 -18.24
CA PRO B 731 -27.08 4.82 -17.88
C PRO B 731 -28.35 4.73 -17.01
N VAL B 732 -28.88 3.51 -16.95
CA VAL B 732 -30.09 3.11 -16.19
C VAL B 732 -29.71 2.76 -14.76
N TRP B 733 -30.22 3.52 -13.80
CA TRP B 733 -30.14 3.17 -12.37
C TRP B 733 -31.48 2.67 -11.83
N ILE B 734 -31.43 1.59 -11.07
CA ILE B 734 -32.59 0.80 -10.58
C ILE B 734 -33.27 1.55 -9.43
N ASN B 735 -32.55 2.32 -8.61
CA ASN B 735 -33.20 3.00 -7.45
C ASN B 735 -34.17 4.08 -8.00
N ILE B 736 -33.73 4.89 -8.97
CA ILE B 736 -34.57 5.99 -9.51
C ILE B 736 -35.66 5.38 -10.37
N ASN B 737 -35.37 4.31 -11.10
CA ASN B 737 -36.42 3.61 -11.88
C ASN B 737 -37.50 3.07 -10.91
N TYR B 738 -37.09 2.49 -9.76
CA TYR B 738 -38.01 2.01 -8.71
C TYR B 738 -38.98 3.15 -8.33
N LEU B 739 -38.44 4.33 -7.98
CA LEU B 739 -39.26 5.49 -7.58
C LEU B 739 -40.29 5.79 -8.69
N ALA B 740 -39.83 5.84 -9.95
CA ALA B 740 -40.66 6.16 -11.12
C ALA B 740 -41.83 5.19 -11.17
N ILE B 741 -41.49 3.89 -11.12
CA ILE B 741 -42.45 2.76 -11.21
C ILE B 741 -43.50 2.97 -10.11
N VAL B 742 -43.06 3.22 -8.87
CA VAL B 742 -43.97 3.30 -7.69
C VAL B 742 -44.91 4.49 -7.93
N GLN B 743 -44.41 5.61 -8.45
CA GLN B 743 -45.21 6.84 -8.66
C GLN B 743 -46.07 6.69 -9.91
N LEU B 744 -45.63 5.96 -10.95
CA LEU B 744 -46.53 5.64 -12.10
C LEU B 744 -47.70 4.80 -11.60
N TYR B 745 -47.47 3.84 -10.71
CA TYR B 745 -48.52 3.00 -10.08
C TYR B 745 -49.53 3.90 -9.32
N ASN B 746 -49.03 4.89 -8.57
CA ASN B 746 -49.89 5.72 -7.70
C ASN B 746 -50.87 6.48 -8.60
N ILE B 747 -50.40 7.00 -9.74
CA ILE B 747 -51.29 7.75 -10.68
C ILE B 747 -52.24 6.79 -11.38
N ALA B 748 -51.85 5.53 -11.61
CA ALA B 748 -52.60 4.52 -12.40
C ALA B 748 -53.74 3.92 -11.58
N THR B 749 -53.76 4.16 -10.28
CA THR B 749 -54.72 3.53 -9.35
C THR B 749 -55.63 4.60 -8.76
N GLN B 750 -55.68 5.80 -9.32
CA GLN B 750 -56.68 6.83 -8.91
C GLN B 750 -57.22 7.55 -10.16
N ASP B 751 -58.40 8.14 -9.98
CA ASP B 751 -59.11 8.92 -11.00
C ASP B 751 -58.27 10.15 -11.30
N GLY B 752 -58.17 10.43 -12.59
CA GLY B 752 -57.58 11.66 -13.13
C GLY B 752 -57.23 11.47 -14.59
N PRO B 753 -56.93 12.59 -15.28
CA PRO B 753 -56.73 12.59 -16.72
C PRO B 753 -55.51 11.76 -17.14
N TYR B 754 -54.62 11.35 -16.21
CA TYR B 754 -53.36 10.67 -16.61
C TYR B 754 -53.37 9.19 -16.20
N LYS B 755 -54.50 8.70 -15.70
CA LYS B 755 -54.60 7.31 -15.18
C LYS B 755 -54.04 6.35 -16.25
N GLU B 756 -54.51 6.46 -17.50
CA GLU B 756 -54.29 5.39 -18.53
C GLU B 756 -52.85 5.52 -19.05
N THR B 757 -52.35 6.75 -19.19
CA THR B 757 -50.93 7.08 -19.49
C THR B 757 -50.02 6.45 -18.43
N ALA B 758 -50.27 6.78 -17.17
CA ALA B 758 -49.54 6.24 -16.01
C ALA B 758 -49.59 4.70 -16.03
N ARG B 759 -50.75 4.06 -16.31
CA ARG B 759 -50.89 2.58 -16.30
C ARG B 759 -50.00 2.01 -17.40
N ASP B 760 -50.06 2.61 -18.58
CA ASP B 760 -49.30 2.17 -19.77
C ASP B 760 -47.79 2.29 -19.43
N LEU B 761 -47.36 3.45 -18.96
CA LEU B 761 -45.94 3.65 -18.59
C LEU B 761 -45.56 2.68 -17.47
N TYR B 762 -46.43 2.47 -16.47
CA TYR B 762 -46.16 1.53 -15.36
C TYR B 762 -45.85 0.16 -15.95
N THR B 763 -46.82 -0.44 -16.66
CA THR B 763 -46.75 -1.83 -17.15
C THR B 763 -45.45 -2.02 -17.93
N ARG B 764 -45.05 -1.02 -18.71
CA ARG B 764 -43.92 -1.13 -19.68
C ARG B 764 -42.58 -0.90 -18.97
N LEU B 765 -42.48 0.12 -18.12
CA LEU B 765 -41.22 0.41 -17.40
C LEU B 765 -40.89 -0.77 -16.48
N ARG B 766 -41.93 -1.38 -15.90
CA ARG B 766 -41.80 -2.57 -15.04
C ARG B 766 -41.14 -3.71 -15.84
N LYS B 767 -41.71 -4.11 -17.00
CA LYS B 767 -41.22 -5.24 -17.85
C LYS B 767 -39.80 -4.88 -18.28
N ASN B 768 -39.60 -3.66 -18.77
CA ASN B 768 -38.26 -3.20 -19.18
C ASN B 768 -37.26 -3.45 -18.04
N ILE B 769 -37.47 -2.85 -16.87
CA ILE B 769 -36.52 -2.90 -15.72
C ILE B 769 -36.34 -4.36 -15.28
N VAL B 770 -37.41 -5.12 -15.09
CA VAL B 770 -37.23 -6.49 -14.57
C VAL B 770 -36.45 -7.29 -15.61
N GLU B 771 -36.74 -7.09 -16.91
CA GLU B 771 -36.12 -7.88 -18.00
C GLU B 771 -34.62 -7.59 -18.02
N THR B 772 -34.20 -6.32 -17.97
CA THR B 772 -32.76 -6.04 -18.13
C THR B 772 -31.97 -6.57 -16.92
N VAL B 773 -32.46 -6.46 -15.69
CA VAL B 773 -31.73 -6.99 -14.50
C VAL B 773 -31.76 -8.53 -14.57
N TYR B 774 -32.88 -9.14 -14.95
CA TYR B 774 -33.03 -10.62 -15.06
C TYR B 774 -32.06 -11.17 -16.13
N ARG B 775 -32.09 -10.63 -17.36
CA ARG B 775 -31.33 -11.24 -18.50
C ARG B 775 -29.84 -11.18 -18.13
N ASN B 776 -29.44 -10.12 -17.44
CA ASN B 776 -28.03 -9.84 -17.04
C ASN B 776 -27.59 -10.84 -15.96
N TRP B 777 -28.52 -11.23 -15.07
CA TRP B 777 -28.28 -12.18 -13.97
C TRP B 777 -28.21 -13.61 -14.53
N GLU B 778 -28.96 -13.92 -15.60
CA GLU B 778 -28.88 -15.27 -16.23
C GLU B 778 -27.53 -15.38 -16.93
N GLU B 779 -27.10 -14.35 -17.67
CA GLU B 779 -25.85 -14.39 -18.48
C GLU B 779 -24.60 -14.31 -17.58
N THR B 780 -24.60 -13.56 -16.47
CA THR B 780 -23.38 -13.20 -15.67
C THR B 780 -23.41 -13.70 -14.20
N GLY B 781 -24.57 -14.06 -13.63
CA GLY B 781 -24.70 -14.36 -12.20
C GLY B 781 -24.71 -13.12 -11.32
N PHE B 782 -24.66 -11.92 -11.90
CA PHE B 782 -24.50 -10.64 -11.13
C PHE B 782 -25.73 -9.73 -11.20
N ALA B 783 -25.99 -9.07 -10.07
CA ALA B 783 -26.69 -7.77 -10.02
C ALA B 783 -25.66 -6.69 -10.33
N TRP B 784 -25.96 -5.74 -11.20
CA TRP B 784 -24.98 -4.67 -11.51
C TRP B 784 -25.44 -3.36 -10.89
N GLU B 785 -24.46 -2.51 -10.62
CA GLU B 785 -24.61 -1.09 -10.20
C GLU B 785 -25.46 -0.31 -11.19
N GLN B 786 -25.27 -0.48 -12.50
CA GLN B 786 -26.08 0.25 -13.51
C GLN B 786 -26.14 -0.56 -14.80
N TYR B 787 -27.01 -0.15 -15.72
CA TYR B 787 -27.24 -0.87 -16.98
C TYR B 787 -27.10 0.12 -18.14
N ASN B 788 -26.41 -0.37 -19.18
CA ASN B 788 -26.20 0.35 -20.46
C ASN B 788 -27.55 0.61 -21.12
N PRO B 789 -27.83 1.89 -21.48
CA PRO B 789 -29.09 2.26 -22.13
C PRO B 789 -29.25 1.85 -23.61
N GLU B 790 -28.12 1.73 -24.33
CA GLU B 790 -28.06 1.31 -25.77
C GLU B 790 -28.14 -0.22 -25.88
N THR B 791 -27.44 -0.98 -25.02
CA THR B 791 -27.32 -2.46 -25.14
C THR B 791 -28.11 -3.21 -24.06
N GLY B 792 -28.22 -2.63 -22.85
CA GLY B 792 -28.79 -3.30 -21.66
C GLY B 792 -27.77 -4.07 -20.82
N LYS B 793 -26.49 -4.13 -21.19
CA LYS B 793 -25.45 -4.92 -20.45
C LYS B 793 -25.29 -4.27 -19.06
N GLY B 794 -25.18 -5.08 -18.01
CA GLY B 794 -24.64 -4.68 -16.70
C GLY B 794 -23.28 -4.06 -16.85
N GLN B 795 -23.01 -2.94 -16.15
CA GLN B 795 -21.72 -2.21 -16.20
C GLN B 795 -21.49 -1.44 -14.87
N ARG B 796 -20.32 -0.81 -14.73
CA ARG B 796 -19.73 -0.50 -13.41
C ARG B 796 -19.69 -1.79 -12.55
N THR B 797 -19.74 -1.69 -11.23
CA THR B 797 -19.34 -2.78 -10.33
C THR B 797 -20.42 -3.85 -10.32
N GLN B 798 -19.96 -5.09 -10.12
CA GLN B 798 -20.76 -6.31 -9.93
C GLN B 798 -21.13 -6.40 -8.46
N HIS B 799 -21.95 -7.40 -8.14
CA HIS B 799 -22.41 -7.76 -6.77
C HIS B 799 -23.10 -6.57 -6.10
N PHE B 800 -23.84 -5.75 -6.84
CA PHE B 800 -24.44 -4.50 -6.30
C PHE B 800 -25.84 -4.83 -5.74
N THR B 801 -25.87 -5.46 -4.58
CA THR B 801 -27.11 -5.77 -3.86
C THR B 801 -27.02 -5.20 -2.46
N GLY B 802 -27.10 -3.87 -2.34
CA GLY B 802 -27.25 -2.94 -3.44
C GLY B 802 -28.72 -2.71 -3.78
N TRP B 803 -29.04 -1.48 -4.21
CA TRP B 803 -30.44 -1.12 -4.49
C TRP B 803 -30.94 -1.78 -5.79
N THR B 804 -30.07 -2.40 -6.58
CA THR B 804 -30.53 -3.19 -7.76
C THR B 804 -31.48 -4.31 -7.31
N SER B 805 -31.39 -4.77 -6.07
CA SER B 805 -32.28 -5.81 -5.52
C SER B 805 -33.69 -5.26 -5.29
N LEU B 806 -33.95 -3.97 -5.52
CA LEU B 806 -35.32 -3.43 -5.49
C LEU B 806 -36.18 -4.21 -6.49
N VAL B 807 -35.57 -4.72 -7.55
CA VAL B 807 -36.27 -5.55 -8.58
C VAL B 807 -37.21 -6.56 -7.92
N VAL B 808 -36.89 -7.10 -6.75
CA VAL B 808 -37.75 -8.13 -6.10
C VAL B 808 -39.11 -7.50 -5.76
N LYS B 809 -39.14 -6.27 -5.25
CA LYS B 809 -40.41 -5.60 -4.89
C LYS B 809 -41.09 -5.22 -6.20
N ILE B 810 -40.33 -4.87 -7.23
CA ILE B 810 -40.91 -4.43 -8.54
C ILE B 810 -41.73 -5.59 -9.11
N MET B 811 -41.28 -6.82 -8.85
CA MET B 811 -41.90 -8.05 -9.39
C MET B 811 -43.17 -8.34 -8.58
N SER B 812 -43.21 -7.92 -7.31
CA SER B 812 -44.25 -8.31 -6.33
C SER B 812 -45.49 -7.38 -6.37
N GLY B 813 -45.37 -6.16 -6.89
CA GLY B 813 -46.50 -5.19 -7.04
C GLY B 813 -46.70 -4.32 -5.80
N HIS B 814 -47.47 -3.22 -5.87
CA HIS B 814 -47.54 -2.21 -4.77
C HIS B 814 -48.97 -2.08 -4.25
#